data_5NIR
# 
_entry.id   5NIR 
# 
_audit_conform.dict_name       mmcif_pdbx.dic 
_audit_conform.dict_version    5.398 
_audit_conform.dict_location   http://mmcif.pdb.org/dictionaries/ascii/mmcif_pdbx.dic 
# 
loop_
_database_2.database_id 
_database_2.database_code 
_database_2.pdbx_database_accession 
_database_2.pdbx_DOI 
PDB   5NIR         pdb_00005nir 10.2210/pdb5nir/pdb 
WWPDB D_1200004184 ?            ?                   
# 
loop_
_pdbx_audit_revision_history.ordinal 
_pdbx_audit_revision_history.data_content_type 
_pdbx_audit_revision_history.major_revision 
_pdbx_audit_revision_history.minor_revision 
_pdbx_audit_revision_history.revision_date 
1 'Structure model' 1 0 2017-06-14 
2 'Structure model' 1 1 2017-08-09 
3 'Structure model' 1 2 2024-11-06 
# 
_pdbx_audit_revision_details.ordinal             1 
_pdbx_audit_revision_details.revision_ordinal    1 
_pdbx_audit_revision_details.data_content_type   'Structure model' 
_pdbx_audit_revision_details.provider            repository 
_pdbx_audit_revision_details.type                'Initial release' 
_pdbx_audit_revision_details.description         ? 
_pdbx_audit_revision_details.details             ? 
# 
loop_
_pdbx_audit_revision_group.ordinal 
_pdbx_audit_revision_group.revision_ordinal 
_pdbx_audit_revision_group.data_content_type 
_pdbx_audit_revision_group.group 
1 2 'Structure model' 'Database references'    
2 3 'Structure model' 'Data collection'        
3 3 'Structure model' 'Database references'    
4 3 'Structure model' 'Refinement description' 
5 3 'Structure model' 'Structure summary'      
# 
loop_
_pdbx_audit_revision_category.ordinal 
_pdbx_audit_revision_category.revision_ordinal 
_pdbx_audit_revision_category.data_content_type 
_pdbx_audit_revision_category.category 
1 2 'Structure model' citation                  
2 3 'Structure model' chem_comp                 
3 3 'Structure model' chem_comp_atom            
4 3 'Structure model' chem_comp_bond            
5 3 'Structure model' database_2                
6 3 'Structure model' pdbx_entry_details        
7 3 'Structure model' pdbx_modification_feature 
8 3 'Structure model' software                  
# 
loop_
_pdbx_audit_revision_item.ordinal 
_pdbx_audit_revision_item.revision_ordinal 
_pdbx_audit_revision_item.data_content_type 
_pdbx_audit_revision_item.item 
1 2 'Structure model' '_citation.journal_volume'            
2 2 'Structure model' '_citation.page_first'                
3 2 'Structure model' '_citation.page_last'                 
4 3 'Structure model' '_chem_comp.pdbx_synonyms'            
5 3 'Structure model' '_database_2.pdbx_DOI'                
6 3 'Structure model' '_database_2.pdbx_database_accession' 
7 3 'Structure model' '_software.name'                      
# 
_pdbx_database_status.status_code                     REL 
_pdbx_database_status.status_code_sf                  REL 
_pdbx_database_status.status_code_mr                  ? 
_pdbx_database_status.entry_id                        5NIR 
_pdbx_database_status.recvd_initial_deposition_date   2017-03-27 
_pdbx_database_status.SG_entry                        N 
_pdbx_database_status.deposit_site                    PDBE 
_pdbx_database_status.process_site                    PDBE 
_pdbx_database_status.status_code_cs                  ? 
_pdbx_database_status.methods_development_category    ? 
_pdbx_database_status.pdb_format_compatible           Y 
_pdbx_database_status.status_code_nmr_data            ? 
# 
loop_
_audit_author.name 
_audit_author.pdbx_ordinal 
_audit_author.identifier_ORCID 
'Fischer, G.' 1 0000-0001-9861-1528 
'Blythe, E.'  2 ?                   
'Hyvonen, M.' 3 0000-0001-8683-4070 
# 
_citation.abstract                  ? 
_citation.abstract_id_CAS           ? 
_citation.book_id_ISBN              ? 
_citation.book_publisher            ? 
_citation.book_publisher_city       ? 
_citation.book_title                ? 
_citation.coordinate_linkage        ? 
_citation.country                   US 
_citation.database_id_Medline       ? 
_citation.details                   ? 
_citation.id                        primary 
_citation.journal_abbrev            'J. Biol. Chem.' 
_citation.journal_id_ASTM           JBCHA3 
_citation.journal_id_CSD            0071 
_citation.journal_id_ISSN           1083-351X 
_citation.journal_full              ? 
_citation.journal_issue             ? 
_citation.journal_volume            292 
_citation.language                  ? 
_citation.page_first                12516 
_citation.page_last                 12527 
_citation.title                     
;Structural analyses of von Willebrand factor C domains of collagen 2A and CCN3 reveal an alternative mode of binding to bone morphogenetic protein-2.
;
_citation.year                      2017 
_citation.database_id_CSD           ? 
_citation.pdbx_database_id_DOI      10.1074/jbc.M117.788992 
_citation.pdbx_database_id_PubMed   28584056 
_citation.unpublished_flag          ? 
# 
loop_
_citation_author.citation_id 
_citation_author.name 
_citation_author.ordinal 
_citation_author.identifier_ORCID 
primary 'Xu, E.R.'     1 ? 
primary 'Blythe, E.E.' 2 ? 
primary 'Fischer, G.'  3 ? 
primary 'Hyvonen, M.'  4 ? 
# 
loop_
_entity.id 
_entity.type 
_entity.src_method 
_entity.pdbx_description 
_entity.formula_weight 
_entity.pdbx_number_of_molecules 
_entity.pdbx_ec 
_entity.pdbx_mutation 
_entity.pdbx_fragment 
_entity.details 
1 polymer     man 'Collagen alpha-1(II) chain'            7921.925 2  ? ? ? ? 
2 non-polymer syn 1,2-ETHANEDIOL                          62.068   8  ? ? ? ? 
3 non-polymer syn 'DI(HYDROXYETHYL)ETHER'                 106.120  7  ? ? ? ? 
4 non-polymer syn 'TETRAETHYLENE GLYCOL'                  194.226  6  ? ? ? ? 
5 non-polymer syn 3,6,9,12,15,18-HEXAOXAICOSANE-1,20-DIOL 326.383  1  ? ? ? ? 
6 water       nat water                                   18.015   16 ? ? ? ? 
# 
_entity_name_com.entity_id   1 
_entity_name_com.name        'Alpha-1 type II collagen' 
# 
_entity_poly.entity_id                      1 
_entity_poly.type                           'polypeptide(L)' 
_entity_poly.nstd_linkage                   no 
_entity_poly.nstd_monomer                   no 
_entity_poly.pdbx_seq_one_letter_code       GSMAQEAGSCVQDGQRYNDKDVWKPEPCRICVCDTGTVLCDDIICEDVKDCLSPEIPFGECCPICPTDLATASG 
_entity_poly.pdbx_seq_one_letter_code_can   GSMAQEAGSCVQDGQRYNDKDVWKPEPCRICVCDTGTVLCDDIICEDVKDCLSPEIPFGECCPICPTDLATASG 
_entity_poly.pdbx_strand_id                 A,B 
_entity_poly.pdbx_target_identifier         ? 
# 
loop_
_pdbx_entity_nonpoly.entity_id 
_pdbx_entity_nonpoly.name 
_pdbx_entity_nonpoly.comp_id 
2 1,2-ETHANEDIOL                          EDO 
3 'DI(HYDROXYETHYL)ETHER'                 PEG 
4 'TETRAETHYLENE GLYCOL'                  PG4 
5 3,6,9,12,15,18-HEXAOXAICOSANE-1,20-DIOL P33 
6 water                                   HOH 
# 
loop_
_entity_poly_seq.entity_id 
_entity_poly_seq.num 
_entity_poly_seq.mon_id 
_entity_poly_seq.hetero 
1 1  GLY n 
1 2  SER n 
1 3  MET n 
1 4  ALA n 
1 5  GLN n 
1 6  GLU n 
1 7  ALA n 
1 8  GLY n 
1 9  SER n 
1 10 CYS n 
1 11 VAL n 
1 12 GLN n 
1 13 ASP n 
1 14 GLY n 
1 15 GLN n 
1 16 ARG n 
1 17 TYR n 
1 18 ASN n 
1 19 ASP n 
1 20 LYS n 
1 21 ASP n 
1 22 VAL n 
1 23 TRP n 
1 24 LYS n 
1 25 PRO n 
1 26 GLU n 
1 27 PRO n 
1 28 CYS n 
1 29 ARG n 
1 30 ILE n 
1 31 CYS n 
1 32 VAL n 
1 33 CYS n 
1 34 ASP n 
1 35 THR n 
1 36 GLY n 
1 37 THR n 
1 38 VAL n 
1 39 LEU n 
1 40 CYS n 
1 41 ASP n 
1 42 ASP n 
1 43 ILE n 
1 44 ILE n 
1 45 CYS n 
1 46 GLU n 
1 47 ASP n 
1 48 VAL n 
1 49 LYS n 
1 50 ASP n 
1 51 CYS n 
1 52 LEU n 
1 53 SER n 
1 54 PRO n 
1 55 GLU n 
1 56 ILE n 
1 57 PRO n 
1 58 PHE n 
1 59 GLY n 
1 60 GLU n 
1 61 CYS n 
1 62 CYS n 
1 63 PRO n 
1 64 ILE n 
1 65 CYS n 
1 66 PRO n 
1 67 THR n 
1 68 ASP n 
1 69 LEU n 
1 70 ALA n 
1 71 THR n 
1 72 ALA n 
1 73 SER n 
1 74 GLY n 
# 
_entity_src_gen.entity_id                          1 
_entity_src_gen.pdbx_src_id                        1 
_entity_src_gen.pdbx_alt_source_flag               sample 
_entity_src_gen.pdbx_seq_type                      'Biological sequence' 
_entity_src_gen.pdbx_beg_seq_num                   1 
_entity_src_gen.pdbx_end_seq_num                   74 
_entity_src_gen.gene_src_common_name               Human 
_entity_src_gen.gene_src_genus                     ? 
_entity_src_gen.pdbx_gene_src_gene                 COL2A1 
_entity_src_gen.gene_src_species                   ? 
_entity_src_gen.gene_src_strain                    ? 
_entity_src_gen.gene_src_tissue                    ? 
_entity_src_gen.gene_src_tissue_fraction           ? 
_entity_src_gen.gene_src_details                   ? 
_entity_src_gen.pdbx_gene_src_fragment             ? 
_entity_src_gen.pdbx_gene_src_scientific_name      'Homo sapiens' 
_entity_src_gen.pdbx_gene_src_ncbi_taxonomy_id     9606 
_entity_src_gen.pdbx_gene_src_variant              ? 
_entity_src_gen.pdbx_gene_src_cell_line            ? 
_entity_src_gen.pdbx_gene_src_atcc                 ? 
_entity_src_gen.pdbx_gene_src_organ                ? 
_entity_src_gen.pdbx_gene_src_organelle            ? 
_entity_src_gen.pdbx_gene_src_cell                 ? 
_entity_src_gen.pdbx_gene_src_cellular_location    ? 
_entity_src_gen.host_org_common_name               ? 
_entity_src_gen.pdbx_host_org_scientific_name      'Escherichia coli BL21(DE3)' 
_entity_src_gen.pdbx_host_org_ncbi_taxonomy_id     469008 
_entity_src_gen.host_org_genus                     ? 
_entity_src_gen.pdbx_host_org_gene                 ? 
_entity_src_gen.pdbx_host_org_organ                ? 
_entity_src_gen.host_org_species                   ? 
_entity_src_gen.pdbx_host_org_tissue               ? 
_entity_src_gen.pdbx_host_org_tissue_fraction      ? 
_entity_src_gen.pdbx_host_org_strain               ? 
_entity_src_gen.pdbx_host_org_variant              ? 
_entity_src_gen.pdbx_host_org_cell_line            ? 
_entity_src_gen.pdbx_host_org_atcc                 ? 
_entity_src_gen.pdbx_host_org_culture_collection   ? 
_entity_src_gen.pdbx_host_org_cell                 ? 
_entity_src_gen.pdbx_host_org_organelle            ? 
_entity_src_gen.pdbx_host_org_cellular_location    ? 
_entity_src_gen.pdbx_host_org_vector_type          ? 
_entity_src_gen.pdbx_host_org_vector               ? 
_entity_src_gen.host_org_details                   ? 
_entity_src_gen.expression_system_id               ? 
_entity_src_gen.plasmid_name                       pHAT3 
_entity_src_gen.plasmid_details                    ? 
_entity_src_gen.pdbx_description                   ? 
# 
loop_
_chem_comp.id 
_chem_comp.type 
_chem_comp.mon_nstd_flag 
_chem_comp.name 
_chem_comp.pdbx_synonyms 
_chem_comp.formula 
_chem_comp.formula_weight 
ALA 'L-peptide linking' y ALANINE                                 ?                              'C3 H7 N O2'     89.093  
ARG 'L-peptide linking' y ARGININE                                ?                              'C6 H15 N4 O2 1' 175.209 
ASN 'L-peptide linking' y ASPARAGINE                              ?                              'C4 H8 N2 O3'    132.118 
ASP 'L-peptide linking' y 'ASPARTIC ACID'                         ?                              'C4 H7 N O4'     133.103 
CYS 'L-peptide linking' y CYSTEINE                                ?                              'C3 H7 N O2 S'   121.158 
EDO non-polymer         . 1,2-ETHANEDIOL                          'ETHYLENE GLYCOL'              'C2 H6 O2'       62.068  
GLN 'L-peptide linking' y GLUTAMINE                               ?                              'C5 H10 N2 O3'   146.144 
GLU 'L-peptide linking' y 'GLUTAMIC ACID'                         ?                              'C5 H9 N O4'     147.129 
GLY 'peptide linking'   y GLYCINE                                 ?                              'C2 H5 N O2'     75.067  
HOH non-polymer         . WATER                                   ?                              'H2 O'           18.015  
ILE 'L-peptide linking' y ISOLEUCINE                              ?                              'C6 H13 N O2'    131.173 
LEU 'L-peptide linking' y LEUCINE                                 ?                              'C6 H13 N O2'    131.173 
LYS 'L-peptide linking' y LYSINE                                  ?                              'C6 H15 N2 O2 1' 147.195 
MET 'L-peptide linking' y METHIONINE                              ?                              'C5 H11 N O2 S'  149.211 
P33 non-polymer         . 3,6,9,12,15,18-HEXAOXAICOSANE-1,20-DIOL 'HEPTAETHYLENE GLYCOL; PEG330' 'C14 H30 O8'     326.383 
PEG non-polymer         . 'DI(HYDROXYETHYL)ETHER'                 ?                              'C4 H10 O3'      106.120 
PG4 non-polymer         . 'TETRAETHYLENE GLYCOL'                  ?                              'C8 H18 O5'      194.226 
PHE 'L-peptide linking' y PHENYLALANINE                           ?                              'C9 H11 N O2'    165.189 
PRO 'L-peptide linking' y PROLINE                                 ?                              'C5 H9 N O2'     115.130 
SER 'L-peptide linking' y SERINE                                  ?                              'C3 H7 N O3'     105.093 
THR 'L-peptide linking' y THREONINE                               ?                              'C4 H9 N O3'     119.119 
TRP 'L-peptide linking' y TRYPTOPHAN                              ?                              'C11 H12 N2 O2'  204.225 
TYR 'L-peptide linking' y TYROSINE                                ?                              'C9 H11 N O3'    181.189 
VAL 'L-peptide linking' y VALINE                                  ?                              'C5 H11 N O2'    117.146 
# 
loop_
_pdbx_poly_seq_scheme.asym_id 
_pdbx_poly_seq_scheme.entity_id 
_pdbx_poly_seq_scheme.seq_id 
_pdbx_poly_seq_scheme.mon_id 
_pdbx_poly_seq_scheme.ndb_seq_num 
_pdbx_poly_seq_scheme.pdb_seq_num 
_pdbx_poly_seq_scheme.auth_seq_num 
_pdbx_poly_seq_scheme.pdb_mon_id 
_pdbx_poly_seq_scheme.auth_mon_id 
_pdbx_poly_seq_scheme.pdb_strand_id 
_pdbx_poly_seq_scheme.pdb_ins_code 
_pdbx_poly_seq_scheme.hetero 
A 1 1  GLY 1  25 ?  ?   ?   A . n 
A 1 2  SER 2  26 ?  ?   ?   A . n 
A 1 3  MET 3  27 ?  ?   ?   A . n 
A 1 4  ALA 4  28 ?  ?   ?   A . n 
A 1 5  GLN 5  29 ?  ?   ?   A . n 
A 1 6  GLU 6  30 30 GLU GLU A . n 
A 1 7  ALA 7  31 31 ALA ALA A . n 
A 1 8  GLY 8  32 32 GLY GLY A . n 
A 1 9  SER 9  33 33 SER SER A . n 
A 1 10 CYS 10 34 34 CYS CYS A . n 
A 1 11 VAL 11 35 35 VAL VAL A . n 
A 1 12 GLN 12 36 36 GLN GLN A . n 
A 1 13 ASP 13 37 37 ASP ASP A . n 
A 1 14 GLY 14 38 38 GLY GLY A . n 
A 1 15 GLN 15 39 39 GLN GLN A . n 
A 1 16 ARG 16 40 40 ARG ARG A . n 
A 1 17 TYR 17 41 41 TYR TYR A . n 
A 1 18 ASN 18 42 42 ASN ASN A . n 
A 1 19 ASP 19 43 43 ASP ASP A . n 
A 1 20 LYS 20 44 44 LYS LYS A . n 
A 1 21 ASP 21 45 45 ASP ASP A . n 
A 1 22 VAL 22 46 46 VAL VAL A . n 
A 1 23 TRP 23 47 47 TRP TRP A . n 
A 1 24 LYS 24 48 48 LYS LYS A . n 
A 1 25 PRO 25 49 49 PRO PRO A . n 
A 1 26 GLU 26 50 50 GLU GLU A . n 
A 1 27 PRO 27 51 51 PRO PRO A . n 
A 1 28 CYS 28 52 52 CYS CYS A . n 
A 1 29 ARG 29 53 53 ARG ARG A . n 
A 1 30 ILE 30 54 54 ILE ILE A . n 
A 1 31 CYS 31 55 55 CYS CYS A . n 
A 1 32 VAL 32 56 56 VAL VAL A . n 
A 1 33 CYS 33 57 57 CYS CYS A . n 
A 1 34 ASP 34 58 58 ASP ASP A . n 
A 1 35 THR 35 59 59 THR THR A . n 
A 1 36 GLY 36 60 60 GLY GLY A . n 
A 1 37 THR 37 61 61 THR THR A . n 
A 1 38 VAL 38 62 62 VAL VAL A . n 
A 1 39 LEU 39 63 63 LEU LEU A . n 
A 1 40 CYS 40 64 64 CYS CYS A . n 
A 1 41 ASP 41 65 65 ASP ASP A . n 
A 1 42 ASP 42 66 66 ASP ASP A . n 
A 1 43 ILE 43 67 67 ILE ILE A . n 
A 1 44 ILE 44 68 68 ILE ILE A . n 
A 1 45 CYS 45 69 69 CYS CYS A . n 
A 1 46 GLU 46 70 70 GLU GLU A . n 
A 1 47 ASP 47 71 71 ASP ASP A . n 
A 1 48 VAL 48 72 72 VAL VAL A . n 
A 1 49 LYS 49 73 73 LYS LYS A . n 
A 1 50 ASP 50 74 74 ASP ASP A . n 
A 1 51 CYS 51 75 75 CYS CYS A . n 
A 1 52 LEU 52 76 76 LEU LEU A . n 
A 1 53 SER 53 77 77 SER SER A . n 
A 1 54 PRO 54 78 78 PRO PRO A . n 
A 1 55 GLU 55 79 79 GLU GLU A . n 
A 1 56 ILE 56 80 80 ILE ILE A . n 
A 1 57 PRO 57 81 81 PRO PRO A . n 
A 1 58 PHE 58 82 82 PHE PHE A . n 
A 1 59 GLY 59 83 83 GLY GLY A . n 
A 1 60 GLU 60 84 84 GLU GLU A . n 
A 1 61 CYS 61 85 85 CYS CYS A . n 
A 1 62 CYS 62 86 86 CYS CYS A . n 
A 1 63 PRO 63 87 87 PRO PRO A . n 
A 1 64 ILE 64 88 88 ILE ILE A . n 
A 1 65 CYS 65 89 89 CYS CYS A . n 
A 1 66 PRO 66 90 90 PRO PRO A . n 
A 1 67 THR 67 91 91 THR THR A . n 
A 1 68 ASP 68 92 92 ASP ASP A . n 
A 1 69 LEU 69 93 93 LEU LEU A . n 
A 1 70 ALA 70 94 94 ALA ALA A . n 
A 1 71 THR 71 95 95 THR THR A . n 
A 1 72 ALA 72 96 96 ALA ALA A . n 
A 1 73 SER 73 97 97 SER SER A . n 
A 1 74 GLY 74 98 98 GLY GLY A . n 
B 1 1  GLY 1  25 ?  ?   ?   B . n 
B 1 2  SER 2  26 ?  ?   ?   B . n 
B 1 3  MET 3  27 ?  ?   ?   B . n 
B 1 4  ALA 4  28 ?  ?   ?   B . n 
B 1 5  GLN 5  29 ?  ?   ?   B . n 
B 1 6  GLU 6  30 30 GLU GLU B . n 
B 1 7  ALA 7  31 31 ALA ALA B . n 
B 1 8  GLY 8  32 32 GLY GLY B . n 
B 1 9  SER 9  33 33 SER SER B . n 
B 1 10 CYS 10 34 34 CYS CYS B . n 
B 1 11 VAL 11 35 35 VAL VAL B . n 
B 1 12 GLN 12 36 36 GLN GLN B . n 
B 1 13 ASP 13 37 37 ASP ASP B . n 
B 1 14 GLY 14 38 38 GLY GLY B . n 
B 1 15 GLN 15 39 39 GLN GLN B . n 
B 1 16 ARG 16 40 40 ARG ARG B . n 
B 1 17 TYR 17 41 41 TYR TYR B . n 
B 1 18 ASN 18 42 42 ASN ASN B . n 
B 1 19 ASP 19 43 43 ASP ASP B . n 
B 1 20 LYS 20 44 44 LYS LYS B . n 
B 1 21 ASP 21 45 45 ASP ASP B . n 
B 1 22 VAL 22 46 46 VAL VAL B . n 
B 1 23 TRP 23 47 47 TRP TRP B . n 
B 1 24 LYS 24 48 48 LYS LYS B . n 
B 1 25 PRO 25 49 49 PRO PRO B . n 
B 1 26 GLU 26 50 50 GLU GLU B . n 
B 1 27 PRO 27 51 51 PRO PRO B . n 
B 1 28 CYS 28 52 52 CYS CYS B . n 
B 1 29 ARG 29 53 53 ARG ARG B . n 
B 1 30 ILE 30 54 54 ILE ILE B . n 
B 1 31 CYS 31 55 55 CYS CYS B . n 
B 1 32 VAL 32 56 56 VAL VAL B . n 
B 1 33 CYS 33 57 57 CYS CYS B . n 
B 1 34 ASP 34 58 58 ASP ASP B . n 
B 1 35 THR 35 59 59 THR THR B . n 
B 1 36 GLY 36 60 60 GLY GLY B . n 
B 1 37 THR 37 61 61 THR THR B . n 
B 1 38 VAL 38 62 62 VAL VAL B . n 
B 1 39 LEU 39 63 63 LEU LEU B . n 
B 1 40 CYS 40 64 64 CYS CYS B . n 
B 1 41 ASP 41 65 65 ASP ASP B . n 
B 1 42 ASP 42 66 66 ASP ASP B . n 
B 1 43 ILE 43 67 67 ILE ILE B . n 
B 1 44 ILE 44 68 68 ILE ILE B . n 
B 1 45 CYS 45 69 69 CYS CYS B . n 
B 1 46 GLU 46 70 70 GLU GLU B . n 
B 1 47 ASP 47 71 71 ASP ASP B . n 
B 1 48 VAL 48 72 72 VAL VAL B . n 
B 1 49 LYS 49 73 73 LYS LYS B . n 
B 1 50 ASP 50 74 74 ASP ASP B . n 
B 1 51 CYS 51 75 75 CYS CYS B . n 
B 1 52 LEU 52 76 76 LEU LEU B . n 
B 1 53 SER 53 77 77 SER SER B . n 
B 1 54 PRO 54 78 78 PRO PRO B . n 
B 1 55 GLU 55 79 79 GLU GLU B . n 
B 1 56 ILE 56 80 80 ILE ILE B . n 
B 1 57 PRO 57 81 81 PRO PRO B . n 
B 1 58 PHE 58 82 82 PHE PHE B . n 
B 1 59 GLY 59 83 83 GLY GLY B . n 
B 1 60 GLU 60 84 84 GLU GLU B . n 
B 1 61 CYS 61 85 85 CYS CYS B . n 
B 1 62 CYS 62 86 86 CYS CYS B . n 
B 1 63 PRO 63 87 87 PRO PRO B . n 
B 1 64 ILE 64 88 88 ILE ILE B . n 
B 1 65 CYS 65 89 89 CYS CYS B . n 
B 1 66 PRO 66 90 90 PRO PRO B . n 
B 1 67 THR 67 91 91 THR THR B . n 
B 1 68 ASP 68 92 92 ASP ASP B . n 
B 1 69 LEU 69 93 93 LEU LEU B . n 
B 1 70 ALA 70 94 94 ALA ALA B . n 
B 1 71 THR 71 95 95 THR THR B . n 
B 1 72 ALA 72 96 ?  ?   ?   B . n 
B 1 73 SER 73 97 ?  ?   ?   B . n 
B 1 74 GLY 74 98 ?  ?   ?   B . n 
# 
loop_
_pdbx_nonpoly_scheme.asym_id 
_pdbx_nonpoly_scheme.entity_id 
_pdbx_nonpoly_scheme.mon_id 
_pdbx_nonpoly_scheme.ndb_seq_num 
_pdbx_nonpoly_scheme.pdb_seq_num 
_pdbx_nonpoly_scheme.auth_seq_num 
_pdbx_nonpoly_scheme.pdb_mon_id 
_pdbx_nonpoly_scheme.auth_mon_id 
_pdbx_nonpoly_scheme.pdb_strand_id 
_pdbx_nonpoly_scheme.pdb_ins_code 
C 2 EDO 1 101 11 EDO EDO A . 
D 2 EDO 1 102 12 EDO EDO A . 
E 2 EDO 1 103 13 EDO EDO A . 
F 2 EDO 1 104 14 EDO EDO A . 
G 2 EDO 1 105 15 EDO EDO A . 
H 2 EDO 1 106 16 EDO EDO A . 
I 2 EDO 1 107 17 EDO EDO A . 
J 3 PEG 1 108 3  PEG PEG A . 
K 3 PEG 1 109 8  PEG PEG A . 
L 4 PG4 1 110 1  PG4 1PE A . 
M 4 PG4 1 111 2  PG4 PG4 A . 
N 4 PG4 1 112 3  PG4 PG4 A . 
O 5 P33 1 101 1  P33 2PE B . 
P 2 EDO 1 102 3  EDO EDO B . 
Q 3 PEG 1 103 2  PEG PEG B . 
R 3 PEG 1 104 5  PEG PEG B . 
S 3 PEG 1 105 9  PEG PEG B . 
T 3 PEG 1 106 10 PEG PEG B . 
U 3 PEG 1 107 11 PEG PEG B . 
V 4 PG4 1 108 4  PG4 PG4 B . 
W 4 PG4 1 109 5  PG4 PG4 B . 
X 4 PG4 1 110 6  PG4 PG4 B . 
Y 6 HOH 1 201 13 HOH HOH A . 
Y 6 HOH 2 202 8  HOH HOH A . 
Y 6 HOH 3 203 2  HOH HOH A . 
Y 6 HOH 4 204 21 HOH HOH A . 
Y 6 HOH 5 205 4  HOH HOH A . 
Y 6 HOH 6 206 3  HOH HOH A . 
Y 6 HOH 7 207 17 HOH HOH A . 
Z 6 HOH 1 201 25 HOH HOH B . 
Z 6 HOH 2 202 23 HOH HOH B . 
Z 6 HOH 3 203 10 HOH HOH B . 
Z 6 HOH 4 204 12 HOH HOH B . 
Z 6 HOH 5 205 5  HOH HOH B . 
Z 6 HOH 6 206 7  HOH HOH B . 
Z 6 HOH 7 207 24 HOH HOH B . 
Z 6 HOH 8 208 18 HOH HOH B . 
Z 6 HOH 9 209 15 HOH HOH B . 
# 
loop_
_pdbx_unobs_or_zero_occ_atoms.id 
_pdbx_unobs_or_zero_occ_atoms.PDB_model_num 
_pdbx_unobs_or_zero_occ_atoms.polymer_flag 
_pdbx_unobs_or_zero_occ_atoms.occupancy_flag 
_pdbx_unobs_or_zero_occ_atoms.auth_asym_id 
_pdbx_unobs_or_zero_occ_atoms.auth_comp_id 
_pdbx_unobs_or_zero_occ_atoms.auth_seq_id 
_pdbx_unobs_or_zero_occ_atoms.PDB_ins_code 
_pdbx_unobs_or_zero_occ_atoms.auth_atom_id 
_pdbx_unobs_or_zero_occ_atoms.label_alt_id 
_pdbx_unobs_or_zero_occ_atoms.label_asym_id 
_pdbx_unobs_or_zero_occ_atoms.label_comp_id 
_pdbx_unobs_or_zero_occ_atoms.label_seq_id 
_pdbx_unobs_or_zero_occ_atoms.label_atom_id 
1  1 Y 1 A GLU 30 ? CG  ? A GLU 6  CG  
2  1 Y 1 A GLU 30 ? CD  ? A GLU 6  CD  
3  1 Y 1 A GLU 30 ? OE1 ? A GLU 6  OE1 
4  1 Y 1 A GLU 30 ? OE2 ? A GLU 6  OE2 
5  1 Y 1 A ASP 37 ? CG  ? A ASP 13 CG  
6  1 Y 1 A ASP 37 ? OD1 ? A ASP 13 OD1 
7  1 Y 1 A ASP 37 ? OD2 ? A ASP 13 OD2 
8  1 Y 1 A LYS 73 ? CG  ? A LYS 49 CG  
9  1 Y 1 A LYS 73 ? CD  ? A LYS 49 CD  
10 1 Y 1 A LYS 73 ? CE  ? A LYS 49 CE  
11 1 Y 1 A LYS 73 ? NZ  ? A LYS 49 NZ  
12 1 Y 1 B GLU 30 ? CG  ? B GLU 6  CG  
13 1 Y 1 B GLU 30 ? CD  ? B GLU 6  CD  
14 1 Y 1 B GLU 30 ? OE1 ? B GLU 6  OE1 
15 1 Y 1 B GLU 30 ? OE2 ? B GLU 6  OE2 
# 
loop_
_software.citation_id 
_software.classification 
_software.compiler_name 
_software.compiler_version 
_software.contact_author 
_software.contact_author_email 
_software.date 
_software.description 
_software.dependencies 
_software.hardware 
_software.language 
_software.location 
_software.mods 
_software.name 
_software.os 
_software.os_version 
_software.type 
_software.version 
_software.pdbx_ordinal 
? 'data reduction' ? ? ? ? ? ? ? ? ? ? ? autoPROC  ? ? ? .                      1 
? 'data reduction' ? ? ? ? ? ? ? ? ? ? ? XDS       ? ? ? '(VERSION September 2' 2 
? 'data scaling'   ? ? ? ? ? ? ? ? ? ? ? Aimless   ? ? ? .                      3 
? refinement       ? ? ? ? ? ? ? ? ? ? ? BUSTER    ? ? ? 2.10.3                 4 
? phasing          ? ? ? ? ? ? ? ? ? ? ? autoSHARP ? ? ? .                      5 
? 'data scaling'   ? ? ? ? ? ? ? ? ? ? ? SCALA     ? ? ? .                      6 
# 
_cell.angle_alpha                  90.00 
_cell.angle_alpha_esd              ? 
_cell.angle_beta                   90.00 
_cell.angle_beta_esd               ? 
_cell.angle_gamma                  90.00 
_cell.angle_gamma_esd              ? 
_cell.entry_id                     5NIR 
_cell.details                      ? 
_cell.formula_units_Z              ? 
_cell.length_a                     31.930 
_cell.length_a_esd                 ? 
_cell.length_b                     60.160 
_cell.length_b_esd                 ? 
_cell.length_c                     86.420 
_cell.length_c_esd                 ? 
_cell.volume                       ? 
_cell.volume_esd                   ? 
_cell.Z_PDB                        8 
_cell.reciprocal_angle_alpha       ? 
_cell.reciprocal_angle_beta        ? 
_cell.reciprocal_angle_gamma       ? 
_cell.reciprocal_angle_alpha_esd   ? 
_cell.reciprocal_angle_beta_esd    ? 
_cell.reciprocal_angle_gamma_esd   ? 
_cell.reciprocal_length_a          ? 
_cell.reciprocal_length_b          ? 
_cell.reciprocal_length_c          ? 
_cell.reciprocal_length_a_esd      ? 
_cell.reciprocal_length_b_esd      ? 
_cell.reciprocal_length_c_esd      ? 
_cell.pdbx_unique_axis             ? 
# 
_symmetry.entry_id                         5NIR 
_symmetry.cell_setting                     ? 
_symmetry.Int_Tables_number                19 
_symmetry.space_group_name_Hall            ? 
_symmetry.space_group_name_H-M             'P 21 21 21' 
_symmetry.pdbx_full_space_group_name_H-M   ? 
# 
_exptl.absorpt_coefficient_mu     ? 
_exptl.absorpt_correction_T_max   ? 
_exptl.absorpt_correction_T_min   ? 
_exptl.absorpt_correction_type    ? 
_exptl.absorpt_process_details    ? 
_exptl.entry_id                   5NIR 
_exptl.crystals_number            1 
_exptl.details                    ? 
_exptl.method                     'X-RAY DIFFRACTION' 
_exptl.method_details             ? 
# 
_exptl_crystal.colour                      ? 
_exptl_crystal.density_diffrn              ? 
_exptl_crystal.density_Matthews            2.83 
_exptl_crystal.density_method              ? 
_exptl_crystal.density_percent_sol         56.49 
_exptl_crystal.description                 ? 
_exptl_crystal.F_000                       ? 
_exptl_crystal.id                          1 
_exptl_crystal.preparation                 ? 
_exptl_crystal.size_max                    ? 
_exptl_crystal.size_mid                    ? 
_exptl_crystal.size_min                    ? 
_exptl_crystal.size_rad                    ? 
_exptl_crystal.colour_lustre               ? 
_exptl_crystal.colour_modifier             ? 
_exptl_crystal.colour_primary              ? 
_exptl_crystal.density_meas                ? 
_exptl_crystal.density_meas_esd            ? 
_exptl_crystal.density_meas_gt             ? 
_exptl_crystal.density_meas_lt             ? 
_exptl_crystal.density_meas_temp           ? 
_exptl_crystal.density_meas_temp_esd       ? 
_exptl_crystal.density_meas_temp_gt        ? 
_exptl_crystal.density_meas_temp_lt        ? 
_exptl_crystal.pdbx_crystal_image_url      ? 
_exptl_crystal.pdbx_crystal_image_format   ? 
_exptl_crystal.pdbx_mosaicity              ? 
_exptl_crystal.pdbx_mosaicity_esd          ? 
# 
_exptl_crystal_grow.apparatus       ? 
_exptl_crystal_grow.atmosphere      ? 
_exptl_crystal_grow.crystal_id      1 
_exptl_crystal_grow.details         ? 
_exptl_crystal_grow.method          'VAPOR DIFFUSION, HANGING DROP' 
_exptl_crystal_grow.method_ref      ? 
_exptl_crystal_grow.pH              ? 
_exptl_crystal_grow.pressure        ? 
_exptl_crystal_grow.pressure_esd    ? 
_exptl_crystal_grow.seeding         ? 
_exptl_crystal_grow.seeding_ref     ? 
_exptl_crystal_grow.temp            293 
_exptl_crystal_grow.temp_details    ? 
_exptl_crystal_grow.temp_esd        ? 
_exptl_crystal_grow.time            ? 
_exptl_crystal_grow.pdbx_details    '0.1 M HEPES, pH 7.5, 40% PEG 200' 
_exptl_crystal_grow.pdbx_pH_range   ? 
# 
_diffrn.ambient_environment    ? 
_diffrn.ambient_temp           100 
_diffrn.ambient_temp_details   ? 
_diffrn.ambient_temp_esd       ? 
_diffrn.crystal_id             1 
_diffrn.crystal_support        ? 
_diffrn.crystal_treatment      ? 
_diffrn.details                ? 
_diffrn.id                     1 
_diffrn.ambient_pressure       ? 
_diffrn.ambient_pressure_esd   ? 
_diffrn.ambient_pressure_gt    ? 
_diffrn.ambient_pressure_lt    ? 
_diffrn.ambient_temp_gt        ? 
_diffrn.ambient_temp_lt        ? 
# 
_diffrn_detector.details                      ? 
_diffrn_detector.detector                     PIXEL 
_diffrn_detector.diffrn_id                    1 
_diffrn_detector.type                         'DECTRIS PILATUS 6M' 
_diffrn_detector.area_resol_mean              ? 
_diffrn_detector.dtime                        ? 
_diffrn_detector.pdbx_frames_total            ? 
_diffrn_detector.pdbx_collection_time_total   ? 
_diffrn_detector.pdbx_collection_date         2013-01-30 
# 
_diffrn_radiation.collimation                      ? 
_diffrn_radiation.diffrn_id                        1 
_diffrn_radiation.filter_edge                      ? 
_diffrn_radiation.inhomogeneity                    ? 
_diffrn_radiation.monochromator                    ? 
_diffrn_radiation.polarisn_norm                    ? 
_diffrn_radiation.polarisn_ratio                   ? 
_diffrn_radiation.probe                            ? 
_diffrn_radiation.type                             ? 
_diffrn_radiation.xray_symbol                      ? 
_diffrn_radiation.wavelength_id                    1 
_diffrn_radiation.pdbx_monochromatic_or_laue_m_l   M 
_diffrn_radiation.pdbx_wavelength_list             ? 
_diffrn_radiation.pdbx_wavelength                  ? 
_diffrn_radiation.pdbx_diffrn_protocol             'SINGLE WAVELENGTH' 
_diffrn_radiation.pdbx_analyzer                    ? 
_diffrn_radiation.pdbx_scattering_type             x-ray 
# 
_diffrn_radiation_wavelength.id           1 
_diffrn_radiation_wavelength.wavelength   0.96861 
_diffrn_radiation_wavelength.wt           1.0 
# 
_diffrn_source.current                     ? 
_diffrn_source.details                     ? 
_diffrn_source.diffrn_id                   1 
_diffrn_source.power                       ? 
_diffrn_source.size                        ? 
_diffrn_source.source                      SYNCHROTRON 
_diffrn_source.target                      ? 
_diffrn_source.type                        'DIAMOND BEAMLINE I24' 
_diffrn_source.voltage                     ? 
_diffrn_source.take-off_angle              ? 
_diffrn_source.pdbx_wavelength_list        0.96861 
_diffrn_source.pdbx_wavelength             ? 
_diffrn_source.pdbx_synchrotron_beamline   I24 
_diffrn_source.pdbx_synchrotron_site       Diamond 
# 
_reflns.B_iso_Wilson_estimate            30.54 
_reflns.entry_id                         5NIR 
_reflns.data_reduction_details           ? 
_reflns.data_reduction_method            ? 
_reflns.d_resolution_high                1.74 
_reflns.d_resolution_low                 49.37 
_reflns.details                          ? 
_reflns.limit_h_max                      ? 
_reflns.limit_h_min                      ? 
_reflns.limit_k_max                      ? 
_reflns.limit_k_min                      ? 
_reflns.limit_l_max                      ? 
_reflns.limit_l_min                      ? 
_reflns.number_all                       ? 
_reflns.number_obs                       17667 
_reflns.observed_criterion               ? 
_reflns.observed_criterion_F_max         ? 
_reflns.observed_criterion_F_min         ? 
_reflns.observed_criterion_I_max         ? 
_reflns.observed_criterion_I_min         ? 
_reflns.observed_criterion_sigma_F       ? 
_reflns.observed_criterion_sigma_I       ? 
_reflns.percent_possible_obs             100.0 
_reflns.R_free_details                   ? 
_reflns.Rmerge_F_all                     ? 
_reflns.Rmerge_F_obs                     ? 
_reflns.Friedel_coverage                 ? 
_reflns.number_gt                        ? 
_reflns.threshold_expression             ? 
_reflns.pdbx_redundancy                  6.4 
_reflns.pdbx_Rmerge_I_obs                0.042 
_reflns.pdbx_Rmerge_I_all                ? 
_reflns.pdbx_Rsym_value                  0.042 
_reflns.pdbx_netI_over_av_sigmaI         ? 
_reflns.pdbx_netI_over_sigmaI            22.7 
_reflns.pdbx_res_netI_over_av_sigmaI_2   ? 
_reflns.pdbx_res_netI_over_sigmaI_2      ? 
_reflns.pdbx_chi_squared                 ? 
_reflns.pdbx_scaling_rejects             ? 
_reflns.pdbx_d_res_high_opt              ? 
_reflns.pdbx_d_res_low_opt               ? 
_reflns.pdbx_d_res_opt_method            ? 
_reflns.phase_calculation_details        ? 
_reflns.pdbx_Rrim_I_all                  ? 
_reflns.pdbx_Rpim_I_all                  ? 
_reflns.pdbx_d_opt                       ? 
_reflns.pdbx_number_measured_all         ? 
_reflns.pdbx_diffrn_id                   1 
_reflns.pdbx_ordinal                     1 
_reflns.pdbx_CC_half                     ? 
_reflns.pdbx_R_split                     ? 
# 
_reflns_shell.d_res_high                  1.744 
_reflns_shell.d_res_low                   1.750 
_reflns_shell.meanI_over_sigI_all         ? 
_reflns_shell.meanI_over_sigI_obs         2.2 
_reflns_shell.number_measured_all         ? 
_reflns_shell.number_measured_obs         ? 
_reflns_shell.number_possible             ? 
_reflns_shell.number_unique_all           ? 
_reflns_shell.number_unique_obs           ? 
_reflns_shell.percent_possible_all        100.0 
_reflns_shell.percent_possible_obs        ? 
_reflns_shell.Rmerge_F_all                ? 
_reflns_shell.Rmerge_F_obs                ? 
_reflns_shell.Rmerge_I_all                ? 
_reflns_shell.Rmerge_I_obs                0.709 
_reflns_shell.meanI_over_sigI_gt          ? 
_reflns_shell.meanI_over_uI_all           ? 
_reflns_shell.meanI_over_uI_gt            ? 
_reflns_shell.number_measured_gt          ? 
_reflns_shell.number_unique_gt            ? 
_reflns_shell.percent_possible_gt         ? 
_reflns_shell.Rmerge_F_gt                 ? 
_reflns_shell.Rmerge_I_gt                 ? 
_reflns_shell.pdbx_redundancy             5.9 
_reflns_shell.pdbx_Rsym_value             0.709 
_reflns_shell.pdbx_chi_squared            ? 
_reflns_shell.pdbx_netI_over_sigmaI_all   ? 
_reflns_shell.pdbx_netI_over_sigmaI_obs   ? 
_reflns_shell.pdbx_Rrim_I_all             ? 
_reflns_shell.pdbx_Rpim_I_all             ? 
_reflns_shell.pdbx_rejects                ? 
_reflns_shell.pdbx_ordinal                1 
_reflns_shell.pdbx_diffrn_id              1 
_reflns_shell.pdbx_CC_half                ? 
_reflns_shell.pdbx_R_split                ? 
# 
_refine.aniso_B[1][1]                            -5.54350 
_refine.aniso_B[1][2]                            0.00000 
_refine.aniso_B[1][3]                            0.00000 
_refine.aniso_B[2][2]                            2.61560 
_refine.aniso_B[2][3]                            0.00000 
_refine.aniso_B[3][3]                            2.92780 
_refine.B_iso_max                                ? 
_refine.B_iso_mean                               39.26 
_refine.B_iso_min                                ? 
_refine.correlation_coeff_Fo_to_Fc               0.947 
_refine.correlation_coeff_Fo_to_Fc_free          0.937 
_refine.details                                  ? 
_refine.diff_density_max                         ? 
_refine.diff_density_max_esd                     ? 
_refine.diff_density_min                         ? 
_refine.diff_density_min_esd                     ? 
_refine.diff_density_rms                         ? 
_refine.diff_density_rms_esd                     ? 
_refine.entry_id                                 5NIR 
_refine.pdbx_refine_id                           'X-RAY DIFFRACTION' 
_refine.ls_abs_structure_details                 ? 
_refine.ls_abs_structure_Flack                   ? 
_refine.ls_abs_structure_Flack_esd               ? 
_refine.ls_abs_structure_Rogers                  ? 
_refine.ls_abs_structure_Rogers_esd              ? 
_refine.ls_d_res_high                            1.74 
_refine.ls_d_res_low                             49.37 
_refine.ls_extinction_coef                       ? 
_refine.ls_extinction_coef_esd                   ? 
_refine.ls_extinction_expression                 ? 
_refine.ls_extinction_method                     ? 
_refine.ls_goodness_of_fit_all                   ? 
_refine.ls_goodness_of_fit_all_esd               ? 
_refine.ls_goodness_of_fit_obs                   ? 
_refine.ls_goodness_of_fit_obs_esd               ? 
_refine.ls_hydrogen_treatment                    ? 
_refine.ls_matrix_type                           ? 
_refine.ls_number_constraints                    ? 
_refine.ls_number_parameters                     ? 
_refine.ls_number_reflns_all                     ? 
_refine.ls_number_reflns_obs                     17616 
_refine.ls_number_reflns_R_free                  894 
_refine.ls_number_reflns_R_work                  ? 
_refine.ls_number_restraints                     ? 
_refine.ls_percent_reflns_obs                    99.2 
_refine.ls_percent_reflns_R_free                 5.070 
_refine.ls_R_factor_all                          ? 
_refine.ls_R_factor_obs                          0.210 
_refine.ls_R_factor_R_free                       0.231 
_refine.ls_R_factor_R_free_error                 ? 
_refine.ls_R_factor_R_free_error_details         ? 
_refine.ls_R_factor_R_work                       0.209 
_refine.ls_R_Fsqd_factor_obs                     ? 
_refine.ls_R_I_factor_obs                        ? 
_refine.ls_redundancy_reflns_all                 ? 
_refine.ls_redundancy_reflns_obs                 ? 
_refine.ls_restrained_S_all                      ? 
_refine.ls_restrained_S_obs                      ? 
_refine.ls_shift_over_esd_max                    ? 
_refine.ls_shift_over_esd_mean                   ? 
_refine.ls_structure_factor_coef                 ? 
_refine.ls_weighting_details                     ? 
_refine.ls_weighting_scheme                      ? 
_refine.ls_wR_factor_all                         ? 
_refine.ls_wR_factor_obs                         ? 
_refine.ls_wR_factor_R_free                      ? 
_refine.ls_wR_factor_R_work                      ? 
_refine.occupancy_max                            ? 
_refine.occupancy_min                            ? 
_refine.solvent_model_details                    ? 
_refine.solvent_model_param_bsol                 ? 
_refine.solvent_model_param_ksol                 ? 
_refine.ls_R_factor_gt                           ? 
_refine.ls_goodness_of_fit_gt                    ? 
_refine.ls_goodness_of_fit_ref                   ? 
_refine.ls_shift_over_su_max                     ? 
_refine.ls_shift_over_su_max_lt                  ? 
_refine.ls_shift_over_su_mean                    ? 
_refine.ls_shift_over_su_mean_lt                 ? 
_refine.pdbx_ls_sigma_I                          ? 
_refine.pdbx_ls_sigma_F                          0.000 
_refine.pdbx_ls_sigma_Fsqd                       ? 
_refine.pdbx_data_cutoff_high_absF               ? 
_refine.pdbx_data_cutoff_high_rms_absF           ? 
_refine.pdbx_data_cutoff_low_absF                ? 
_refine.pdbx_isotropic_thermal_model             ? 
_refine.pdbx_ls_cross_valid_method               THROUGHOUT 
_refine.pdbx_method_to_determine_struct          SAD 
_refine.pdbx_starting_model                      ? 
_refine.pdbx_stereochemistry_target_values       ? 
_refine.pdbx_R_Free_selection_details            RANDOM 
_refine.pdbx_stereochem_target_val_spec_case     ? 
_refine.pdbx_overall_ESU_R                       ? 
_refine.pdbx_overall_ESU_R_Free                  ? 
_refine.pdbx_solvent_vdw_probe_radii             ? 
_refine.pdbx_solvent_ion_probe_radii             ? 
_refine.pdbx_solvent_shrinkage_radii             ? 
_refine.pdbx_real_space_R                        ? 
_refine.pdbx_density_correlation                 ? 
_refine.pdbx_pd_number_of_powder_patterns        ? 
_refine.pdbx_pd_number_of_points                 ? 
_refine.pdbx_pd_meas_number_of_points            ? 
_refine.pdbx_pd_proc_ls_prof_R_factor            ? 
_refine.pdbx_pd_proc_ls_prof_wR_factor           ? 
_refine.pdbx_pd_Marquardt_correlation_coeff      ? 
_refine.pdbx_pd_Fsqrd_R_factor                   ? 
_refine.pdbx_pd_ls_matrix_band_width             ? 
_refine.pdbx_overall_phase_error                 ? 
_refine.pdbx_overall_SU_R_free_Cruickshank_DPI   0.106 
_refine.pdbx_overall_SU_R_free_Blow_DPI          0.107 
_refine.pdbx_overall_SU_R_Blow_DPI               0.115 
_refine.pdbx_TLS_residual_ADP_flag               ? 
_refine.pdbx_diffrn_id                           1 
_refine.overall_SU_B                             ? 
_refine.overall_SU_ML                            ? 
_refine.overall_SU_R_Cruickshank_DPI             0.113 
_refine.overall_SU_R_free                        ? 
_refine.overall_FOM_free_R_set                   ? 
_refine.overall_FOM_work_R_set                   ? 
_refine.pdbx_average_fsc_overall                 ? 
_refine.pdbx_average_fsc_work                    ? 
_refine.pdbx_average_fsc_free                    ? 
# 
_refine_analyze.entry_id                        5NIR 
_refine_analyze.pdbx_refine_id                  'X-RAY DIFFRACTION' 
_refine_analyze.Luzzati_coordinate_error_free   ? 
_refine_analyze.Luzzati_coordinate_error_obs    0.26 
_refine_analyze.Luzzati_d_res_low_free          ? 
_refine_analyze.Luzzati_d_res_low_obs           ? 
_refine_analyze.Luzzati_sigma_a_free            ? 
_refine_analyze.Luzzati_sigma_a_free_details    ? 
_refine_analyze.Luzzati_sigma_a_obs             ? 
_refine_analyze.Luzzati_sigma_a_obs_details     ? 
_refine_analyze.number_disordered_residues      ? 
_refine_analyze.occupancy_sum_hydrogen          ? 
_refine_analyze.occupancy_sum_non_hydrogen      ? 
_refine_analyze.RG_d_res_high                   ? 
_refine_analyze.RG_d_res_low                    ? 
_refine_analyze.RG_free                         ? 
_refine_analyze.RG_work                         ? 
_refine_analyze.RG_free_work_ratio              ? 
_refine_analyze.pdbx_Luzzati_d_res_high_obs     ? 
# 
_refine_hist.pdbx_refine_id                   'X-RAY DIFFRACTION' 
_refine_hist.cycle_id                         LAST 
_refine_hist.pdbx_number_atoms_protein        993 
_refine_hist.pdbx_number_atoms_nucleic_acid   0 
_refine_hist.pdbx_number_atoms_ligand         181 
_refine_hist.number_atoms_solvent             16 
_refine_hist.number_atoms_total               1190 
_refine_hist.d_res_high                       1.74 
_refine_hist.d_res_low                        49.37 
# 
loop_
_refine_ls_restr.pdbx_refine_id 
_refine_ls_restr.criterion 
_refine_ls_restr.dev_ideal 
_refine_ls_restr.dev_ideal_target 
_refine_ls_restr.number 
_refine_ls_restr.rejects 
_refine_ls_restr.type 
_refine_ls_restr.weight 
_refine_ls_restr.pdbx_restraint_function 
'X-RAY DIFFRACTION' ? 0.010 ? 1223 ? t_bond_d                  2.00  HARMONIC     
'X-RAY DIFFRACTION' ? 1.22  ? 1591 ? t_angle_deg               2.00  HARMONIC     
'X-RAY DIFFRACTION' ? ?     ? 478  ? t_dihedral_angle_d        2.00  SINUSOIDAL   
'X-RAY DIFFRACTION' ? ?     ? ?    ? t_incorr_chiral_ct        ?     ?            
'X-RAY DIFFRACTION' ? ?     ? ?    ? t_pseud_angle             ?     ?            
'X-RAY DIFFRACTION' ? ?     ? 33   ? t_trig_c_planes           2.00  HARMONIC     
'X-RAY DIFFRACTION' ? ?     ? 147  ? t_gen_planes              5.00  HARMONIC     
'X-RAY DIFFRACTION' ? ?     ? 1223 ? t_it                      20.00 HARMONIC     
'X-RAY DIFFRACTION' ? ?     ? ?    ? t_nbd                     ?     ?            
'X-RAY DIFFRACTION' ? 3.94  ? ?    ? t_omega_torsion           ?     ?            
'X-RAY DIFFRACTION' ? 14.98 ? ?    ? t_other_torsion           ?     ?            
'X-RAY DIFFRACTION' ? ?     ? ?    ? t_improper_torsion        ?     ?            
'X-RAY DIFFRACTION' ? ?     ? 147  ? t_chiral_improper_torsion 5.00  SEMIHARMONIC 
'X-RAY DIFFRACTION' ? ?     ? ?    ? t_sum_occupancies         ?     ?            
'X-RAY DIFFRACTION' ? ?     ? ?    ? t_utility_distance        ?     ?            
'X-RAY DIFFRACTION' ? ?     ? ?    ? t_utility_angle           ?     ?            
'X-RAY DIFFRACTION' ? ?     ? ?    ? t_utility_torsion         ?     ?            
'X-RAY DIFFRACTION' ? ?     ? 1435 ? t_ideal_dist_contact      4.00  SEMIHARMONIC 
# 
_refine_ls_shell.pdbx_refine_id                   'X-RAY DIFFRACTION' 
_refine_ls_shell.d_res_high                       1.74 
_refine_ls_shell.d_res_low                        1.84 
_refine_ls_shell.number_reflns_all                2680 
_refine_ls_shell.number_reflns_obs                ? 
_refine_ls_shell.number_reflns_R_free             140 
_refine_ls_shell.number_reflns_R_work             2540 
_refine_ls_shell.percent_reflns_obs               95.15 
_refine_ls_shell.percent_reflns_R_free            5.22 
_refine_ls_shell.R_factor_all                     0.224 
_refine_ls_shell.R_factor_obs                     ? 
_refine_ls_shell.R_factor_R_free                  0.257 
_refine_ls_shell.R_factor_R_free_error            0.000 
_refine_ls_shell.R_factor_R_work                  0.222 
_refine_ls_shell.redundancy_reflns_all            ? 
_refine_ls_shell.redundancy_reflns_obs            ? 
_refine_ls_shell.wR_factor_all                    ? 
_refine_ls_shell.wR_factor_obs                    ? 
_refine_ls_shell.wR_factor_R_free                 ? 
_refine_ls_shell.wR_factor_R_work                 ? 
_refine_ls_shell.pdbx_total_number_of_bins_used   9 
_refine_ls_shell.pdbx_phase_error                 ? 
_refine_ls_shell.pdbx_fsc_work                    ? 
_refine_ls_shell.pdbx_fsc_free                    ? 
# 
_struct.entry_id                     5NIR 
_struct.title                        'Crystal structure of collagen 2A vWC domain' 
_struct.pdbx_model_details           ? 
_struct.pdbx_formula_weight          ? 
_struct.pdbx_formula_weight_method   ? 
_struct.pdbx_model_type_details      ? 
_struct.pdbx_CASP_flag               N 
# 
_struct_keywords.entry_id        5NIR 
_struct_keywords.text            'collagen, vwc, ECM, BMP-2, Structural protein' 
_struct_keywords.pdbx_keywords   'STRUCTURAL PROTEIN' 
# 
loop_
_struct_asym.id 
_struct_asym.pdbx_blank_PDB_chainid_flag 
_struct_asym.pdbx_modified 
_struct_asym.entity_id 
_struct_asym.details 
A N N 1 ? 
B N N 1 ? 
C N N 2 ? 
D N N 2 ? 
E N N 2 ? 
F N N 2 ? 
G N N 2 ? 
H N N 2 ? 
I N N 2 ? 
J N N 3 ? 
K N N 3 ? 
L N N 4 ? 
M N N 4 ? 
N N N 4 ? 
O N N 5 ? 
P N N 2 ? 
Q N N 3 ? 
R N N 3 ? 
S N N 3 ? 
T N N 3 ? 
U N N 3 ? 
V N N 4 ? 
W N N 4 ? 
X N N 4 ? 
Y N N 6 ? 
Z N N 6 ? 
# 
_struct_ref.id                         1 
_struct_ref.db_name                    UNP 
_struct_ref.db_code                    CO2A1_HUMAN 
_struct_ref.pdbx_db_accession          P02458 
_struct_ref.pdbx_db_isoform            ? 
_struct_ref.entity_id                  1 
_struct_ref.pdbx_seq_one_letter_code   QEAGSCVQDGQRYNDKDVWKPEPCRICVCDTGTVLCDDIICEDVKDCLSPEIPFGECCPICPTDLATASG 
_struct_ref.pdbx_align_begin           29 
# 
loop_
_struct_ref_seq.align_id 
_struct_ref_seq.ref_id 
_struct_ref_seq.pdbx_PDB_id_code 
_struct_ref_seq.pdbx_strand_id 
_struct_ref_seq.seq_align_beg 
_struct_ref_seq.pdbx_seq_align_beg_ins_code 
_struct_ref_seq.seq_align_end 
_struct_ref_seq.pdbx_seq_align_end_ins_code 
_struct_ref_seq.pdbx_db_accession 
_struct_ref_seq.db_align_beg 
_struct_ref_seq.pdbx_db_align_beg_ins_code 
_struct_ref_seq.db_align_end 
_struct_ref_seq.pdbx_db_align_end_ins_code 
_struct_ref_seq.pdbx_auth_seq_align_beg 
_struct_ref_seq.pdbx_auth_seq_align_end 
1 1 5NIR A 5 ? 74 ? P02458 29 ? 98 ? 29 98 
2 1 5NIR B 5 ? 74 ? P02458 29 ? 98 ? 29 98 
# 
loop_
_struct_ref_seq_dif.align_id 
_struct_ref_seq_dif.pdbx_pdb_id_code 
_struct_ref_seq_dif.mon_id 
_struct_ref_seq_dif.pdbx_pdb_strand_id 
_struct_ref_seq_dif.seq_num 
_struct_ref_seq_dif.pdbx_pdb_ins_code 
_struct_ref_seq_dif.pdbx_seq_db_name 
_struct_ref_seq_dif.pdbx_seq_db_accession_code 
_struct_ref_seq_dif.db_mon_id 
_struct_ref_seq_dif.pdbx_seq_db_seq_num 
_struct_ref_seq_dif.details 
_struct_ref_seq_dif.pdbx_auth_seq_num 
_struct_ref_seq_dif.pdbx_ordinal 
1 5NIR GLY A 1 ? UNP P02458 ? ? 'expression tag' 25 1 
1 5NIR SER A 2 ? UNP P02458 ? ? 'expression tag' 26 2 
1 5NIR MET A 3 ? UNP P02458 ? ? 'expression tag' 27 3 
1 5NIR ALA A 4 ? UNP P02458 ? ? 'expression tag' 28 4 
2 5NIR GLY B 1 ? UNP P02458 ? ? 'expression tag' 25 5 
2 5NIR SER B 2 ? UNP P02458 ? ? 'expression tag' 26 6 
2 5NIR MET B 3 ? UNP P02458 ? ? 'expression tag' 27 7 
2 5NIR ALA B 4 ? UNP P02458 ? ? 'expression tag' 28 8 
# 
loop_
_pdbx_struct_assembly.id 
_pdbx_struct_assembly.details 
_pdbx_struct_assembly.method_details 
_pdbx_struct_assembly.oligomeric_details 
_pdbx_struct_assembly.oligomeric_count 
1 author_and_software_defined_assembly PISA monomeric 1 
2 author_and_software_defined_assembly PISA monomeric 1 
# 
loop_
_pdbx_struct_assembly_gen.assembly_id 
_pdbx_struct_assembly_gen.oper_expression 
_pdbx_struct_assembly_gen.asym_id_list 
1 1 A,C,D,E,F,G,H,I,J,K,L,M,N,Y 
2 1 B,O,P,Q,R,S,T,U,V,W,X,Z     
# 
_pdbx_struct_assembly_auth_evidence.id                     1 
_pdbx_struct_assembly_auth_evidence.assembly_id            1 
_pdbx_struct_assembly_auth_evidence.experimental_support   none 
_pdbx_struct_assembly_auth_evidence.details                'No evidence for higher oligomeric state for the protein' 
# 
_pdbx_struct_oper_list.id                   1 
_pdbx_struct_oper_list.type                 'identity operation' 
_pdbx_struct_oper_list.name                 1_555 
_pdbx_struct_oper_list.symmetry_operation   x,y,z 
_pdbx_struct_oper_list.matrix[1][1]         1.0000000000 
_pdbx_struct_oper_list.matrix[1][2]         0.0000000000 
_pdbx_struct_oper_list.matrix[1][3]         0.0000000000 
_pdbx_struct_oper_list.vector[1]            0.0000000000 
_pdbx_struct_oper_list.matrix[2][1]         0.0000000000 
_pdbx_struct_oper_list.matrix[2][2]         1.0000000000 
_pdbx_struct_oper_list.matrix[2][3]         0.0000000000 
_pdbx_struct_oper_list.vector[2]            0.0000000000 
_pdbx_struct_oper_list.matrix[3][1]         0.0000000000 
_pdbx_struct_oper_list.matrix[3][2]         0.0000000000 
_pdbx_struct_oper_list.matrix[3][3]         1.0000000000 
_pdbx_struct_oper_list.vector[3]            0.0000000000 
# 
loop_
_struct_conn.id 
_struct_conn.conn_type_id 
_struct_conn.pdbx_leaving_atom_flag 
_struct_conn.pdbx_PDB_id 
_struct_conn.ptnr1_label_asym_id 
_struct_conn.ptnr1_label_comp_id 
_struct_conn.ptnr1_label_seq_id 
_struct_conn.ptnr1_label_atom_id 
_struct_conn.pdbx_ptnr1_label_alt_id 
_struct_conn.pdbx_ptnr1_PDB_ins_code 
_struct_conn.pdbx_ptnr1_standard_comp_id 
_struct_conn.ptnr1_symmetry 
_struct_conn.ptnr2_label_asym_id 
_struct_conn.ptnr2_label_comp_id 
_struct_conn.ptnr2_label_seq_id 
_struct_conn.ptnr2_label_atom_id 
_struct_conn.pdbx_ptnr2_label_alt_id 
_struct_conn.pdbx_ptnr2_PDB_ins_code 
_struct_conn.ptnr1_auth_asym_id 
_struct_conn.ptnr1_auth_comp_id 
_struct_conn.ptnr1_auth_seq_id 
_struct_conn.ptnr2_auth_asym_id 
_struct_conn.ptnr2_auth_comp_id 
_struct_conn.ptnr2_auth_seq_id 
_struct_conn.ptnr2_symmetry 
_struct_conn.pdbx_ptnr3_label_atom_id 
_struct_conn.pdbx_ptnr3_label_seq_id 
_struct_conn.pdbx_ptnr3_label_comp_id 
_struct_conn.pdbx_ptnr3_label_asym_id 
_struct_conn.pdbx_ptnr3_label_alt_id 
_struct_conn.pdbx_ptnr3_PDB_ins_code 
_struct_conn.details 
_struct_conn.pdbx_dist_value 
_struct_conn.pdbx_value_order 
_struct_conn.pdbx_role 
disulf1  disulf ? ? A CYS 10 SG ? ? ? 1_555 A CYS 33 SG ? ? A CYS 34 A CYS 57 1_555 ? ? ? ? ? ? ? 2.013 ? ? 
disulf2  disulf ? ? A CYS 28 SG ? ? ? 1_555 A CYS 61 SG ? ? A CYS 52 A CYS 85 1_555 ? ? ? ? ? ? ? 2.042 ? ? 
disulf3  disulf ? ? A CYS 31 SG ? ? ? 1_555 A CYS 40 SG ? ? A CYS 55 A CYS 64 1_555 ? ? ? ? ? ? ? 2.032 ? ? 
disulf4  disulf ? ? A CYS 45 SG ? ? ? 1_555 A CYS 62 SG ? ? A CYS 69 A CYS 86 1_555 ? ? ? ? ? ? ? 2.033 ? ? 
disulf5  disulf ? ? A CYS 51 SG ? ? ? 1_555 A CYS 65 SG ? ? A CYS 75 A CYS 89 1_555 ? ? ? ? ? ? ? 2.040 ? ? 
disulf6  disulf ? ? B CYS 10 SG ? ? ? 1_555 B CYS 33 SG ? ? B CYS 34 B CYS 57 1_555 ? ? ? ? ? ? ? 2.011 ? ? 
disulf7  disulf ? ? B CYS 28 SG ? ? ? 1_555 B CYS 61 SG ? ? B CYS 52 B CYS 85 1_555 ? ? ? ? ? ? ? 2.034 ? ? 
disulf8  disulf ? ? B CYS 31 SG ? ? ? 1_555 B CYS 40 SG ? ? B CYS 55 B CYS 64 1_555 ? ? ? ? ? ? ? 2.043 ? ? 
disulf9  disulf ? ? B CYS 45 SG ? ? ? 1_555 B CYS 62 SG ? ? B CYS 69 B CYS 86 1_555 ? ? ? ? ? ? ? 2.019 ? ? 
disulf10 disulf ? ? B CYS 51 SG ? ? ? 1_555 B CYS 65 SG ? ? B CYS 75 B CYS 89 1_555 ? ? ? ? ? ? ? 2.060 ? ? 
# 
_struct_conn_type.id          disulf 
_struct_conn_type.criteria    ? 
_struct_conn_type.reference   ? 
# 
loop_
_pdbx_modification_feature.ordinal 
_pdbx_modification_feature.label_comp_id 
_pdbx_modification_feature.label_asym_id 
_pdbx_modification_feature.label_seq_id 
_pdbx_modification_feature.label_alt_id 
_pdbx_modification_feature.modified_residue_label_comp_id 
_pdbx_modification_feature.modified_residue_label_asym_id 
_pdbx_modification_feature.modified_residue_label_seq_id 
_pdbx_modification_feature.modified_residue_label_alt_id 
_pdbx_modification_feature.auth_comp_id 
_pdbx_modification_feature.auth_asym_id 
_pdbx_modification_feature.auth_seq_id 
_pdbx_modification_feature.PDB_ins_code 
_pdbx_modification_feature.symmetry 
_pdbx_modification_feature.modified_residue_auth_comp_id 
_pdbx_modification_feature.modified_residue_auth_asym_id 
_pdbx_modification_feature.modified_residue_auth_seq_id 
_pdbx_modification_feature.modified_residue_PDB_ins_code 
_pdbx_modification_feature.modified_residue_symmetry 
_pdbx_modification_feature.comp_id_linking_atom 
_pdbx_modification_feature.modified_residue_id_linking_atom 
_pdbx_modification_feature.modified_residue_id 
_pdbx_modification_feature.ref_pcm_id 
_pdbx_modification_feature.ref_comp_id 
_pdbx_modification_feature.type 
_pdbx_modification_feature.category 
1  CYS A 10 ? CYS A 33 ? CYS A 34 ? 1_555 CYS A 57 ? 1_555 SG SG . . . None 'Disulfide bridge' 
2  CYS A 28 ? CYS A 61 ? CYS A 52 ? 1_555 CYS A 85 ? 1_555 SG SG . . . None 'Disulfide bridge' 
3  CYS A 31 ? CYS A 40 ? CYS A 55 ? 1_555 CYS A 64 ? 1_555 SG SG . . . None 'Disulfide bridge' 
4  CYS A 45 ? CYS A 62 ? CYS A 69 ? 1_555 CYS A 86 ? 1_555 SG SG . . . None 'Disulfide bridge' 
5  CYS A 51 ? CYS A 65 ? CYS A 75 ? 1_555 CYS A 89 ? 1_555 SG SG . . . None 'Disulfide bridge' 
6  CYS B 10 ? CYS B 33 ? CYS B 34 ? 1_555 CYS B 57 ? 1_555 SG SG . . . None 'Disulfide bridge' 
7  CYS B 28 ? CYS B 61 ? CYS B 52 ? 1_555 CYS B 85 ? 1_555 SG SG . . . None 'Disulfide bridge' 
8  CYS B 31 ? CYS B 40 ? CYS B 55 ? 1_555 CYS B 64 ? 1_555 SG SG . . . None 'Disulfide bridge' 
9  CYS B 45 ? CYS B 62 ? CYS B 69 ? 1_555 CYS B 86 ? 1_555 SG SG . . . None 'Disulfide bridge' 
10 CYS B 51 ? CYS B 65 ? CYS B 75 ? 1_555 CYS B 89 ? 1_555 SG SG . . . None 'Disulfide bridge' 
# 
loop_
_struct_sheet.id 
_struct_sheet.type 
_struct_sheet.number_strands 
_struct_sheet.details 
AA1 ? 2 ? 
AA2 ? 6 ? 
AA3 ? 2 ? 
AA4 ? 2 ? 
# 
loop_
_struct_sheet_order.sheet_id 
_struct_sheet_order.range_id_1 
_struct_sheet_order.range_id_2 
_struct_sheet_order.offset 
_struct_sheet_order.sense 
AA1 1 2 ? anti-parallel 
AA2 1 2 ? anti-parallel 
AA2 2 3 ? anti-parallel 
AA2 3 4 ? parallel      
AA2 4 5 ? anti-parallel 
AA2 5 6 ? anti-parallel 
AA3 1 2 ? parallel      
AA4 1 2 ? anti-parallel 
# 
loop_
_struct_sheet_range.sheet_id 
_struct_sheet_range.id 
_struct_sheet_range.beg_label_comp_id 
_struct_sheet_range.beg_label_asym_id 
_struct_sheet_range.beg_label_seq_id 
_struct_sheet_range.pdbx_beg_PDB_ins_code 
_struct_sheet_range.end_label_comp_id 
_struct_sheet_range.end_label_asym_id 
_struct_sheet_range.end_label_seq_id 
_struct_sheet_range.pdbx_end_PDB_ins_code 
_struct_sheet_range.beg_auth_comp_id 
_struct_sheet_range.beg_auth_asym_id 
_struct_sheet_range.beg_auth_seq_id 
_struct_sheet_range.end_auth_comp_id 
_struct_sheet_range.end_auth_asym_id 
_struct_sheet_range.end_auth_seq_id 
AA1 1 CYS A 10 ? GLN A 12 ? CYS A 34 GLN A 36 
AA1 2 GLN A 15 ? TYR A 17 ? GLN A 39 TYR A 41 
AA2 1 VAL A 22 ? GLU A 26 ? VAL A 46 GLU A 50 
AA2 2 ARG A 29 ? ASP A 34 ? ARG A 53 ASP A 58 
AA2 3 THR A 37 ? GLU A 46 ? THR A 61 GLU A 70 
AA2 4 THR B 37 ? CYS B 45 ? THR B 61 CYS B 69 
AA2 5 ARG B 29 ? ASP B 34 ? ARG B 53 ASP B 58 
AA2 6 VAL B 22 ? GLU B 26 ? VAL B 46 GLU B 50 
AA3 1 ILE A 64 ? CYS A 65 ? ILE A 88 CYS A 89 
AA3 2 ASP B 47 ? VAL B 48 ? ASP B 71 VAL B 72 
AA4 1 CYS B 10 ? GLN B 12 ? CYS B 34 GLN B 36 
AA4 2 GLN B 15 ? TYR B 17 ? GLN B 39 TYR B 41 
# 
loop_
_pdbx_struct_sheet_hbond.sheet_id 
_pdbx_struct_sheet_hbond.range_id_1 
_pdbx_struct_sheet_hbond.range_id_2 
_pdbx_struct_sheet_hbond.range_1_label_atom_id 
_pdbx_struct_sheet_hbond.range_1_label_comp_id 
_pdbx_struct_sheet_hbond.range_1_label_asym_id 
_pdbx_struct_sheet_hbond.range_1_label_seq_id 
_pdbx_struct_sheet_hbond.range_1_PDB_ins_code 
_pdbx_struct_sheet_hbond.range_1_auth_atom_id 
_pdbx_struct_sheet_hbond.range_1_auth_comp_id 
_pdbx_struct_sheet_hbond.range_1_auth_asym_id 
_pdbx_struct_sheet_hbond.range_1_auth_seq_id 
_pdbx_struct_sheet_hbond.range_2_label_atom_id 
_pdbx_struct_sheet_hbond.range_2_label_comp_id 
_pdbx_struct_sheet_hbond.range_2_label_asym_id 
_pdbx_struct_sheet_hbond.range_2_label_seq_id 
_pdbx_struct_sheet_hbond.range_2_PDB_ins_code 
_pdbx_struct_sheet_hbond.range_2_auth_atom_id 
_pdbx_struct_sheet_hbond.range_2_auth_comp_id 
_pdbx_struct_sheet_hbond.range_2_auth_asym_id 
_pdbx_struct_sheet_hbond.range_2_auth_seq_id 
AA1 1 2 N CYS A 10 ? N CYS A 34 O TYR A 17 ? O TYR A 41 
AA2 1 2 N TRP A 23 ? N TRP A 47 O CYS A 31 ? O CYS A 55 
AA2 2 3 N ASP A 34 ? N ASP A 58 O THR A 37 ? O THR A 61 
AA2 3 4 N GLU A 46 ? N GLU A 70 O ILE B 44 ? O ILE B 68 
AA2 4 5 O THR B 37 ? O THR B 61 N ASP B 34 ? N ASP B 58 
AA2 5 6 O CYS B 31 ? O CYS B 55 N TRP B 23 ? N TRP B 47 
AA3 1 2 N CYS A 65 ? N CYS A 89 O ASP B 47 ? O ASP B 71 
AA4 1 2 N CYS B 10 ? N CYS B 34 O TYR B 17 ? O TYR B 41 
# 
loop_
_struct_site.id 
_struct_site.pdbx_evidence_code 
_struct_site.pdbx_auth_asym_id 
_struct_site.pdbx_auth_comp_id 
_struct_site.pdbx_auth_seq_id 
_struct_site.pdbx_auth_ins_code 
_struct_site.pdbx_num_residues 
_struct_site.details 
AC1 Software A EDO 101 ? 6  'binding site for residue EDO A 101' 
AC2 Software A EDO 102 ? 5  'binding site for residue EDO A 102' 
AC3 Software A EDO 103 ? 3  'binding site for residue EDO A 103' 
AC4 Software A EDO 104 ? 3  'binding site for residue EDO A 104' 
AC5 Software A EDO 105 ? 3  'binding site for residue EDO A 105' 
AC6 Software A EDO 106 ? 8  'binding site for residue EDO A 106' 
AC7 Software A EDO 107 ? 2  'binding site for residue EDO A 107' 
AC8 Software A PEG 108 ? 4  'binding site for residue PEG A 108' 
AC9 Software A PEG 109 ? 2  'binding site for residue PEG A 109' 
AD1 Software A PG4 110 ? 12 'binding site for residue PG4 A 110' 
AD2 Software A PG4 111 ? 17 'binding site for residue PG4 A 111' 
AD3 Software A PG4 112 ? 9  'binding site for residue PG4 A 112' 
AD4 Software B P33 101 ? 15 'binding site for residue P33 B 101' 
AD5 Software B EDO 102 ? 3  'binding site for residue EDO B 102' 
AD6 Software B PEG 103 ? 3  'binding site for residue PEG B 103' 
AD7 Software B PEG 104 ? 4  'binding site for residue PEG B 104' 
AD8 Software B PEG 105 ? 6  'binding site for residue PEG B 105' 
AD9 Software B PEG 106 ? 6  'binding site for residue PEG B 106' 
AE1 Software B PEG 107 ? 8  'binding site for residue PEG B 107' 
AE2 Software B PG4 108 ? 14 'binding site for residue PG4 B 108' 
AE3 Software B PG4 109 ? 5  'binding site for residue PG4 B 109' 
AE4 Software B PG4 110 ? 5  'binding site for residue PG4 B 110' 
# 
loop_
_struct_site_gen.id 
_struct_site_gen.site_id 
_struct_site_gen.pdbx_num_res 
_struct_site_gen.label_comp_id 
_struct_site_gen.label_asym_id 
_struct_site_gen.label_seq_id 
_struct_site_gen.pdbx_auth_ins_code 
_struct_site_gen.auth_comp_id 
_struct_site_gen.auth_asym_id 
_struct_site_gen.auth_seq_id 
_struct_site_gen.label_atom_id 
_struct_site_gen.label_alt_id 
_struct_site_gen.symmetry 
_struct_site_gen.details 
1   AC1 6  CYS A 65 ? CYS A 89  . ? 1_555 ? 
2   AC1 6  THR A 67 ? THR A 91  . ? 1_555 ? 
3   AC1 6  EDO I .  ? EDO A 107 . ? 1_555 ? 
4   AC1 6  ASP B 47 ? ASP B 71  . ? 1_555 ? 
5   AC1 6  VAL B 48 ? VAL B 72  . ? 1_555 ? 
6   AC1 6  LYS B 49 ? LYS B 73  . ? 1_555 ? 
7   AC2 5  ASP A 13 ? ASP A 37  . ? 1_555 ? 
8   AC2 5  TYR A 17 ? TYR A 41  . ? 1_555 ? 
9   AC2 5  TRP A 23 ? TRP A 47  . ? 1_555 ? 
10  AC2 5  PRO A 25 ? PRO A 49  . ? 1_555 ? 
11  AC2 5  GLN B 15 ? GLN B 39  . ? 3_545 ? 
12  AC3 3  GLU A 26 ? GLU A 50  . ? 1_555 ? 
13  AC3 3  ARG A 29 ? ARG A 53  . ? 1_555 ? 
14  AC3 3  EDO F .  ? EDO A 104 . ? 1_555 ? 
15  AC4 3  ARG A 29 ? ARG A 53  . ? 1_555 ? 
16  AC4 3  EDO E .  ? EDO A 103 . ? 1_555 ? 
17  AC4 3  LEU B 69 ? LEU B 93  . ? 4_556 ? 
18  AC5 3  ARG A 16 ? ARG A 40  . ? 1_555 ? 
19  AC5 3  ASN A 18 ? ASN A 42  . ? 1_555 ? 
20  AC5 3  ILE B 30 ? ILE B 54  . ? 3_545 ? 
21  AC6 8  CYS A 45 ? CYS A 69  . ? 1_555 ? 
22  AC6 8  ASP A 47 ? ASP A 71  . ? 1_555 ? 
23  AC6 8  CYS A 61 ? CYS A 85  . ? 1_555 ? 
24  AC6 8  PRO A 63 ? PRO A 87  . ? 1_555 ? 
25  AC6 8  GLY A 74 ? GLY A 98  . ? 4_556 ? 
26  AC6 8  LYS B 49 ? LYS B 73  . ? 4_556 ? 
27  AC6 8  PRO B 54 ? PRO B 78  . ? 4_556 ? 
28  AC6 8  P33 O .  ? P33 B 101 . ? 4_556 ? 
29  AC7 2  THR A 67 ? THR A 91  . ? 1_555 ? 
30  AC7 2  EDO C .  ? EDO A 101 . ? 1_555 ? 
31  AC8 4  PRO A 25 ? PRO A 49  . ? 1_555 ? 
32  AC8 4  GLU A 26 ? GLU A 50  . ? 1_555 ? 
33  AC8 4  PG4 M .  ? PG4 A 111 . ? 1_555 ? 
34  AC8 4  GLY B 14 ? GLY B 38  . ? 3_545 ? 
35  AC9 2  LEU A 69 ? LEU A 93  . ? 1_555 ? 
36  AC9 2  ALA A 70 ? ALA A 94  . ? 1_555 ? 
37  AD1 12 LYS A 24 ? LYS A 48  . ? 1_555 ? 
38  AD1 12 PRO A 27 ? PRO A 51  . ? 1_555 ? 
39  AD1 12 ASP A 50 ? ASP A 74  . ? 4_456 ? 
40  AD1 12 CYS A 51 ? CYS A 75  . ? 4_456 ? 
41  AD1 12 LEU A 52 ? LEU A 76  . ? 4_456 ? 
42  AD1 12 GLU A 60 ? GLU A 84  . ? 1_555 ? 
43  AD1 12 CYS A 61 ? CYS A 85  . ? 1_555 ? 
44  AD1 12 CYS A 62 ? CYS A 86  . ? 1_555 ? 
45  AD1 12 ILE B 43 ? ILE B 67  . ? 1_555 ? 
46  AD1 12 ILE B 44 ? ILE B 68  . ? 1_555 ? 
47  AD1 12 P33 O .  ? P33 B 101 . ? 1_555 ? 
48  AD1 12 PEG T .  ? PEG B 106 . ? 1_555 ? 
49  AD2 17 LYS A 24 ? LYS A 48  . ? 1_555 ? 
50  AD2 17 PRO A 25 ? PRO A 49  . ? 1_555 ? 
51  AD2 17 GLU A 26 ? GLU A 50  . ? 1_555 ? 
52  AD2 17 PRO A 27 ? PRO A 51  . ? 1_555 ? 
53  AD2 17 ILE A 56 ? ILE A 80  . ? 1_555 ? 
54  AD2 17 PRO A 57 ? PRO A 81  . ? 1_555 ? 
55  AD2 17 PHE A 58 ? PHE A 82  . ? 1_555 ? 
56  AD2 17 GLY A 59 ? GLY A 83  . ? 1_555 ? 
57  AD2 17 GLU A 60 ? GLU A 84  . ? 1_555 ? 
58  AD2 17 PEG J .  ? PEG A 108 . ? 1_555 ? 
59  AD2 17 HOH Y .  ? HOH A 203 . ? 1_555 ? 
60  AD2 17 GLY B 14 ? GLY B 38  . ? 3_545 ? 
61  AD2 17 ARG B 16 ? ARG B 40  . ? 3_545 ? 
62  AD2 17 SER B 53 ? SER B 77  . ? 4_556 ? 
63  AD2 17 PRO B 54 ? PRO B 78  . ? 4_556 ? 
64  AD2 17 GLU B 55 ? GLU B 79  . ? 4_556 ? 
65  AD2 17 PG4 W .  ? PG4 B 109 . ? 3_545 ? 
66  AD3 9  VAL A 38 ? VAL A 62  . ? 1_555 ? 
67  AD3 9  LEU A 39 ? LEU A 63  . ? 1_555 ? 
68  AD3 9  CYS A 40 ? CYS A 64  . ? 1_555 ? 
69  AD3 9  ASP A 41 ? ASP A 65  . ? 1_555 ? 
70  AD3 9  ASP A 42 ? ASP A 66  . ? 1_555 ? 
71  AD3 9  HOH Y .  ? HOH A 201 . ? 1_555 ? 
72  AD3 9  VAL B 38 ? VAL B 62  . ? 1_555 ? 
73  AD3 9  CYS B 40 ? CYS B 64  . ? 1_555 ? 
74  AD3 9  EDO P .  ? EDO B 102 . ? 1_555 ? 
75  AD4 15 ASP A 50 ? ASP A 74  . ? 4_456 ? 
76  AD4 15 CYS A 51 ? CYS A 75  . ? 4_456 ? 
77  AD4 15 PRO A 54 ? PRO A 78  . ? 4_456 ? 
78  AD4 15 GLU A 60 ? GLU A 84  . ? 1_555 ? 
79  AD4 15 CYS A 62 ? CYS A 86  . ? 1_555 ? 
80  AD4 15 ILE A 64 ? ILE A 88  . ? 1_555 ? 
81  AD4 15 EDO H .  ? EDO A 106 . ? 4_456 ? 
82  AD4 15 PG4 L .  ? PG4 A 110 . ? 1_555 ? 
83  AD4 15 ILE B 43 ? ILE B 67  . ? 1_555 ? 
84  AD4 15 ILE B 44 ? ILE B 68  . ? 1_555 ? 
85  AD4 15 CYS B 45 ? CYS B 69  . ? 1_555 ? 
86  AD4 15 GLU B 46 ? GLU B 70  . ? 1_555 ? 
87  AD4 15 ASP B 47 ? ASP B 71  . ? 1_555 ? 
88  AD4 15 VAL B 48 ? VAL B 72  . ? 1_555 ? 
89  AD4 15 PEG R .  ? PEG B 104 . ? 1_555 ? 
90  AD5 3  PG4 N .  ? PG4 A 112 . ? 1_555 ? 
91  AD5 3  GLN B 12 ? GLN B 36  . ? 1_555 ? 
92  AD5 3  ARG B 29 ? ARG B 53  . ? 1_555 ? 
93  AD6 3  LEU A 39 ? LEU A 63  . ? 1_555 ? 
94  AD6 3  ARG B 29 ? ARG B 53  . ? 1_555 ? 
95  AD6 3  PEG T .  ? PEG B 106 . ? 1_555 ? 
96  AD7 4  VAL B 48 ? VAL B 72  . ? 1_555 ? 
97  AD7 4  ASP B 50 ? ASP B 74  . ? 1_555 ? 
98  AD7 4  CYS B 51 ? CYS B 75  . ? 1_555 ? 
99  AD7 4  P33 O .  ? P33 B 101 . ? 1_555 ? 
100 AD8 6  GLU A 46 ? GLU A 70  . ? 1_555 ? 
101 AD8 6  LYS B 24 ? LYS B 48  . ? 1_555 ? 
102 AD8 6  ILE B 43 ? ILE B 67  . ? 1_555 ? 
103 AD8 6  GLU B 60 ? GLU B 84  . ? 1_555 ? 
104 AD8 6  CYS B 61 ? CYS B 85  . ? 1_555 ? 
105 AD8 6  CYS B 62 ? CYS B 86  . ? 1_555 ? 
106 AD9 6  LEU A 52 ? LEU A 76  . ? 4_456 ? 
107 AD9 6  PG4 L .  ? PG4 A 110 . ? 1_555 ? 
108 AD9 6  ARG B 29 ? ARG B 53  . ? 1_555 ? 
109 AD9 6  ASP B 42 ? ASP B 66  . ? 1_555 ? 
110 AD9 6  PEG Q .  ? PEG B 103 . ? 1_555 ? 
111 AD9 6  PEG U .  ? PEG B 107 . ? 1_555 ? 
112 AE1 8  GLN A 15 ? GLN A 39  . ? 3_555 ? 
113 AE1 8  ASP B 13 ? ASP B 37  . ? 1_555 ? 
114 AE1 8  GLN B 15 ? GLN B 39  . ? 1_555 ? 
115 AE1 8  PRO B 25 ? PRO B 49  . ? 1_555 ? 
116 AE1 8  GLU B 26 ? GLU B 50  . ? 1_555 ? 
117 AE1 8  ARG B 29 ? ARG B 53  . ? 1_555 ? 
118 AE1 8  PEG T .  ? PEG B 106 . ? 1_555 ? 
119 AE1 8  HOH Z .  ? HOH B 202 . ? 1_555 ? 
120 AE2 14 GLY A 14 ? GLY A 38  . ? 3_555 ? 
121 AE2 14 GLN A 15 ? GLN A 39  . ? 3_555 ? 
122 AE2 14 ARG A 16 ? ARG A 40  . ? 3_555 ? 
123 AE2 14 PRO A 54 ? PRO A 78  . ? 4_456 ? 
124 AE2 14 GLU A 55 ? GLU A 79  . ? 4_456 ? 
125 AE2 14 LYS B 24 ? LYS B 48  . ? 1_555 ? 
126 AE2 14 GLU B 26 ? GLU B 50  . ? 1_555 ? 
127 AE2 14 PRO B 27 ? PRO B 51  . ? 1_555 ? 
128 AE2 14 ILE B 56 ? ILE B 80  . ? 1_555 ? 
129 AE2 14 PRO B 57 ? PRO B 81  . ? 1_555 ? 
130 AE2 14 PHE B 58 ? PHE B 82  . ? 1_555 ? 
131 AE2 14 GLY B 59 ? GLY B 83  . ? 1_555 ? 
132 AE2 14 GLU B 60 ? GLU B 84  . ? 1_555 ? 
133 AE2 14 HOH Z .  ? HOH B 207 . ? 1_555 ? 
134 AE3 5  ASP A 34 ? ASP A 58  . ? 1_555 ? 
135 AE3 5  PG4 M .  ? PG4 A 111 . ? 3_555 ? 
136 AE3 5  VAL B 11 ? VAL B 35  . ? 1_555 ? 
137 AE3 5  ASP B 13 ? ASP B 37  . ? 1_555 ? 
138 AE3 5  GLY B 14 ? GLY B 38  . ? 1_555 ? 
139 AE4 5  CYS B 10 ? CYS B 34  . ? 1_555 ? 
140 AE4 5  VAL B 11 ? VAL B 35  . ? 1_555 ? 
141 AE4 5  GLY B 36 ? GLY B 60  . ? 1_555 ? 
142 AE4 5  THR B 37 ? THR B 61  . ? 1_555 ? 
143 AE4 5  VAL B 38 ? VAL B 62  . ? 1_555 ? 
# 
_pdbx_entry_details.entry_id                   5NIR 
_pdbx_entry_details.compound_details           ? 
_pdbx_entry_details.source_details             ? 
_pdbx_entry_details.nonpolymer_details         ? 
_pdbx_entry_details.sequence_details           ? 
_pdbx_entry_details.has_ligand_of_interest     ? 
_pdbx_entry_details.has_protein_modification   Y 
# 
loop_
_pdbx_validate_torsion.id 
_pdbx_validate_torsion.PDB_model_num 
_pdbx_validate_torsion.auth_comp_id 
_pdbx_validate_torsion.auth_asym_id 
_pdbx_validate_torsion.auth_seq_id 
_pdbx_validate_torsion.PDB_ins_code 
_pdbx_validate_torsion.label_alt_id 
_pdbx_validate_torsion.phi 
_pdbx_validate_torsion.psi 
1 1 LYS A 44 ? ? 81.15   1.01  
2 1 THR B 59 ? ? 39.90   62.81 
3 1 ASP B 74 ? ? -143.70 39.39 
4 1 SER B 77 ? ? -141.93 59.73 
# 
loop_
_pdbx_unobs_or_zero_occ_residues.id 
_pdbx_unobs_or_zero_occ_residues.PDB_model_num 
_pdbx_unobs_or_zero_occ_residues.polymer_flag 
_pdbx_unobs_or_zero_occ_residues.occupancy_flag 
_pdbx_unobs_or_zero_occ_residues.auth_asym_id 
_pdbx_unobs_or_zero_occ_residues.auth_comp_id 
_pdbx_unobs_or_zero_occ_residues.auth_seq_id 
_pdbx_unobs_or_zero_occ_residues.PDB_ins_code 
_pdbx_unobs_or_zero_occ_residues.label_asym_id 
_pdbx_unobs_or_zero_occ_residues.label_comp_id 
_pdbx_unobs_or_zero_occ_residues.label_seq_id 
1  1 Y 1 A GLY 25 ? A GLY 1  
2  1 Y 1 A SER 26 ? A SER 2  
3  1 Y 1 A MET 27 ? A MET 3  
4  1 Y 1 A ALA 28 ? A ALA 4  
5  1 Y 1 A GLN 29 ? A GLN 5  
6  1 Y 1 B GLY 25 ? B GLY 1  
7  1 Y 1 B SER 26 ? B SER 2  
8  1 Y 1 B MET 27 ? B MET 3  
9  1 Y 1 B ALA 28 ? B ALA 4  
10 1 Y 1 B GLN 29 ? B GLN 5  
11 1 Y 1 B ALA 96 ? B ALA 72 
12 1 Y 1 B SER 97 ? B SER 73 
13 1 Y 1 B GLY 98 ? B GLY 74 
# 
loop_
_chem_comp_atom.comp_id 
_chem_comp_atom.atom_id 
_chem_comp_atom.type_symbol 
_chem_comp_atom.pdbx_aromatic_flag 
_chem_comp_atom.pdbx_stereo_config 
_chem_comp_atom.pdbx_ordinal 
ALA N    N N N 1   
ALA CA   C N S 2   
ALA C    C N N 3   
ALA O    O N N 4   
ALA CB   C N N 5   
ALA OXT  O N N 6   
ALA H    H N N 7   
ALA H2   H N N 8   
ALA HA   H N N 9   
ALA HB1  H N N 10  
ALA HB2  H N N 11  
ALA HB3  H N N 12  
ALA HXT  H N N 13  
ARG N    N N N 14  
ARG CA   C N S 15  
ARG C    C N N 16  
ARG O    O N N 17  
ARG CB   C N N 18  
ARG CG   C N N 19  
ARG CD   C N N 20  
ARG NE   N N N 21  
ARG CZ   C N N 22  
ARG NH1  N N N 23  
ARG NH2  N N N 24  
ARG OXT  O N N 25  
ARG H    H N N 26  
ARG H2   H N N 27  
ARG HA   H N N 28  
ARG HB2  H N N 29  
ARG HB3  H N N 30  
ARG HG2  H N N 31  
ARG HG3  H N N 32  
ARG HD2  H N N 33  
ARG HD3  H N N 34  
ARG HE   H N N 35  
ARG HH11 H N N 36  
ARG HH12 H N N 37  
ARG HH21 H N N 38  
ARG HH22 H N N 39  
ARG HXT  H N N 40  
ASN N    N N N 41  
ASN CA   C N S 42  
ASN C    C N N 43  
ASN O    O N N 44  
ASN CB   C N N 45  
ASN CG   C N N 46  
ASN OD1  O N N 47  
ASN ND2  N N N 48  
ASN OXT  O N N 49  
ASN H    H N N 50  
ASN H2   H N N 51  
ASN HA   H N N 52  
ASN HB2  H N N 53  
ASN HB3  H N N 54  
ASN HD21 H N N 55  
ASN HD22 H N N 56  
ASN HXT  H N N 57  
ASP N    N N N 58  
ASP CA   C N S 59  
ASP C    C N N 60  
ASP O    O N N 61  
ASP CB   C N N 62  
ASP CG   C N N 63  
ASP OD1  O N N 64  
ASP OD2  O N N 65  
ASP OXT  O N N 66  
ASP H    H N N 67  
ASP H2   H N N 68  
ASP HA   H N N 69  
ASP HB2  H N N 70  
ASP HB3  H N N 71  
ASP HD2  H N N 72  
ASP HXT  H N N 73  
CYS N    N N N 74  
CYS CA   C N R 75  
CYS C    C N N 76  
CYS O    O N N 77  
CYS CB   C N N 78  
CYS SG   S N N 79  
CYS OXT  O N N 80  
CYS H    H N N 81  
CYS H2   H N N 82  
CYS HA   H N N 83  
CYS HB2  H N N 84  
CYS HB3  H N N 85  
CYS HG   H N N 86  
CYS HXT  H N N 87  
EDO C1   C N N 88  
EDO O1   O N N 89  
EDO C2   C N N 90  
EDO O2   O N N 91  
EDO H11  H N N 92  
EDO H12  H N N 93  
EDO HO1  H N N 94  
EDO H21  H N N 95  
EDO H22  H N N 96  
EDO HO2  H N N 97  
GLN N    N N N 98  
GLN CA   C N S 99  
GLN C    C N N 100 
GLN O    O N N 101 
GLN CB   C N N 102 
GLN CG   C N N 103 
GLN CD   C N N 104 
GLN OE1  O N N 105 
GLN NE2  N N N 106 
GLN OXT  O N N 107 
GLN H    H N N 108 
GLN H2   H N N 109 
GLN HA   H N N 110 
GLN HB2  H N N 111 
GLN HB3  H N N 112 
GLN HG2  H N N 113 
GLN HG3  H N N 114 
GLN HE21 H N N 115 
GLN HE22 H N N 116 
GLN HXT  H N N 117 
GLU N    N N N 118 
GLU CA   C N S 119 
GLU C    C N N 120 
GLU O    O N N 121 
GLU CB   C N N 122 
GLU CG   C N N 123 
GLU CD   C N N 124 
GLU OE1  O N N 125 
GLU OE2  O N N 126 
GLU OXT  O N N 127 
GLU H    H N N 128 
GLU H2   H N N 129 
GLU HA   H N N 130 
GLU HB2  H N N 131 
GLU HB3  H N N 132 
GLU HG2  H N N 133 
GLU HG3  H N N 134 
GLU HE2  H N N 135 
GLU HXT  H N N 136 
GLY N    N N N 137 
GLY CA   C N N 138 
GLY C    C N N 139 
GLY O    O N N 140 
GLY OXT  O N N 141 
GLY H    H N N 142 
GLY H2   H N N 143 
GLY HA2  H N N 144 
GLY HA3  H N N 145 
GLY HXT  H N N 146 
HOH O    O N N 147 
HOH H1   H N N 148 
HOH H2   H N N 149 
ILE N    N N N 150 
ILE CA   C N S 151 
ILE C    C N N 152 
ILE O    O N N 153 
ILE CB   C N S 154 
ILE CG1  C N N 155 
ILE CG2  C N N 156 
ILE CD1  C N N 157 
ILE OXT  O N N 158 
ILE H    H N N 159 
ILE H2   H N N 160 
ILE HA   H N N 161 
ILE HB   H N N 162 
ILE HG12 H N N 163 
ILE HG13 H N N 164 
ILE HG21 H N N 165 
ILE HG22 H N N 166 
ILE HG23 H N N 167 
ILE HD11 H N N 168 
ILE HD12 H N N 169 
ILE HD13 H N N 170 
ILE HXT  H N N 171 
LEU N    N N N 172 
LEU CA   C N S 173 
LEU C    C N N 174 
LEU O    O N N 175 
LEU CB   C N N 176 
LEU CG   C N N 177 
LEU CD1  C N N 178 
LEU CD2  C N N 179 
LEU OXT  O N N 180 
LEU H    H N N 181 
LEU H2   H N N 182 
LEU HA   H N N 183 
LEU HB2  H N N 184 
LEU HB3  H N N 185 
LEU HG   H N N 186 
LEU HD11 H N N 187 
LEU HD12 H N N 188 
LEU HD13 H N N 189 
LEU HD21 H N N 190 
LEU HD22 H N N 191 
LEU HD23 H N N 192 
LEU HXT  H N N 193 
LYS N    N N N 194 
LYS CA   C N S 195 
LYS C    C N N 196 
LYS O    O N N 197 
LYS CB   C N N 198 
LYS CG   C N N 199 
LYS CD   C N N 200 
LYS CE   C N N 201 
LYS NZ   N N N 202 
LYS OXT  O N N 203 
LYS H    H N N 204 
LYS H2   H N N 205 
LYS HA   H N N 206 
LYS HB2  H N N 207 
LYS HB3  H N N 208 
LYS HG2  H N N 209 
LYS HG3  H N N 210 
LYS HD2  H N N 211 
LYS HD3  H N N 212 
LYS HE2  H N N 213 
LYS HE3  H N N 214 
LYS HZ1  H N N 215 
LYS HZ2  H N N 216 
LYS HZ3  H N N 217 
LYS HXT  H N N 218 
MET N    N N N 219 
MET CA   C N S 220 
MET C    C N N 221 
MET O    O N N 222 
MET CB   C N N 223 
MET CG   C N N 224 
MET SD   S N N 225 
MET CE   C N N 226 
MET OXT  O N N 227 
MET H    H N N 228 
MET H2   H N N 229 
MET HA   H N N 230 
MET HB2  H N N 231 
MET HB3  H N N 232 
MET HG2  H N N 233 
MET HG3  H N N 234 
MET HE1  H N N 235 
MET HE2  H N N 236 
MET HE3  H N N 237 
MET HXT  H N N 238 
P33 O22  O N N 239 
P33 C21  C N N 240 
P33 C20  C N N 241 
P33 O19  O N N 242 
P33 C18  C N N 243 
P33 C17  C N N 244 
P33 O16  O N N 245 
P33 C15  C N N 246 
P33 C14  C N N 247 
P33 O13  O N N 248 
P33 C12  C N N 249 
P33 C11  C N N 250 
P33 O10  O N N 251 
P33 C9   C N N 252 
P33 C8   C N N 253 
P33 O7   O N N 254 
P33 C6   C N N 255 
P33 C5   C N N 256 
P33 O4   O N N 257 
P33 C3   C N N 258 
P33 C2   C N N 259 
P33 O1   O N N 260 
P33 H22  H N N 261 
P33 H211 H N N 262 
P33 H212 H N N 263 
P33 H201 H N N 264 
P33 H202 H N N 265 
P33 H181 H N N 266 
P33 H182 H N N 267 
P33 H171 H N N 268 
P33 H172 H N N 269 
P33 H151 H N N 270 
P33 H152 H N N 271 
P33 H141 H N N 272 
P33 H142 H N N 273 
P33 H121 H N N 274 
P33 H122 H N N 275 
P33 H111 H N N 276 
P33 H112 H N N 277 
P33 H91  H N N 278 
P33 H92  H N N 279 
P33 H81  H N N 280 
P33 H82  H N N 281 
P33 H61  H N N 282 
P33 H62  H N N 283 
P33 H51  H N N 284 
P33 H52  H N N 285 
P33 H31  H N N 286 
P33 H32  H N N 287 
P33 H21  H N N 288 
P33 H22A H N N 289 
P33 HO1  H N N 290 
PEG C1   C N N 291 
PEG O1   O N N 292 
PEG C2   C N N 293 
PEG O2   O N N 294 
PEG C3   C N N 295 
PEG C4   C N N 296 
PEG O4   O N N 297 
PEG H11  H N N 298 
PEG H12  H N N 299 
PEG HO1  H N N 300 
PEG H21  H N N 301 
PEG H22  H N N 302 
PEG H31  H N N 303 
PEG H32  H N N 304 
PEG H41  H N N 305 
PEG H42  H N N 306 
PEG HO4  H N N 307 
PG4 O1   O N N 308 
PG4 C1   C N N 309 
PG4 C2   C N N 310 
PG4 O2   O N N 311 
PG4 C3   C N N 312 
PG4 C4   C N N 313 
PG4 O3   O N N 314 
PG4 C5   C N N 315 
PG4 C6   C N N 316 
PG4 O4   O N N 317 
PG4 C7   C N N 318 
PG4 C8   C N N 319 
PG4 O5   O N N 320 
PG4 HO1  H N N 321 
PG4 H11  H N N 322 
PG4 H12  H N N 323 
PG4 H21  H N N 324 
PG4 H22  H N N 325 
PG4 H31  H N N 326 
PG4 H32  H N N 327 
PG4 H41  H N N 328 
PG4 H42  H N N 329 
PG4 H51  H N N 330 
PG4 H52  H N N 331 
PG4 H61  H N N 332 
PG4 H62  H N N 333 
PG4 H71  H N N 334 
PG4 H72  H N N 335 
PG4 H81  H N N 336 
PG4 H82  H N N 337 
PG4 HO5  H N N 338 
PHE N    N N N 339 
PHE CA   C N S 340 
PHE C    C N N 341 
PHE O    O N N 342 
PHE CB   C N N 343 
PHE CG   C Y N 344 
PHE CD1  C Y N 345 
PHE CD2  C Y N 346 
PHE CE1  C Y N 347 
PHE CE2  C Y N 348 
PHE CZ   C Y N 349 
PHE OXT  O N N 350 
PHE H    H N N 351 
PHE H2   H N N 352 
PHE HA   H N N 353 
PHE HB2  H N N 354 
PHE HB3  H N N 355 
PHE HD1  H N N 356 
PHE HD2  H N N 357 
PHE HE1  H N N 358 
PHE HE2  H N N 359 
PHE HZ   H N N 360 
PHE HXT  H N N 361 
PRO N    N N N 362 
PRO CA   C N S 363 
PRO C    C N N 364 
PRO O    O N N 365 
PRO CB   C N N 366 
PRO CG   C N N 367 
PRO CD   C N N 368 
PRO OXT  O N N 369 
PRO H    H N N 370 
PRO HA   H N N 371 
PRO HB2  H N N 372 
PRO HB3  H N N 373 
PRO HG2  H N N 374 
PRO HG3  H N N 375 
PRO HD2  H N N 376 
PRO HD3  H N N 377 
PRO HXT  H N N 378 
SER N    N N N 379 
SER CA   C N S 380 
SER C    C N N 381 
SER O    O N N 382 
SER CB   C N N 383 
SER OG   O N N 384 
SER OXT  O N N 385 
SER H    H N N 386 
SER H2   H N N 387 
SER HA   H N N 388 
SER HB2  H N N 389 
SER HB3  H N N 390 
SER HG   H N N 391 
SER HXT  H N N 392 
THR N    N N N 393 
THR CA   C N S 394 
THR C    C N N 395 
THR O    O N N 396 
THR CB   C N R 397 
THR OG1  O N N 398 
THR CG2  C N N 399 
THR OXT  O N N 400 
THR H    H N N 401 
THR H2   H N N 402 
THR HA   H N N 403 
THR HB   H N N 404 
THR HG1  H N N 405 
THR HG21 H N N 406 
THR HG22 H N N 407 
THR HG23 H N N 408 
THR HXT  H N N 409 
TRP N    N N N 410 
TRP CA   C N S 411 
TRP C    C N N 412 
TRP O    O N N 413 
TRP CB   C N N 414 
TRP CG   C Y N 415 
TRP CD1  C Y N 416 
TRP CD2  C Y N 417 
TRP NE1  N Y N 418 
TRP CE2  C Y N 419 
TRP CE3  C Y N 420 
TRP CZ2  C Y N 421 
TRP CZ3  C Y N 422 
TRP CH2  C Y N 423 
TRP OXT  O N N 424 
TRP H    H N N 425 
TRP H2   H N N 426 
TRP HA   H N N 427 
TRP HB2  H N N 428 
TRP HB3  H N N 429 
TRP HD1  H N N 430 
TRP HE1  H N N 431 
TRP HE3  H N N 432 
TRP HZ2  H N N 433 
TRP HZ3  H N N 434 
TRP HH2  H N N 435 
TRP HXT  H N N 436 
TYR N    N N N 437 
TYR CA   C N S 438 
TYR C    C N N 439 
TYR O    O N N 440 
TYR CB   C N N 441 
TYR CG   C Y N 442 
TYR CD1  C Y N 443 
TYR CD2  C Y N 444 
TYR CE1  C Y N 445 
TYR CE2  C Y N 446 
TYR CZ   C Y N 447 
TYR OH   O N N 448 
TYR OXT  O N N 449 
TYR H    H N N 450 
TYR H2   H N N 451 
TYR HA   H N N 452 
TYR HB2  H N N 453 
TYR HB3  H N N 454 
TYR HD1  H N N 455 
TYR HD2  H N N 456 
TYR HE1  H N N 457 
TYR HE2  H N N 458 
TYR HH   H N N 459 
TYR HXT  H N N 460 
VAL N    N N N 461 
VAL CA   C N S 462 
VAL C    C N N 463 
VAL O    O N N 464 
VAL CB   C N N 465 
VAL CG1  C N N 466 
VAL CG2  C N N 467 
VAL OXT  O N N 468 
VAL H    H N N 469 
VAL H2   H N N 470 
VAL HA   H N N 471 
VAL HB   H N N 472 
VAL HG11 H N N 473 
VAL HG12 H N N 474 
VAL HG13 H N N 475 
VAL HG21 H N N 476 
VAL HG22 H N N 477 
VAL HG23 H N N 478 
VAL HXT  H N N 479 
# 
loop_
_chem_comp_bond.comp_id 
_chem_comp_bond.atom_id_1 
_chem_comp_bond.atom_id_2 
_chem_comp_bond.value_order 
_chem_comp_bond.pdbx_aromatic_flag 
_chem_comp_bond.pdbx_stereo_config 
_chem_comp_bond.pdbx_ordinal 
ALA N   CA   sing N N 1   
ALA N   H    sing N N 2   
ALA N   H2   sing N N 3   
ALA CA  C    sing N N 4   
ALA CA  CB   sing N N 5   
ALA CA  HA   sing N N 6   
ALA C   O    doub N N 7   
ALA C   OXT  sing N N 8   
ALA CB  HB1  sing N N 9   
ALA CB  HB2  sing N N 10  
ALA CB  HB3  sing N N 11  
ALA OXT HXT  sing N N 12  
ARG N   CA   sing N N 13  
ARG N   H    sing N N 14  
ARG N   H2   sing N N 15  
ARG CA  C    sing N N 16  
ARG CA  CB   sing N N 17  
ARG CA  HA   sing N N 18  
ARG C   O    doub N N 19  
ARG C   OXT  sing N N 20  
ARG CB  CG   sing N N 21  
ARG CB  HB2  sing N N 22  
ARG CB  HB3  sing N N 23  
ARG CG  CD   sing N N 24  
ARG CG  HG2  sing N N 25  
ARG CG  HG3  sing N N 26  
ARG CD  NE   sing N N 27  
ARG CD  HD2  sing N N 28  
ARG CD  HD3  sing N N 29  
ARG NE  CZ   sing N N 30  
ARG NE  HE   sing N N 31  
ARG CZ  NH1  sing N N 32  
ARG CZ  NH2  doub N N 33  
ARG NH1 HH11 sing N N 34  
ARG NH1 HH12 sing N N 35  
ARG NH2 HH21 sing N N 36  
ARG NH2 HH22 sing N N 37  
ARG OXT HXT  sing N N 38  
ASN N   CA   sing N N 39  
ASN N   H    sing N N 40  
ASN N   H2   sing N N 41  
ASN CA  C    sing N N 42  
ASN CA  CB   sing N N 43  
ASN CA  HA   sing N N 44  
ASN C   O    doub N N 45  
ASN C   OXT  sing N N 46  
ASN CB  CG   sing N N 47  
ASN CB  HB2  sing N N 48  
ASN CB  HB3  sing N N 49  
ASN CG  OD1  doub N N 50  
ASN CG  ND2  sing N N 51  
ASN ND2 HD21 sing N N 52  
ASN ND2 HD22 sing N N 53  
ASN OXT HXT  sing N N 54  
ASP N   CA   sing N N 55  
ASP N   H    sing N N 56  
ASP N   H2   sing N N 57  
ASP CA  C    sing N N 58  
ASP CA  CB   sing N N 59  
ASP CA  HA   sing N N 60  
ASP C   O    doub N N 61  
ASP C   OXT  sing N N 62  
ASP CB  CG   sing N N 63  
ASP CB  HB2  sing N N 64  
ASP CB  HB3  sing N N 65  
ASP CG  OD1  doub N N 66  
ASP CG  OD2  sing N N 67  
ASP OD2 HD2  sing N N 68  
ASP OXT HXT  sing N N 69  
CYS N   CA   sing N N 70  
CYS N   H    sing N N 71  
CYS N   H2   sing N N 72  
CYS CA  C    sing N N 73  
CYS CA  CB   sing N N 74  
CYS CA  HA   sing N N 75  
CYS C   O    doub N N 76  
CYS C   OXT  sing N N 77  
CYS CB  SG   sing N N 78  
CYS CB  HB2  sing N N 79  
CYS CB  HB3  sing N N 80  
CYS SG  HG   sing N N 81  
CYS OXT HXT  sing N N 82  
EDO C1  O1   sing N N 83  
EDO C1  C2   sing N N 84  
EDO C1  H11  sing N N 85  
EDO C1  H12  sing N N 86  
EDO O1  HO1  sing N N 87  
EDO C2  O2   sing N N 88  
EDO C2  H21  sing N N 89  
EDO C2  H22  sing N N 90  
EDO O2  HO2  sing N N 91  
GLN N   CA   sing N N 92  
GLN N   H    sing N N 93  
GLN N   H2   sing N N 94  
GLN CA  C    sing N N 95  
GLN CA  CB   sing N N 96  
GLN CA  HA   sing N N 97  
GLN C   O    doub N N 98  
GLN C   OXT  sing N N 99  
GLN CB  CG   sing N N 100 
GLN CB  HB2  sing N N 101 
GLN CB  HB3  sing N N 102 
GLN CG  CD   sing N N 103 
GLN CG  HG2  sing N N 104 
GLN CG  HG3  sing N N 105 
GLN CD  OE1  doub N N 106 
GLN CD  NE2  sing N N 107 
GLN NE2 HE21 sing N N 108 
GLN NE2 HE22 sing N N 109 
GLN OXT HXT  sing N N 110 
GLU N   CA   sing N N 111 
GLU N   H    sing N N 112 
GLU N   H2   sing N N 113 
GLU CA  C    sing N N 114 
GLU CA  CB   sing N N 115 
GLU CA  HA   sing N N 116 
GLU C   O    doub N N 117 
GLU C   OXT  sing N N 118 
GLU CB  CG   sing N N 119 
GLU CB  HB2  sing N N 120 
GLU CB  HB3  sing N N 121 
GLU CG  CD   sing N N 122 
GLU CG  HG2  sing N N 123 
GLU CG  HG3  sing N N 124 
GLU CD  OE1  doub N N 125 
GLU CD  OE2  sing N N 126 
GLU OE2 HE2  sing N N 127 
GLU OXT HXT  sing N N 128 
GLY N   CA   sing N N 129 
GLY N   H    sing N N 130 
GLY N   H2   sing N N 131 
GLY CA  C    sing N N 132 
GLY CA  HA2  sing N N 133 
GLY CA  HA3  sing N N 134 
GLY C   O    doub N N 135 
GLY C   OXT  sing N N 136 
GLY OXT HXT  sing N N 137 
HOH O   H1   sing N N 138 
HOH O   H2   sing N N 139 
ILE N   CA   sing N N 140 
ILE N   H    sing N N 141 
ILE N   H2   sing N N 142 
ILE CA  C    sing N N 143 
ILE CA  CB   sing N N 144 
ILE CA  HA   sing N N 145 
ILE C   O    doub N N 146 
ILE C   OXT  sing N N 147 
ILE CB  CG1  sing N N 148 
ILE CB  CG2  sing N N 149 
ILE CB  HB   sing N N 150 
ILE CG1 CD1  sing N N 151 
ILE CG1 HG12 sing N N 152 
ILE CG1 HG13 sing N N 153 
ILE CG2 HG21 sing N N 154 
ILE CG2 HG22 sing N N 155 
ILE CG2 HG23 sing N N 156 
ILE CD1 HD11 sing N N 157 
ILE CD1 HD12 sing N N 158 
ILE CD1 HD13 sing N N 159 
ILE OXT HXT  sing N N 160 
LEU N   CA   sing N N 161 
LEU N   H    sing N N 162 
LEU N   H2   sing N N 163 
LEU CA  C    sing N N 164 
LEU CA  CB   sing N N 165 
LEU CA  HA   sing N N 166 
LEU C   O    doub N N 167 
LEU C   OXT  sing N N 168 
LEU CB  CG   sing N N 169 
LEU CB  HB2  sing N N 170 
LEU CB  HB3  sing N N 171 
LEU CG  CD1  sing N N 172 
LEU CG  CD2  sing N N 173 
LEU CG  HG   sing N N 174 
LEU CD1 HD11 sing N N 175 
LEU CD1 HD12 sing N N 176 
LEU CD1 HD13 sing N N 177 
LEU CD2 HD21 sing N N 178 
LEU CD2 HD22 sing N N 179 
LEU CD2 HD23 sing N N 180 
LEU OXT HXT  sing N N 181 
LYS N   CA   sing N N 182 
LYS N   H    sing N N 183 
LYS N   H2   sing N N 184 
LYS CA  C    sing N N 185 
LYS CA  CB   sing N N 186 
LYS CA  HA   sing N N 187 
LYS C   O    doub N N 188 
LYS C   OXT  sing N N 189 
LYS CB  CG   sing N N 190 
LYS CB  HB2  sing N N 191 
LYS CB  HB3  sing N N 192 
LYS CG  CD   sing N N 193 
LYS CG  HG2  sing N N 194 
LYS CG  HG3  sing N N 195 
LYS CD  CE   sing N N 196 
LYS CD  HD2  sing N N 197 
LYS CD  HD3  sing N N 198 
LYS CE  NZ   sing N N 199 
LYS CE  HE2  sing N N 200 
LYS CE  HE3  sing N N 201 
LYS NZ  HZ1  sing N N 202 
LYS NZ  HZ2  sing N N 203 
LYS NZ  HZ3  sing N N 204 
LYS OXT HXT  sing N N 205 
MET N   CA   sing N N 206 
MET N   H    sing N N 207 
MET N   H2   sing N N 208 
MET CA  C    sing N N 209 
MET CA  CB   sing N N 210 
MET CA  HA   sing N N 211 
MET C   O    doub N N 212 
MET C   OXT  sing N N 213 
MET CB  CG   sing N N 214 
MET CB  HB2  sing N N 215 
MET CB  HB3  sing N N 216 
MET CG  SD   sing N N 217 
MET CG  HG2  sing N N 218 
MET CG  HG3  sing N N 219 
MET SD  CE   sing N N 220 
MET CE  HE1  sing N N 221 
MET CE  HE2  sing N N 222 
MET CE  HE3  sing N N 223 
MET OXT HXT  sing N N 224 
P33 O22 C21  sing N N 225 
P33 O22 H22  sing N N 226 
P33 C21 C20  sing N N 227 
P33 C21 H211 sing N N 228 
P33 C21 H212 sing N N 229 
P33 C20 O19  sing N N 230 
P33 C20 H201 sing N N 231 
P33 C20 H202 sing N N 232 
P33 O19 C18  sing N N 233 
P33 C18 C17  sing N N 234 
P33 C18 H181 sing N N 235 
P33 C18 H182 sing N N 236 
P33 C17 O16  sing N N 237 
P33 C17 H171 sing N N 238 
P33 C17 H172 sing N N 239 
P33 O16 C15  sing N N 240 
P33 C15 C14  sing N N 241 
P33 C15 H151 sing N N 242 
P33 C15 H152 sing N N 243 
P33 C14 O13  sing N N 244 
P33 C14 H141 sing N N 245 
P33 C14 H142 sing N N 246 
P33 O13 C12  sing N N 247 
P33 C12 C11  sing N N 248 
P33 C12 H121 sing N N 249 
P33 C12 H122 sing N N 250 
P33 C11 O10  sing N N 251 
P33 C11 H111 sing N N 252 
P33 C11 H112 sing N N 253 
P33 O10 C9   sing N N 254 
P33 C9  C8   sing N N 255 
P33 C9  H91  sing N N 256 
P33 C9  H92  sing N N 257 
P33 C8  O7   sing N N 258 
P33 C8  H81  sing N N 259 
P33 C8  H82  sing N N 260 
P33 O7  C6   sing N N 261 
P33 C6  C5   sing N N 262 
P33 C6  H61  sing N N 263 
P33 C6  H62  sing N N 264 
P33 C5  O4   sing N N 265 
P33 C5  H51  sing N N 266 
P33 C5  H52  sing N N 267 
P33 O4  C3   sing N N 268 
P33 C3  C2   sing N N 269 
P33 C3  H31  sing N N 270 
P33 C3  H32  sing N N 271 
P33 C2  O1   sing N N 272 
P33 C2  H21  sing N N 273 
P33 C2  H22A sing N N 274 
P33 O1  HO1  sing N N 275 
PEG C1  O1   sing N N 276 
PEG C1  C2   sing N N 277 
PEG C1  H11  sing N N 278 
PEG C1  H12  sing N N 279 
PEG O1  HO1  sing N N 280 
PEG C2  O2   sing N N 281 
PEG C2  H21  sing N N 282 
PEG C2  H22  sing N N 283 
PEG O2  C3   sing N N 284 
PEG C3  C4   sing N N 285 
PEG C3  H31  sing N N 286 
PEG C3  H32  sing N N 287 
PEG C4  O4   sing N N 288 
PEG C4  H41  sing N N 289 
PEG C4  H42  sing N N 290 
PEG O4  HO4  sing N N 291 
PG4 O1  C1   sing N N 292 
PG4 O1  HO1  sing N N 293 
PG4 C1  C2   sing N N 294 
PG4 C1  H11  sing N N 295 
PG4 C1  H12  sing N N 296 
PG4 C2  O2   sing N N 297 
PG4 C2  H21  sing N N 298 
PG4 C2  H22  sing N N 299 
PG4 O2  C3   sing N N 300 
PG4 C3  C4   sing N N 301 
PG4 C3  H31  sing N N 302 
PG4 C3  H32  sing N N 303 
PG4 C4  O3   sing N N 304 
PG4 C4  H41  sing N N 305 
PG4 C4  H42  sing N N 306 
PG4 O3  C5   sing N N 307 
PG4 C5  C6   sing N N 308 
PG4 C5  H51  sing N N 309 
PG4 C5  H52  sing N N 310 
PG4 C6  O4   sing N N 311 
PG4 C6  H61  sing N N 312 
PG4 C6  H62  sing N N 313 
PG4 O4  C7   sing N N 314 
PG4 C7  C8   sing N N 315 
PG4 C7  H71  sing N N 316 
PG4 C7  H72  sing N N 317 
PG4 C8  O5   sing N N 318 
PG4 C8  H81  sing N N 319 
PG4 C8  H82  sing N N 320 
PG4 O5  HO5  sing N N 321 
PHE N   CA   sing N N 322 
PHE N   H    sing N N 323 
PHE N   H2   sing N N 324 
PHE CA  C    sing N N 325 
PHE CA  CB   sing N N 326 
PHE CA  HA   sing N N 327 
PHE C   O    doub N N 328 
PHE C   OXT  sing N N 329 
PHE CB  CG   sing N N 330 
PHE CB  HB2  sing N N 331 
PHE CB  HB3  sing N N 332 
PHE CG  CD1  doub Y N 333 
PHE CG  CD2  sing Y N 334 
PHE CD1 CE1  sing Y N 335 
PHE CD1 HD1  sing N N 336 
PHE CD2 CE2  doub Y N 337 
PHE CD2 HD2  sing N N 338 
PHE CE1 CZ   doub Y N 339 
PHE CE1 HE1  sing N N 340 
PHE CE2 CZ   sing Y N 341 
PHE CE2 HE2  sing N N 342 
PHE CZ  HZ   sing N N 343 
PHE OXT HXT  sing N N 344 
PRO N   CA   sing N N 345 
PRO N   CD   sing N N 346 
PRO N   H    sing N N 347 
PRO CA  C    sing N N 348 
PRO CA  CB   sing N N 349 
PRO CA  HA   sing N N 350 
PRO C   O    doub N N 351 
PRO C   OXT  sing N N 352 
PRO CB  CG   sing N N 353 
PRO CB  HB2  sing N N 354 
PRO CB  HB3  sing N N 355 
PRO CG  CD   sing N N 356 
PRO CG  HG2  sing N N 357 
PRO CG  HG3  sing N N 358 
PRO CD  HD2  sing N N 359 
PRO CD  HD3  sing N N 360 
PRO OXT HXT  sing N N 361 
SER N   CA   sing N N 362 
SER N   H    sing N N 363 
SER N   H2   sing N N 364 
SER CA  C    sing N N 365 
SER CA  CB   sing N N 366 
SER CA  HA   sing N N 367 
SER C   O    doub N N 368 
SER C   OXT  sing N N 369 
SER CB  OG   sing N N 370 
SER CB  HB2  sing N N 371 
SER CB  HB3  sing N N 372 
SER OG  HG   sing N N 373 
SER OXT HXT  sing N N 374 
THR N   CA   sing N N 375 
THR N   H    sing N N 376 
THR N   H2   sing N N 377 
THR CA  C    sing N N 378 
THR CA  CB   sing N N 379 
THR CA  HA   sing N N 380 
THR C   O    doub N N 381 
THR C   OXT  sing N N 382 
THR CB  OG1  sing N N 383 
THR CB  CG2  sing N N 384 
THR CB  HB   sing N N 385 
THR OG1 HG1  sing N N 386 
THR CG2 HG21 sing N N 387 
THR CG2 HG22 sing N N 388 
THR CG2 HG23 sing N N 389 
THR OXT HXT  sing N N 390 
TRP N   CA   sing N N 391 
TRP N   H    sing N N 392 
TRP N   H2   sing N N 393 
TRP CA  C    sing N N 394 
TRP CA  CB   sing N N 395 
TRP CA  HA   sing N N 396 
TRP C   O    doub N N 397 
TRP C   OXT  sing N N 398 
TRP CB  CG   sing N N 399 
TRP CB  HB2  sing N N 400 
TRP CB  HB3  sing N N 401 
TRP CG  CD1  doub Y N 402 
TRP CG  CD2  sing Y N 403 
TRP CD1 NE1  sing Y N 404 
TRP CD1 HD1  sing N N 405 
TRP CD2 CE2  doub Y N 406 
TRP CD2 CE3  sing Y N 407 
TRP NE1 CE2  sing Y N 408 
TRP NE1 HE1  sing N N 409 
TRP CE2 CZ2  sing Y N 410 
TRP CE3 CZ3  doub Y N 411 
TRP CE3 HE3  sing N N 412 
TRP CZ2 CH2  doub Y N 413 
TRP CZ2 HZ2  sing N N 414 
TRP CZ3 CH2  sing Y N 415 
TRP CZ3 HZ3  sing N N 416 
TRP CH2 HH2  sing N N 417 
TRP OXT HXT  sing N N 418 
TYR N   CA   sing N N 419 
TYR N   H    sing N N 420 
TYR N   H2   sing N N 421 
TYR CA  C    sing N N 422 
TYR CA  CB   sing N N 423 
TYR CA  HA   sing N N 424 
TYR C   O    doub N N 425 
TYR C   OXT  sing N N 426 
TYR CB  CG   sing N N 427 
TYR CB  HB2  sing N N 428 
TYR CB  HB3  sing N N 429 
TYR CG  CD1  doub Y N 430 
TYR CG  CD2  sing Y N 431 
TYR CD1 CE1  sing Y N 432 
TYR CD1 HD1  sing N N 433 
TYR CD2 CE2  doub Y N 434 
TYR CD2 HD2  sing N N 435 
TYR CE1 CZ   doub Y N 436 
TYR CE1 HE1  sing N N 437 
TYR CE2 CZ   sing Y N 438 
TYR CE2 HE2  sing N N 439 
TYR CZ  OH   sing N N 440 
TYR OH  HH   sing N N 441 
TYR OXT HXT  sing N N 442 
VAL N   CA   sing N N 443 
VAL N   H    sing N N 444 
VAL N   H2   sing N N 445 
VAL CA  C    sing N N 446 
VAL CA  CB   sing N N 447 
VAL CA  HA   sing N N 448 
VAL C   O    doub N N 449 
VAL C   OXT  sing N N 450 
VAL CB  CG1  sing N N 451 
VAL CB  CG2  sing N N 452 
VAL CB  HB   sing N N 453 
VAL CG1 HG11 sing N N 454 
VAL CG1 HG12 sing N N 455 
VAL CG1 HG13 sing N N 456 
VAL CG2 HG21 sing N N 457 
VAL CG2 HG22 sing N N 458 
VAL CG2 HG23 sing N N 459 
VAL OXT HXT  sing N N 460 
# 
_atom_sites.entry_id                    5NIR 
_atom_sites.fract_transf_matrix[1][1]   -0.01125368 
_atom_sites.fract_transf_matrix[1][2]   -0.02380898 
_atom_sites.fract_transf_matrix[1][3]   -0.01695191 
_atom_sites.fract_transf_matrix[2][1]   -0.00948695 
_atom_sites.fract_transf_matrix[2][2]   -0.00465187 
_atom_sites.fract_transf_matrix[2][3]   0.01283155 
_atom_sites.fract_transf_matrix[3][1]   -0.00854324 
_atom_sites.fract_transf_matrix[3][2]   0.00678420 
_atom_sites.fract_transf_matrix[3][3]   -0.00385691 
_atom_sites.fract_transf_vector[1]      0.048183 
_atom_sites.fract_transf_vector[2]      0.282772 
_atom_sites.fract_transf_vector[3]      0.371304 
# 
loop_
_atom_type.symbol 
C 
N 
O 
S 
# 
loop_
_atom_site.group_PDB 
_atom_site.id 
_atom_site.type_symbol 
_atom_site.label_atom_id 
_atom_site.label_alt_id 
_atom_site.label_comp_id 
_atom_site.label_asym_id 
_atom_site.label_entity_id 
_atom_site.label_seq_id 
_atom_site.pdbx_PDB_ins_code 
_atom_site.Cartn_x 
_atom_site.Cartn_y 
_atom_site.Cartn_z 
_atom_site.occupancy 
_atom_site.B_iso_or_equiv 
_atom_site.pdbx_formal_charge 
_atom_site.auth_seq_id 
_atom_site.auth_comp_id 
_atom_site.auth_asym_id 
_atom_site.auth_atom_id 
_atom_site.pdbx_PDB_model_num 
ATOM   1    N N   . GLU A 1 6  ? 28.811  -5.599  1.084   1.00 55.24 ? 30  GLU A N   1 
ATOM   2    C CA  . GLU A 1 6  ? 29.014  -4.827  2.310   1.00 55.00 ? 30  GLU A CA  1 
ATOM   3    C C   . GLU A 1 6  ? 28.198  -5.401  3.483   1.00 57.50 ? 30  GLU A C   1 
ATOM   4    O O   . GLU A 1 6  ? 27.299  -6.225  3.271   1.00 56.75 ? 30  GLU A O   1 
ATOM   5    C CB  . GLU A 1 6  ? 28.681  -3.338  2.086   1.00 56.54 ? 30  GLU A CB  1 
ATOM   6    N N   . ALA A 1 7  ? 28.539  -4.984  4.721   1.00 52.06 ? 31  ALA A N   1 
ATOM   7    C CA  . ALA A 1 7  ? 27.867  -5.411  5.950   1.00 50.63 ? 31  ALA A CA  1 
ATOM   8    C C   . ALA A 1 7  ? 26.374  -5.033  5.938   1.00 49.46 ? 31  ALA A C   1 
ATOM   9    O O   . ALA A 1 7  ? 26.027  -3.860  5.774   1.00 47.78 ? 31  ALA A O   1 
ATOM   10   C CB  . ALA A 1 7  ? 28.554  -4.799  7.161   1.00 51.22 ? 31  ALA A CB  1 
ATOM   11   N N   . GLY A 1 8  ? 25.524  -6.045  6.070   1.00 44.64 ? 32  GLY A N   1 
ATOM   12   C CA  . GLY A 1 8  ? 24.072  -5.876  6.108   1.00 43.83 ? 32  GLY A CA  1 
ATOM   13   C C   . GLY A 1 8  ? 23.400  -5.768  4.748   1.00 45.18 ? 32  GLY A C   1 
ATOM   14   O O   . GLY A 1 8  ? 22.195  -5.498  4.674   1.00 44.64 ? 32  GLY A O   1 
ATOM   15   N N   . SER A 1 9  ? 24.159  -6.019  3.660   1.00 38.94 ? 33  SER A N   1 
ATOM   16   C CA  . SER A 1 9  ? 23.618  -5.941  2.302   1.00 36.87 ? 33  SER A CA  1 
ATOM   17   C C   . SER A 1 9  ? 22.730  -7.147  2.001   1.00 38.40 ? 33  SER A C   1 
ATOM   18   O O   . SER A 1 9  ? 22.862  -8.201  2.643   1.00 38.06 ? 33  SER A O   1 
ATOM   19   C CB  . SER A 1 9  ? 24.750  -5.800  1.284   1.00 38.40 ? 33  SER A CB  1 
ATOM   20   O OG  . SER A 1 9  ? 25.502  -6.992  1.164   1.00 45.56 ? 33  SER A OG  1 
ATOM   21   N N   . CYS A 1 10 ? 21.778  -6.971  1.070   1.00 32.28 ? 34  CYS A N   1 
ATOM   22   C CA  . CYS A 1 10 ? 20.812  -7.987  0.658   1.00 31.50 ? 34  CYS A CA  1 
ATOM   23   C C   . CYS A 1 10 ? 21.080  -8.444  -0.743  1.00 37.20 ? 34  CYS A C   1 
ATOM   24   O O   . CYS A 1 10 ? 21.595  -7.660  -1.536  1.00 35.20 ? 34  CYS A O   1 
ATOM   25   C CB  . CYS A 1 10 ? 19.390  -7.438  0.758   1.00 31.70 ? 34  CYS A CB  1 
ATOM   26   S SG  . CYS A 1 10 ? 18.959  -6.757  2.376   1.00 34.21 ? 34  CYS A SG  1 
ATOM   27   N N   . VAL A 1 11 ? 20.616  -9.654  -1.085  1.00 36.18 ? 35  VAL A N   1 
ATOM   28   C CA  . VAL A 1 11 ? 20.702  -10.228 -2.423  1.00 38.68 ? 35  VAL A CA  1 
ATOM   29   C C   . VAL A 1 11 ? 19.293  -10.624 -2.848  1.00 47.39 ? 35  VAL A C   1 
ATOM   30   O O   . VAL A 1 11 ? 18.611  -11.340 -2.112  1.00 49.39 ? 35  VAL A O   1 
ATOM   31   C CB  . VAL A 1 11 ? 21.698  -11.423 -2.530  1.00 43.66 ? 35  VAL A CB  1 
ATOM   32   C CG1 . VAL A 1 11 ? 21.635  -12.071 -3.911  1.00 43.82 ? 35  VAL A CG1 1 
ATOM   33   C CG2 . VAL A 1 11 ? 23.126  -10.996 -2.206  1.00 43.48 ? 35  VAL A CG2 1 
ATOM   34   N N   . GLN A 1 12 ? 18.848  -10.153 -4.016  1.00 44.59 ? 36  GLN A N   1 
ATOM   35   C CA  . GLN A 1 12 ? 17.532  -10.493 -4.562  1.00 45.03 ? 36  GLN A CA  1 
ATOM   36   C C   . GLN A 1 12 ? 17.604  -10.480 -6.085  1.00 48.92 ? 36  GLN A C   1 
ATOM   37   O O   . GLN A 1 12 ? 18.044  -9.484  -6.672  1.00 47.36 ? 36  GLN A O   1 
ATOM   38   C CB  . GLN A 1 12 ? 16.433  -9.533  -4.041  1.00 47.18 ? 36  GLN A CB  1 
ATOM   39   C CG  . GLN A 1 12 ? 14.994  -10.078 -4.133  1.00 67.02 ? 36  GLN A CG  1 
ATOM   40   C CD  . GLN A 1 12 ? 14.758  -11.379 -3.388  1.00 91.53 ? 36  GLN A CD  1 
ATOM   41   O OE1 . GLN A 1 12 ? 15.080  -11.527 -2.199  1.00 87.17 ? 36  GLN A OE1 1 
ATOM   42   N NE2 . GLN A 1 12 ? 14.163  -12.349 -4.075  1.00 84.70 ? 36  GLN A NE2 1 
ATOM   43   N N   . ASP A 1 13 ? 17.195  -11.611 -6.717  1.00 45.40 ? 37  ASP A N   1 
ATOM   44   C CA  . ASP A 1 13 ? 17.181  -11.814 -8.168  1.00 45.16 ? 37  ASP A CA  1 
ATOM   45   C C   . ASP A 1 13 ? 18.525  -11.453 -8.832  1.00 45.97 ? 37  ASP A C   1 
ATOM   46   O O   . ASP A 1 13 ? 18.555  -10.742 -9.832  1.00 45.79 ? 37  ASP A O   1 
ATOM   47   C CB  . ASP A 1 13 ? 15.995  -11.068 -8.813  1.00 47.10 ? 37  ASP A CB  1 
ATOM   48   N N   . GLY A 1 14 ? 19.613  -11.948 -8.251  1.00 41.68 ? 38  GLY A N   1 
ATOM   49   C CA  . GLY A 1 14 ? 20.968  -11.723 -8.743  1.00 40.21 ? 38  GLY A CA  1 
ATOM   50   C C   . GLY A 1 14 ? 21.555  -10.347 -8.472  1.00 40.77 ? 38  GLY A C   1 
ATOM   51   O O   . GLY A 1 14 ? 22.672  -10.082 -8.909  1.00 41.46 ? 38  GLY A O   1 
ATOM   52   N N   . GLN A 1 15 ? 20.822  -9.446  -7.778  1.00 31.58 ? 39  GLN A N   1 
ATOM   53   C CA  . GLN A 1 15 ? 21.346  -8.097  -7.475  1.00 29.12 ? 39  GLN A CA  1 
ATOM   54   C C   . GLN A 1 15 ? 21.703  -7.973  -6.007  1.00 32.24 ? 39  GLN A C   1 
ATOM   55   O O   . GLN A 1 15 ? 21.080  -8.643  -5.180  1.00 33.72 ? 39  GLN A O   1 
ATOM   56   C CB  . GLN A 1 15 ? 20.330  -7.008  -7.850  1.00 30.02 ? 39  GLN A CB  1 
ATOM   57   C CG  . GLN A 1 15 ? 19.981  -6.957  -9.320  1.00 41.46 ? 39  GLN A CG  1 
ATOM   58   C CD  . GLN A 1 15 ? 19.223  -5.702  -9.669  1.00 56.91 ? 39  GLN A CD  1 
ATOM   59   O OE1 . GLN A 1 15 ? 19.379  -4.639  -9.054  1.00 51.17 ? 39  GLN A OE1 1 
ATOM   60   N NE2 . GLN A 1 15 ? 18.370  -5.805  -10.663 1.00 55.22 ? 39  GLN A NE2 1 
ATOM   61   N N   . ARG A 1 16 ? 22.656  -7.092  -5.665  1.00 26.24 ? 40  ARG A N   1 
ATOM   62   C CA  . ARG A 1 16 ? 23.025  -6.825  -4.274  1.00 25.42 ? 40  ARG A CA  1 
ATOM   63   C C   . ARG A 1 16 ? 22.576  -5.426  -3.957  1.00 29.31 ? 40  ARG A C   1 
ATOM   64   O O   . ARG A 1 16 ? 22.694  -4.552  -4.808  1.00 27.72 ? 40  ARG A O   1 
ATOM   65   C CB  . ARG A 1 16 ? 24.527  -6.986  -4.017  1.00 28.57 ? 40  ARG A CB  1 
ATOM   66   C CG  . ARG A 1 16 ? 24.928  -6.741  -2.559  1.00 37.86 ? 40  ARG A CG  1 
ATOM   67   C CD  . ARG A 1 16 ? 26.361  -7.140  -2.218  1.00 46.51 ? 40  ARG A CD  1 
ATOM   68   N NE  . ARG A 1 16 ? 26.624  -8.560  -2.438  1.00 66.88 ? 40  ARG A NE  1 
ATOM   69   C CZ  . ARG A 1 16 ? 26.330  -9.528  -1.575  1.00 91.71 ? 40  ARG A CZ  1 
ATOM   70   N NH1 . ARG A 1 16 ? 25.727  -9.245  -0.426  1.00 83.29 ? 40  ARG A NH1 1 
ATOM   71   N NH2 . ARG A 1 16 ? 26.610  -10.791 -1.864  1.00 85.53 ? 40  ARG A NH2 1 
ATOM   72   N N   . TYR A 1 17 ? 21.952  -5.223  -2.793  1.00 25.85 ? 41  TYR A N   1 
ATOM   73   C CA  . TYR A 1 17 ? 21.438  -3.923  -2.385  1.00 25.19 ? 41  TYR A CA  1 
ATOM   74   C C   . TYR A 1 17 ? 22.119  -3.596  -1.099  1.00 29.95 ? 41  TYR A C   1 
ATOM   75   O O   . TYR A 1 17 ? 22.142  -4.454  -0.210  1.00 30.68 ? 41  TYR A O   1 
ATOM   76   C CB  . TYR A 1 17 ? 19.891  -3.961  -2.161  1.00 25.48 ? 41  TYR A CB  1 
ATOM   77   C CG  . TYR A 1 17 ? 19.114  -4.393  -3.379  1.00 25.53 ? 41  TYR A CG  1 
ATOM   78   C CD1 . TYR A 1 17 ? 18.923  -5.742  -3.663  1.00 27.37 ? 41  TYR A CD1 1 
ATOM   79   C CD2 . TYR A 1 17 ? 18.635  -3.459  -4.292  1.00 26.08 ? 41  TYR A CD2 1 
ATOM   80   C CE1 . TYR A 1 17 ? 18.237  -6.153  -4.800  1.00 27.49 ? 41  TYR A CE1 1 
ATOM   81   C CE2 . TYR A 1 17 ? 17.950  -3.862  -5.446  1.00 28.32 ? 41  TYR A CE2 1 
ATOM   82   C CZ  . TYR A 1 17 ? 17.783  -5.212  -5.704  1.00 32.94 ? 41  TYR A CZ  1 
ATOM   83   O OH  . TYR A 1 17 ? 17.101  -5.633  -6.818  1.00 38.69 ? 41  TYR A OH  1 
ATOM   84   N N   . ASN A 1 18 ? 22.626  -2.363  -0.965  1.00 27.00 ? 42  ASN A N   1 
ATOM   85   C CA  . ASN A 1 18 ? 23.265  -1.881  0.268   1.00 27.66 ? 42  ASN A CA  1 
ATOM   86   C C   . ASN A 1 18 ? 22.234  -1.901  1.390   1.00 33.64 ? 42  ASN A C   1 
ATOM   87   O O   . ASN A 1 18 ? 21.036  -1.664  1.147   1.00 30.19 ? 42  ASN A O   1 
ATOM   88   C CB  . ASN A 1 18 ? 23.707  -0.425  0.117   1.00 30.11 ? 42  ASN A CB  1 
ATOM   89   C CG  . ASN A 1 18 ? 25.202  -0.212  0.182   1.00 56.65 ? 42  ASN A CG  1 
ATOM   90   O OD1 . ASN A 1 18 ? 25.995  -1.045  -0.264  1.00 53.57 ? 42  ASN A OD1 1 
ATOM   91   N ND2 . ASN A 1 18 ? 25.613  0.956   0.669   1.00 45.22 ? 42  ASN A ND2 1 
ATOM   92   N N   . ASP A 1 19 ? 22.695  -2.136  2.630   1.00 31.36 ? 43  ASP A N   1 
ATOM   93   C CA  . ASP A 1 19 ? 21.785  -2.056  3.770   1.00 31.34 ? 43  ASP A CA  1 
ATOM   94   C C   . ASP A 1 19 ? 21.082  -0.720  3.755   1.00 32.68 ? 43  ASP A C   1 
ATOM   95   O O   . ASP A 1 19 ? 21.694  0.311   3.486   1.00 33.26 ? 43  ASP A O   1 
ATOM   96   C CB  . ASP A 1 19 ? 22.573  -2.229  5.092   1.00 34.88 ? 43  ASP A CB  1 
ATOM   97   C CG  . ASP A 1 19 ? 21.732  -2.125  6.358   1.00 48.07 ? 43  ASP A CG  1 
ATOM   98   O OD1 . ASP A 1 19 ? 20.578  -2.640  6.356   1.00 45.41 ? 43  ASP A OD1 1 
ATOM   99   O OD2 . ASP A 1 19 ? 22.226  -1.526  7.349   1.00 55.94 ? 43  ASP A OD2 1 
ATOM   100  N N   . LYS A 1 20 ? 19.748  -0.741  3.992   1.00 31.65 ? 44  LYS A N   1 
ATOM   101  C CA  . LYS A 1 20 ? 18.844  0.419   4.051   1.00 32.20 ? 44  LYS A CA  1 
ATOM   102  C C   . LYS A 1 20 ? 18.391  0.920   2.680   1.00 31.24 ? 44  LYS A C   1 
ATOM   103  O O   . LYS A 1 20 ? 17.654  1.889   2.616   1.00 29.86 ? 44  LYS A O   1 
ATOM   104  C CB  . LYS A 1 20 ? 19.365  1.599   4.915   1.00 36.73 ? 44  LYS A CB  1 
ATOM   105  C CG  . LYS A 1 20 ? 19.752  1.268   6.383   1.00 55.24 ? 44  LYS A CG  1 
ATOM   106  C CD  . LYS A 1 20 ? 18.900  0.204   7.106   1.00 71.01 ? 44  LYS A CD  1 
ATOM   107  C CE  . LYS A 1 20 ? 17.564  0.692   7.621   1.00 85.64 ? 44  LYS A CE  1 
ATOM   108  N NZ  . LYS A 1 20 ? 16.821  -0.402  8.296   1.00 94.51 ? 44  LYS A NZ  1 
ATOM   109  N N   . ASP A 1 21 ? 18.817  0.278   1.582   1.00 26.49 ? 45  ASP A N   1 
ATOM   110  C CA  . ASP A 1 21 ? 18.332  0.715   0.260   1.00 23.31 ? 45  ASP A CA  1 
ATOM   111  C C   . ASP A 1 21 ? 16.801  0.563   0.260   1.00 24.55 ? 45  ASP A C   1 
ATOM   112  O O   . ASP A 1 21 ? 16.312  -0.430  0.790   1.00 24.36 ? 45  ASP A O   1 
ATOM   113  C CB  . ASP A 1 21 ? 18.810  -0.273  -0.831  1.00 23.99 ? 45  ASP A CB  1 
ATOM   114  C CG  . ASP A 1 21 ? 20.127  0.097   -1.511  1.00 27.61 ? 45  ASP A CG  1 
ATOM   115  O OD1 . ASP A 1 21 ? 20.774  1.073   -1.068  1.00 24.10 ? 45  ASP A OD1 1 
ATOM   116  O OD2 . ASP A 1 21 ? 20.502  -0.595  -2.466  1.00 26.79 ? 45  ASP A OD2 1 
ATOM   117  N N   . VAL A 1 22 ? 16.122  1.438   -0.450  1.00 23.55 ? 46  VAL A N   1 
ATOM   118  C CA  . VAL A 1 22 ? 14.671  1.332   -0.696  1.00 23.71 ? 46  VAL A CA  1 
ATOM   119  C C   . VAL A 1 22 ? 14.499  1.349   -2.209  1.00 23.38 ? 46  VAL A C   1 
ATOM   120  O O   . VAL A 1 22 ? 15.035  2.228   -2.875  1.00 25.20 ? 46  VAL A O   1 
ATOM   121  C CB  . VAL A 1 22 ? 13.863  2.453   -0.005  1.00 28.06 ? 46  VAL A CB  1 
ATOM   122  C CG1 . VAL A 1 22 ? 12.382  2.352   -0.382  1.00 27.00 ? 46  VAL A CG1 1 
ATOM   123  C CG2 . VAL A 1 22 ? 14.031  2.381   1.512   1.00 28.08 ? 46  VAL A CG2 1 
ATOM   124  N N   . TRP A 1 23 ? 13.748  0.388   -2.757  1.00 21.85 ? 47  TRP A N   1 
ATOM   125  C CA  . TRP A 1 23 ? 13.562  0.367   -4.219  1.00 20.26 ? 47  TRP A CA  1 
ATOM   126  C C   . TRP A 1 23 ? 12.201  -0.222  -4.587  1.00 23.17 ? 47  TRP A C   1 
ATOM   127  O O   . TRP A 1 23 ? 11.592  -0.925  -3.766  1.00 23.19 ? 47  TRP A O   1 
ATOM   128  C CB  . TRP A 1 23 ? 14.707  -0.440  -4.930  1.00 18.72 ? 47  TRP A CB  1 
ATOM   129  C CG  . TRP A 1 23 ? 14.717  -1.928  -4.711  1.00 20.52 ? 47  TRP A CG  1 
ATOM   130  C CD1 . TRP A 1 23 ? 14.272  -2.895  -5.572  1.00 23.14 ? 47  TRP A CD1 1 
ATOM   131  C CD2 . TRP A 1 23 ? 15.171  -2.612  -3.538  1.00 21.02 ? 47  TRP A CD2 1 
ATOM   132  N NE1 . TRP A 1 23 ? 14.408  -4.137  -4.998  1.00 23.56 ? 47  TRP A NE1 1 
ATOM   133  C CE2 . TRP A 1 23 ? 14.953  -3.991  -3.742  1.00 24.80 ? 47  TRP A CE2 1 
ATOM   134  C CE3 . TRP A 1 23 ? 15.717  -2.180  -2.309  1.00 23.10 ? 47  TRP A CE3 1 
ATOM   135  C CZ2 . TRP A 1 23 ? 15.310  -4.956  -2.791  1.00 24.91 ? 47  TRP A CZ2 1 
ATOM   136  C CZ3 . TRP A 1 23 ? 16.081  -3.139  -1.372  1.00 24.76 ? 47  TRP A CZ3 1 
ATOM   137  C CH2 . TRP A 1 23 ? 15.864  -4.503  -1.608  1.00 26.09 ? 47  TRP A CH2 1 
ATOM   138  N N   . LYS A 1 24 ? 11.781  0.004   -5.837  1.00 21.70 ? 48  LYS A N   1 
ATOM   139  C CA  . LYS A 1 24 ? 10.552  -0.602  -6.356  1.00 21.64 ? 48  LYS A CA  1 
ATOM   140  C C   . LYS A 1 24 ? 10.949  -1.505  -7.512  1.00 23.64 ? 48  LYS A C   1 
ATOM   141  O O   . LYS A 1 24 ? 11.242  -0.973  -8.592  1.00 23.62 ? 48  LYS A O   1 
ATOM   142  C CB  . LYS A 1 24 ? 9.550   0.453   -6.803  1.00 22.66 ? 48  LYS A CB  1 
ATOM   143  C CG  . LYS A 1 24 ? 9.086   1.310   -5.606  1.00 26.66 ? 48  LYS A CG  1 
ATOM   144  C CD  . LYS A 1 24 ? 8.111   2.398   -5.979  1.00 34.03 ? 48  LYS A CD  1 
ATOM   145  C CE  . LYS A 1 24 ? 6.784   1.842   -6.410  1.00 41.03 ? 48  LYS A CE  1 
ATOM   146  N NZ  . LYS A 1 24 ? 6.039   2.787   -7.296  1.00 41.32 ? 48  LYS A NZ  1 
ATOM   147  N N   . PRO A 1 25 ? 10.957  -2.843  -7.336  1.00 22.57 ? 49  PRO A N   1 
ATOM   148  C CA  . PRO A 1 25 ? 11.278  -3.719  -8.479  1.00 22.70 ? 49  PRO A CA  1 
ATOM   149  C C   . PRO A 1 25 ? 10.194  -3.690  -9.566  1.00 27.22 ? 49  PRO A C   1 
ATOM   150  O O   . PRO A 1 25 ? 10.464  -4.013  -10.727 1.00 28.21 ? 49  PRO A O   1 
ATOM   151  C CB  . PRO A 1 25 ? 11.470  -5.087  -7.856  1.00 24.64 ? 49  PRO A CB  1 
ATOM   152  C CG  . PRO A 1 25 ? 10.674  -5.050  -6.573  1.00 29.04 ? 49  PRO A CG  1 
ATOM   153  C CD  . PRO A 1 25 ? 10.671  -3.624  -6.108  1.00 23.34 ? 49  PRO A CD  1 
ATOM   154  N N   A GLU A 1 26 ? 8.958   -3.324  -9.180  0.50 21.86 ? 50  GLU A N   1 
ATOM   155  N N   B GLU A 1 26 ? 8.970   -3.307  -9.160  0.50 22.50 ? 50  GLU A N   1 
ATOM   156  C CA  A GLU A 1 26 ? 7.810   -3.102  -10.066 0.50 20.91 ? 50  GLU A CA  1 
ATOM   157  C CA  B GLU A 1 26 ? 7.770   -3.141  -9.979  0.50 21.84 ? 50  GLU A CA  1 
ATOM   158  C C   A GLU A 1 26 ? 7.037   -1.882  -9.503  0.50 24.12 ? 50  GLU A C   1 
ATOM   159  C C   B GLU A 1 26 ? 7.043   -1.867  -9.488  0.50 24.53 ? 50  GLU A C   1 
ATOM   160  O O   A GLU A 1 26 ? 7.197   -1.570  -8.316  0.50 23.44 ? 50  GLU A O   1 
ATOM   161  O O   B GLU A 1 26 ? 7.173   -1.547  -8.301  0.50 23.78 ? 50  GLU A O   1 
ATOM   162  C CB  A GLU A 1 26 ? 6.877   -4.330  -10.150 0.50 22.07 ? 50  GLU A CB  1 
ATOM   163  C CB  B GLU A 1 26 ? 6.817   -4.338  -9.748  0.50 23.09 ? 50  GLU A CB  1 
ATOM   164  C CG  A GLU A 1 26 ? 7.511   -5.574  -10.760 0.50 26.61 ? 50  GLU A CG  1 
ATOM   165  C CG  B GLU A 1 26 ? 7.416   -5.709  -10.047 0.50 30.93 ? 50  GLU A CG  1 
ATOM   166  C CD  A GLU A 1 26 ? 8.257   -6.464  -9.780  0.50 39.78 ? 50  GLU A CD  1 
ATOM   167  C CD  B GLU A 1 26 ? 7.480   -6.096  -11.512 0.50 43.83 ? 50  GLU A CD  1 
ATOM   168  O OE1 A GLU A 1 26 ? 7.920   -6.446  -8.574  0.50 31.56 ? 50  GLU A OE1 1 
ATOM   169  O OE1 B GLU A 1 26 ? 7.059   -5.286  -12.369 0.50 32.12 ? 50  GLU A OE1 1 
ATOM   170  O OE2 A GLU A 1 26 ? 9.164   -7.203  -10.225 0.50 36.29 ? 50  GLU A OE2 1 
ATOM   171  O OE2 B GLU A 1 26 ? 7.946   -7.220  -11.802 0.50 34.02 ? 50  GLU A OE2 1 
ATOM   172  N N   . PRO A 1 27 ? 6.194   -1.201  -10.308 1.00 22.61 ? 51  PRO A N   1 
ATOM   173  C CA  . PRO A 1 27 ? 5.452   -0.012  -9.793  1.00 23.56 ? 51  PRO A CA  1 
ATOM   174  C C   . PRO A 1 27 ? 4.582   -0.268  -8.551  1.00 23.08 ? 51  PRO A C   1 
ATOM   175  O O   . PRO A 1 27 ? 4.419   0.644   -7.739  1.00 22.94 ? 51  PRO A O   1 
ATOM   176  C CB  . PRO A 1 27 ? 4.579   0.416   -10.986 1.00 26.28 ? 51  PRO A CB  1 
ATOM   177  C CG  . PRO A 1 27 ? 5.341   -0.111  -12.200 1.00 29.08 ? 51  PRO A CG  1 
ATOM   178  C CD  . PRO A 1 27 ? 5.926   -1.406  -11.763 1.00 25.72 ? 51  PRO A CD  1 
ATOM   179  N N   . CYS A 1 28 ? 4.074   -1.503  -8.380  1.00 21.85 ? 52  CYS A N   1 
ATOM   180  C CA  . CYS A 1 28 ? 3.210   -1.895  -7.248  1.00 20.74 ? 52  CYS A CA  1 
ATOM   181  C C   . CYS A 1 28 ? 3.937   -2.706  -6.190  1.00 22.41 ? 52  CYS A C   1 
ATOM   182  O O   . CYS A 1 28 ? 3.295   -3.420  -5.406  1.00 22.64 ? 52  CYS A O   1 
ATOM   183  C CB  . CYS A 1 28 ? 1.942   -2.601  -7.733  1.00 21.60 ? 52  CYS A CB  1 
ATOM   184  S SG  . CYS A 1 28 ? 0.985   -1.624  -8.917  1.00 24.24 ? 52  CYS A SG  1 
ATOM   185  N N   . ARG A 1 29 ? 5.287   -2.630  -6.150  1.00 21.46 ? 53  ARG A N   1 
ATOM   186  C CA  . ARG A 1 29 ? 5.997   -3.360  -5.117  1.00 20.35 ? 53  ARG A CA  1 
ATOM   187  C C   . ARG A 1 29 ? 7.097   -2.439  -4.578  1.00 23.95 ? 53  ARG A C   1 
ATOM   188  O O   . ARG A 1 29 ? 7.825   -1.820  -5.354  1.00 21.79 ? 53  ARG A O   1 
ATOM   189  C CB  . ARG A 1 29 ? 6.562   -4.693  -5.613  1.00 21.35 ? 53  ARG A CB  1 
ATOM   190  C CG  . ARG A 1 29 ? 7.359   -5.447  -4.545  1.00 23.30 ? 53  ARG A CG  1 
ATOM   191  C CD  . ARG A 1 29 ? 7.701   -6.879  -4.983  1.00 25.77 ? 53  ARG A CD  1 
ATOM   192  N NE  . ARG A 1 29 ? 6.491   -7.704  -4.971  1.00 35.15 ? 53  ARG A NE  1 
ATOM   193  C CZ  . ARG A 1 29 ? 6.406   -8.972  -5.356  1.00 49.92 ? 53  ARG A CZ  1 
ATOM   194  N NH1 . ARG A 1 29 ? 7.466   -9.600  -5.850  1.00 42.38 ? 53  ARG A NH1 1 
ATOM   195  N NH2 . ARG A 1 29 ? 5.247   -9.615  -5.279  1.00 35.91 ? 53  ARG A NH2 1 
ATOM   196  N N   . ILE A 1 30 ? 7.193   -2.344  -3.251  1.00 21.19 ? 54  ILE A N   1 
ATOM   197  C CA  . ILE A 1 30 ? 8.181   -1.479  -2.608  1.00 21.08 ? 54  ILE A CA  1 
ATOM   198  C C   . ILE A 1 30 ? 8.958   -2.323  -1.621  1.00 25.16 ? 54  ILE A C   1 
ATOM   199  O O   . ILE A 1 30 ? 8.368   -3.029  -0.795  1.00 24.21 ? 54  ILE A O   1 
ATOM   200  C CB  . ILE A 1 30 ? 7.599   -0.169  -2.026  1.00 24.92 ? 54  ILE A CB  1 
ATOM   201  C CG1 . ILE A 1 30 ? 8.769   0.790   -1.572  1.00 26.04 ? 54  ILE A CG1 1 
ATOM   202  C CG2 . ILE A 1 30 ? 6.558   -0.483  -0.901  1.00 27.49 ? 54  ILE A CG2 1 
ATOM   203  C CD1 . ILE A 1 30 ? 8.388   2.256   -1.224  1.00 34.25 ? 54  ILE A CD1 1 
ATOM   204  N N   . CYS A 1 31 ? 10.307  -2.256  -1.733  1.00 22.95 ? 55  CYS A N   1 
ATOM   205  C CA  . CYS A 1 31 ? 11.243  -3.086  -0.976  1.00 23.53 ? 55  CYS A CA  1 
ATOM   206  C C   . CYS A 1 31 ? 12.246  -2.277  -0.177  1.00 26.90 ? 55  CYS A C   1 
ATOM   207  O O   . CYS A 1 31 ? 12.591  -1.148  -0.529  1.00 25.94 ? 55  CYS A O   1 
ATOM   208  C CB  . CYS A 1 31 ? 11.985  -4.042  -1.915  1.00 24.83 ? 55  CYS A CB  1 
ATOM   209  S SG  . CYS A 1 31 ? 10.937  -5.201  -2.826  1.00 28.04 ? 55  CYS A SG  1 
ATOM   210  N N   . VAL A 1 32 ? 12.698  -2.876  0.917   1.00 26.10 ? 56  VAL A N   1 
ATOM   211  C CA  . VAL A 1 32 ? 13.750  -2.342  1.776   1.00 27.44 ? 56  VAL A CA  1 
ATOM   212  C C   . VAL A 1 32 ? 14.716  -3.465  2.115   1.00 28.39 ? 56  VAL A C   1 
ATOM   213  O O   . VAL A 1 32 ? 14.315  -4.628  2.289   1.00 28.03 ? 56  VAL A O   1 
ATOM   214  C CB  . VAL A 1 32 ? 13.240  -1.551  3.025   1.00 33.70 ? 56  VAL A CB  1 
ATOM   215  C CG1 . VAL A 1 32 ? 12.574  -2.478  4.050   1.00 34.17 ? 56  VAL A CG1 1 
ATOM   216  C CG2 . VAL A 1 32 ? 14.380  -0.764  3.683   1.00 33.82 ? 56  VAL A CG2 1 
ATOM   217  N N   . CYS A 1 33 ? 16.023  -3.136  2.135   1.00 27.70 ? 57  CYS A N   1 
ATOM   218  C CA  . CYS A 1 33 ? 17.016  -4.070  2.563   1.00 28.71 ? 57  CYS A CA  1 
ATOM   219  C C   . CYS A 1 33 ? 17.235  -3.779  4.050   1.00 32.56 ? 57  CYS A C   1 
ATOM   220  O O   . CYS A 1 33 ? 17.665  -2.687  4.400   1.00 29.50 ? 57  CYS A O   1 
ATOM   221  C CB  . CYS A 1 33 ? 18.318  -3.919  1.786   1.00 29.90 ? 57  CYS A CB  1 
ATOM   222  S SG  . CYS A 1 33 ? 19.664  -4.878  2.524   1.00 34.01 ? 57  CYS A SG  1 
ATOM   223  N N   . ASP A 1 34 ? 16.874  -4.722  4.897   1.00 33.87 ? 58  ASP A N   1 
ATOM   224  C CA  . ASP A 1 34 ? 17.004  -4.564  6.345   1.00 34.18 ? 58  ASP A CA  1 
ATOM   225  C C   . ASP A 1 34 ? 17.924  -5.646  6.906   1.00 38.97 ? 58  ASP A C   1 
ATOM   226  O O   . ASP A 1 34 ? 17.503  -6.793  7.077   1.00 38.86 ? 58  ASP A O   1 
ATOM   227  C CB  . ASP A 1 34 ? 15.609  -4.584  6.998   1.00 36.69 ? 58  ASP A CB  1 
ATOM   228  C CG  . ASP A 1 34 ? 15.626  -4.589  8.519   1.00 48.41 ? 58  ASP A CG  1 
ATOM   229  O OD1 . ASP A 1 34 ? 16.454  -3.841  9.111   1.00 46.62 ? 58  ASP A OD1 1 
ATOM   230  O OD2 . ASP A 1 34 ? 14.798  -5.310  9.114   1.00 52.89 ? 58  ASP A OD2 1 
ATOM   231  N N   . THR A 1 35 ? 19.209  -5.290  7.119   1.00 37.83 ? 59  THR A N   1 
ATOM   232  C CA  . THR A 1 35 ? 20.269  -6.170  7.676   1.00 38.26 ? 59  THR A CA  1 
ATOM   233  C C   . THR A 1 35 ? 20.292  -7.571  7.047   1.00 43.00 ? 59  THR A C   1 
ATOM   234  O O   . THR A 1 35 ? 20.164  -8.593  7.744   1.00 44.05 ? 59  THR A O   1 
ATOM   235  C CB  . THR A 1 35 ? 20.157  -6.212  9.221   1.00 44.81 ? 59  THR A CB  1 
ATOM   236  O OG1 . THR A 1 35 ? 19.712  -4.940  9.673   1.00 45.99 ? 59  THR A OG1 1 
ATOM   237  C CG2 . THR A 1 35 ? 21.488  -6.546  9.902   1.00 43.44 ? 59  THR A CG2 1 
ATOM   238  N N   . GLY A 1 36 ? 20.417  -7.611  5.720   1.00 36.49 ? 60  GLY A N   1 
ATOM   239  C CA  . GLY A 1 36 ? 20.465  -8.872  4.993   1.00 34.88 ? 60  GLY A CA  1 
ATOM   240  C C   . GLY A 1 36 ? 19.130  -9.444  4.592   1.00 36.60 ? 60  GLY A C   1 
ATOM   241  O O   . GLY A 1 36 ? 19.081  -10.377 3.789   1.00 36.60 ? 60  GLY A O   1 
ATOM   242  N N   . THR A 1 37 ? 18.026  -8.913  5.152   1.00 33.31 ? 61  THR A N   1 
ATOM   243  C CA  . THR A 1 37 ? 16.708  -9.435  4.807   1.00 32.26 ? 61  THR A CA  1 
ATOM   244  C C   . THR A 1 37 ? 15.959  -8.407  3.939   1.00 31.79 ? 61  THR A C   1 
ATOM   245  O O   . THR A 1 37 ? 15.829  -7.231  4.306   1.00 30.58 ? 61  THR A O   1 
ATOM   246  C CB  . THR A 1 37 ? 15.906  -9.801  6.076   1.00 43.36 ? 61  THR A CB  1 
ATOM   247  O OG1 . THR A 1 37 ? 16.619  -10.792 6.833   1.00 50.02 ? 61  THR A OG1 1 
ATOM   248  C CG2 . THR A 1 37 ? 14.498  -10.316 5.755   1.00 42.08 ? 61  THR A CG2 1 
ATOM   249  N N   . VAL A 1 38 ? 15.443  -8.883  2.823   1.00 30.67 ? 62  VAL A N   1 
ATOM   250  C CA  . VAL A 1 38 ? 14.671  -8.026  1.924   1.00 29.58 ? 62  VAL A CA  1 
ATOM   251  C C   . VAL A 1 38 ? 13.230  -8.055  2.448   1.00 31.80 ? 62  VAL A C   1 
ATOM   252  O O   . VAL A 1 38 ? 12.653  -9.144  2.553   1.00 32.58 ? 62  VAL A O   1 
ATOM   253  C CB  . VAL A 1 38 ? 14.724  -8.502  0.441   1.00 33.25 ? 62  VAL A CB  1 
ATOM   254  C CG1 . VAL A 1 38 ? 13.792  -7.672  -0.443  1.00 32.78 ? 62  VAL A CG1 1 
ATOM   255  C CG2 . VAL A 1 38 ? 16.139  -8.456  -0.119  1.00 32.79 ? 62  VAL A CG2 1 
ATOM   256  N N   . LEU A 1 39 ? 12.651  -6.877  2.704   1.00 28.61 ? 63  LEU A N   1 
ATOM   257  C CA  . LEU A 1 39 ? 11.243  -6.743  3.116   1.00 28.62 ? 63  LEU A CA  1 
ATOM   258  C C   . LEU A 1 39 ? 10.507  -5.993  2.000   1.00 28.23 ? 63  LEU A C   1 
ATOM   259  O O   . LEU A 1 39 ? 10.874  -4.865  1.708   1.00 27.41 ? 63  LEU A O   1 
ATOM   260  C CB  . LEU A 1 39 ? 11.113  -5.976  4.446   1.00 29.91 ? 63  LEU A CB  1 
ATOM   261  C CG  . LEU A 1 39 ? 11.892  -6.550  5.650   1.00 34.78 ? 63  LEU A CG  1 
ATOM   262  C CD1 . LEU A 1 39 ? 11.755  -5.645  6.854   1.00 36.75 ? 63  LEU A CD1 1 
ATOM   263  C CD2 . LEU A 1 39 ? 11.446  -7.956  5.980   1.00 35.38 ? 63  LEU A CD2 1 
ATOM   264  N N   . CYS A 1 40 ? 9.471   -6.599  1.400   1.00 25.99 ? 64  CYS A N   1 
ATOM   265  C CA  . CYS A 1 40 ? 8.707   -5.950  0.331   1.00 25.46 ? 64  CYS A CA  1 
ATOM   266  C C   . CYS A 1 40 ? 7.253   -5.928  0.679   1.00 28.84 ? 64  CYS A C   1 
ATOM   267  O O   . CYS A 1 40 ? 6.744   -6.930  1.149   1.00 29.56 ? 64  CYS A O   1 
ATOM   268  C CB  . CYS A 1 40 ? 8.893   -6.651  -1.015  1.00 26.18 ? 64  CYS A CB  1 
ATOM   269  S SG  . CYS A 1 40 ? 10.605  -6.771  -1.579  1.00 29.07 ? 64  CYS A SG  1 
ATOM   270  N N   . ASP A 1 41 ? 6.578   -4.841  0.352   1.00 23.21 ? 65  ASP A N   1 
ATOM   271  C CA  . ASP A 1 41 ? 5.109   -4.777  0.439   1.00 22.38 ? 65  ASP A CA  1 
ATOM   272  C C   . ASP A 1 41 ? 4.588   -4.632  -0.996  1.00 26.84 ? 65  ASP A C   1 
ATOM   273  O O   . ASP A 1 41 ? 5.232   -3.971  -1.815  1.00 25.27 ? 65  ASP A O   1 
ATOM   274  C CB  . ASP A 1 41 ? 4.662   -3.528  1.204   1.00 22.85 ? 65  ASP A CB  1 
ATOM   275  C CG  . ASP A 1 41 ? 4.766   -3.596  2.712   1.00 23.81 ? 65  ASP A CG  1 
ATOM   276  O OD1 . ASP A 1 41 ? 5.234   -4.614  3.224   1.00 25.37 ? 65  ASP A OD1 1 
ATOM   277  O OD2 . ASP A 1 41 ? 4.461   -2.585  3.366   1.00 29.79 ? 65  ASP A OD2 1 
ATOM   278  N N   . ASP A 1 42 ? 3.401   -5.185  -1.287  1.00 22.21 ? 66  ASP A N   1 
ATOM   279  C CA  . ASP A 1 42 ? 2.765   -4.878  -2.548  1.00 21.68 ? 66  ASP A CA  1 
ATOM   280  C C   . ASP A 1 42 ? 1.804   -3.710  -2.321  1.00 25.08 ? 66  ASP A C   1 
ATOM   281  O O   . ASP A 1 42 ? 1.377   -3.480  -1.200  1.00 26.28 ? 66  ASP A O   1 
ATOM   282  C CB  . ASP A 1 42 ? 2.054   -6.096  -3.128  1.00 23.15 ? 66  ASP A CB  1 
ATOM   283  C CG  . ASP A 1 42 ? 3.051   -7.067  -3.727  1.00 29.00 ? 66  ASP A CG  1 
ATOM   284  O OD1 . ASP A 1 42 ? 4.218   -6.662  -3.940  1.00 29.57 ? 66  ASP A OD1 1 
ATOM   285  O OD2 . ASP A 1 42 ? 2.680   -8.220  -3.949  1.00 33.60 ? 66  ASP A OD2 1 
ATOM   286  N N   . ILE A 1 43 ? 1.451   -3.004  -3.378  1.00 20.55 ? 67  ILE A N   1 
ATOM   287  C CA  . ILE A 1 43 ? 0.567   -1.871  -3.309  1.00 21.38 ? 67  ILE A CA  1 
ATOM   288  C C   . ILE A 1 43 ? -0.721  -2.274  -3.968  1.00 24.03 ? 67  ILE A C   1 
ATOM   289  O O   . ILE A 1 43 ? -0.717  -2.808  -5.092  1.00 23.98 ? 67  ILE A O   1 
ATOM   290  C CB  . ILE A 1 43 ? 1.236   -0.651  -3.993  1.00 24.93 ? 67  ILE A CB  1 
ATOM   291  C CG1 . ILE A 1 43 ? 2.548   -0.247  -3.241  1.00 26.88 ? 67  ILE A CG1 1 
ATOM   292  C CG2 . ILE A 1 43 ? 0.294   0.511   -4.125  1.00 25.40 ? 67  ILE A CG2 1 
ATOM   293  C CD1 . ILE A 1 43 ? 3.491   0.469   -4.081  1.00 33.80 ? 67  ILE A CD1 1 
ATOM   294  N N   . ILE A 1 44 ? -1.808  -1.982  -3.278  1.00 20.93 ? 68  ILE A N   1 
ATOM   295  C CA  . ILE A 1 44 ? -3.176  -2.238  -3.739  1.00 22.76 ? 68  ILE A CA  1 
ATOM   296  C C   . ILE A 1 44 ? -3.882  -0.911  -3.922  1.00 25.45 ? 68  ILE A C   1 
ATOM   297  O O   . ILE A 1 44 ? -3.786  -0.032  -3.083  1.00 23.91 ? 68  ILE A O   1 
ATOM   298  C CB  . ILE A 1 44 ? -3.925  -3.222  -2.799  1.00 26.91 ? 68  ILE A CB  1 
ATOM   299  C CG1 . ILE A 1 44 ? -4.077  -2.691  -1.348  1.00 29.00 ? 68  ILE A CG1 1 
ATOM   300  C CG2 . ILE A 1 44 ? -3.249  -4.605  -2.827  1.00 29.25 ? 68  ILE A CG2 1 
ATOM   301  C CD1 . ILE A 1 44 ? -4.986  -3.666  -0.371  1.00 46.63 ? 68  ILE A CD1 1 
ATOM   302  N N   . CYS A 1 45 ? -4.544  -0.734  -5.061  1.00 22.78 ? 69  CYS A N   1 
ATOM   303  C CA  . CYS A 1 45 ? -5.185  0.554   -5.336  1.00 22.20 ? 69  CYS A CA  1 
ATOM   304  C C   . CYS A 1 45 ? -6.611  0.459   -4.903  1.00 28.21 ? 69  CYS A C   1 
ATOM   305  O O   . CYS A 1 45 ? -7.317  -0.481  -5.299  1.00 29.65 ? 69  CYS A O   1 
ATOM   306  C CB  . CYS A 1 45 ? -5.113  0.905   -6.828  1.00 22.20 ? 69  CYS A CB  1 
ATOM   307  S SG  . CYS A 1 45 ? -3.467  0.802   -7.551  1.00 26.19 ? 69  CYS A SG  1 
ATOM   308  N N   . GLU A 1 46 ? -7.039  1.408   -4.129  1.00 25.60 ? 70  GLU A N   1 
ATOM   309  C CA  . GLU A 1 46 ? -8.453  1.485   -3.764  1.00 26.25 ? 70  GLU A CA  1 
ATOM   310  C C   . GLU A 1 46 ? -9.101  2.519   -4.653  1.00 29.78 ? 70  GLU A C   1 
ATOM   311  O O   . GLU A 1 46 ? -8.880  3.741   -4.503  1.00 26.73 ? 70  GLU A O   1 
ATOM   312  C CB  . GLU A 1 46 ? -8.623  1.815   -2.282  1.00 27.99 ? 70  GLU A CB  1 
ATOM   313  C CG  . GLU A 1 46 ? -10.087 1.984   -1.923  1.00 38.35 ? 70  GLU A CG  1 
ATOM   314  C CD  . GLU A 1 46 ? -10.409 1.968   -0.450  1.00 57.46 ? 70  GLU A CD  1 
ATOM   315  O OE1 . GLU A 1 46 ? -9.476  1.755   0.359   1.00 40.75 ? 70  GLU A OE1 1 
ATOM   316  O OE2 . GLU A 1 46 ? -11.594 2.187   -0.106  1.00 51.21 ? 70  GLU A OE2 1 
ATOM   317  N N   . ASP A 1 47 ? -9.909  2.033   -5.596  1.00 29.94 ? 71  ASP A N   1 
ATOM   318  C CA  . ASP A 1 47 ? -10.586 2.887   -6.561  1.00 31.73 ? 71  ASP A CA  1 
ATOM   319  C C   . ASP A 1 47 ? -11.961 3.228   -6.032  1.00 40.39 ? 71  ASP A C   1 
ATOM   320  O O   . ASP A 1 47 ? -12.870 2.417   -6.047  1.00 39.38 ? 71  ASP A O   1 
ATOM   321  C CB  . ASP A 1 47 ? -10.589 2.266   -7.965  1.00 33.60 ? 71  ASP A CB  1 
ATOM   322  C CG  . ASP A 1 47 ? -9.200  1.945   -8.466  1.00 38.64 ? 71  ASP A CG  1 
ATOM   323  O OD1 . ASP A 1 47 ? -8.251  2.739   -8.177  1.00 37.58 ? 71  ASP A OD1 1 
ATOM   324  O OD2 . ASP A 1 47 ? -9.033  0.880   -9.082  1.00 43.19 ? 71  ASP A OD2 1 
ATOM   325  N N   . VAL A 1 48 ? -12.022 4.394   -5.396  1.00 41.24 ? 72  VAL A N   1 
ATOM   326  C CA  . VAL A 1 48 ? -13.176 4.962   -4.702  1.00 43.35 ? 72  VAL A CA  1 
ATOM   327  C C   . VAL A 1 48 ? -14.333 5.387   -5.648  1.00 50.61 ? 72  VAL A C   1 
ATOM   328  O O   . VAL A 1 48 ? -15.462 5.559   -5.184  1.00 50.32 ? 72  VAL A O   1 
ATOM   329  C CB  . VAL A 1 48 ? -12.700 6.134   -3.782  1.00 47.30 ? 72  VAL A CB  1 
ATOM   330  C CG1 . VAL A 1 48 ? -11.481 5.727   -2.948  1.00 45.95 ? 72  VAL A CG1 1 
ATOM   331  C CG2 . VAL A 1 48 ? -12.388 7.395   -4.593  1.00 47.31 ? 72  VAL A CG2 1 
ATOM   332  N N   . LYS A 1 49 ? -14.043 5.586   -6.945  1.00 49.28 ? 73  LYS A N   1 
ATOM   333  C CA  . LYS A 1 49 ? -15.023 6.000   -7.936  1.00 50.33 ? 73  LYS A CA  1 
ATOM   334  C C   . LYS A 1 49 ? -14.766 5.425   -9.324  1.00 54.48 ? 73  LYS A C   1 
ATOM   335  O O   . LYS A 1 49 ? -13.607 5.279   -9.737  1.00 54.88 ? 73  LYS A O   1 
ATOM   336  C CB  . LYS A 1 49 ? -15.080 7.535   -8.021  1.00 53.71 ? 73  LYS A CB  1 
ATOM   337  N N   . ASP A 1 50 ? -15.863 5.143   -10.063 1.00 47.89 ? 74  ASP A N   1 
ATOM   338  C CA  . ASP A 1 50 ? -15.776 4.721   -11.452 1.00 45.95 ? 74  ASP A CA  1 
ATOM   339  C C   . ASP A 1 50 ? -15.431 5.993   -12.236 1.00 47.11 ? 74  ASP A C   1 
ATOM   340  O O   . ASP A 1 50 ? -16.069 7.026   -12.068 1.00 49.68 ? 74  ASP A O   1 
ATOM   341  C CB  . ASP A 1 50 ? -17.074 4.056   -11.930 1.00 47.58 ? 74  ASP A CB  1 
ATOM   342  C CG  . ASP A 1 50 ? -17.360 2.723   -11.250 1.00 59.56 ? 74  ASP A CG  1 
ATOM   343  O OD1 . ASP A 1 50 ? -16.398 2.079   -10.767 1.00 59.86 ? 74  ASP A OD1 1 
ATOM   344  O OD2 . ASP A 1 50 ? -18.545 2.336   -11.179 1.00 65.83 ? 74  ASP A OD2 1 
ATOM   345  N N   . CYS A 1 51 ? -14.347 5.935   -12.992 1.00 38.28 ? 75  CYS A N   1 
ATOM   346  C CA  . CYS A 1 51 ? -13.791 7.080   -13.684 1.00 36.19 ? 75  CYS A CA  1 
ATOM   347  C C   . CYS A 1 51 ? -14.014 6.942   -15.176 1.00 37.19 ? 75  CYS A C   1 
ATOM   348  O O   . CYS A 1 51 ? -13.867 5.844   -15.670 1.00 36.68 ? 75  CYS A O   1 
ATOM   349  C CB  . CYS A 1 51 ? -12.301 7.151   -13.356 1.00 35.88 ? 75  CYS A CB  1 
ATOM   350  S SG  . CYS A 1 51 ? -11.457 8.579   -14.054 1.00 38.96 ? 75  CYS A SG  1 
ATOM   351  N N   . LEU A 1 52 ? -14.310 8.046   -15.903 1.00 34.54 ? 76  LEU A N   1 
ATOM   352  C CA  . LEU A 1 52 ? -14.459 7.964   -17.362 1.00 34.94 ? 76  LEU A CA  1 
ATOM   353  C C   . LEU A 1 52 ? -13.110 8.076   -18.085 1.00 31.81 ? 76  LEU A C   1 
ATOM   354  O O   . LEU A 1 52 ? -12.984 7.598   -19.198 1.00 28.14 ? 76  LEU A O   1 
ATOM   355  C CB  . LEU A 1 52 ? -15.450 9.009   -17.900 1.00 36.24 ? 76  LEU A CB  1 
ATOM   356  C CG  . LEU A 1 52 ? -16.936 8.778   -17.576 1.00 41.71 ? 76  LEU A CG  1 
ATOM   357  C CD1 . LEU A 1 52 ? -17.714 10.060  -17.731 1.00 42.57 ? 76  LEU A CD1 1 
ATOM   358  C CD2 . LEU A 1 52 ? -17.545 7.728   -18.502 1.00 46.10 ? 76  LEU A CD2 1 
ATOM   359  N N   . SER A 1 53 ? -12.096 8.678   -17.445 1.00 28.49 ? 77  SER A N   1 
ATOM   360  C CA  . SER A 1 53 ? -10.770 8.840   -18.042 1.00 27.74 ? 77  SER A CA  1 
ATOM   361  C C   . SER A 1 53 ? -9.616  8.479   -17.063 1.00 30.55 ? 77  SER A C   1 
ATOM   362  O O   . SER A 1 53 ? -8.799  9.337   -16.758 1.00 30.13 ? 77  SER A O   1 
ATOM   363  C CB  . SER A 1 53 ? -10.592 10.263  -18.559 1.00 33.27 ? 77  SER A CB  1 
ATOM   364  O OG  . SER A 1 53 ? -9.354  10.318  -19.244 1.00 43.59 ? 77  SER A OG  1 
ATOM   365  N N   . PRO A 1 54 ? -9.524  7.225   -16.570 1.00 27.32 ? 78  PRO A N   1 
ATOM   366  C CA  . PRO A 1 54 ? -8.431  6.885   -15.639 1.00 26.52 ? 78  PRO A CA  1 
ATOM   367  C C   . PRO A 1 54 ? -7.086  6.885   -16.351 1.00 31.07 ? 78  PRO A C   1 
ATOM   368  O O   . PRO A 1 54 ? -6.990  6.545   -17.540 1.00 31.68 ? 78  PRO A O   1 
ATOM   369  C CB  . PRO A 1 54 ? -8.801  5.486   -15.183 1.00 27.79 ? 78  PRO A CB  1 
ATOM   370  C CG  . PRO A 1 54 ? -9.517  4.893   -16.400 1.00 33.07 ? 78  PRO A CG  1 
ATOM   371  C CD  . PRO A 1 54 ? -10.357 6.042   -16.877 1.00 29.77 ? 78  PRO A CD  1 
ATOM   372  N N   . GLU A 1 55 ? -6.044  7.281   -15.628 1.00 24.50 ? 79  GLU A N   1 
ATOM   373  C CA  . GLU A 1 55 ? -4.695  7.356   -16.168 1.00 26.13 ? 79  GLU A CA  1 
ATOM   374  C C   . GLU A 1 55 ? -3.747  6.809   -15.132 1.00 27.96 ? 79  GLU A C   1 
ATOM   375  O O   . GLU A 1 55 ? -3.877  7.160   -13.972 1.00 26.80 ? 79  GLU A O   1 
ATOM   376  C CB  . GLU A 1 55 ? -4.339  8.841   -16.442 1.00 28.37 ? 79  GLU A CB  1 
ATOM   377  C CG  . GLU A 1 55 ? -5.123  9.447   -17.600 1.00 41.43 ? 79  GLU A CG  1 
ATOM   378  C CD  . GLU A 1 55 ? -5.119  10.962  -17.682 1.00 63.38 ? 79  GLU A CD  1 
ATOM   379  O OE1 . GLU A 1 55 ? -4.296  11.601  -16.984 1.00 57.28 ? 79  GLU A OE1 1 
ATOM   380  O OE2 . GLU A 1 55 ? -5.965  11.515  -18.419 1.00 64.68 ? 79  GLU A OE2 1 
ATOM   381  N N   . ILE A 1 56 ? -2.790  5.970   -15.536 1.00 23.96 ? 80  ILE A N   1 
ATOM   382  C CA  . ILE A 1 56 ? -1.772  5.484   -14.605 1.00 24.81 ? 80  ILE A CA  1 
ATOM   383  C C   . ILE A 1 56 ? -0.466  6.138   -15.057 1.00 32.43 ? 80  ILE A C   1 
ATOM   384  O O   . ILE A 1 56 ? 0.052   5.762   -16.118 1.00 32.22 ? 80  ILE A O   1 
ATOM   385  C CB  . ILE A 1 56 ? -1.653  3.946   -14.520 1.00 26.18 ? 80  ILE A CB  1 
ATOM   386  C CG1 . ILE A 1 56 ? -2.979  3.325   -14.065 1.00 24.69 ? 80  ILE A CG1 1 
ATOM   387  C CG2 . ILE A 1 56 ? -0.529  3.577   -13.529 1.00 27.93 ? 80  ILE A CG2 1 
ATOM   388  C CD1 . ILE A 1 56 ? -2.907  1.770   -13.995 1.00 24.92 ? 80  ILE A CD1 1 
ATOM   389  N N   . PRO A 1 57 ? 0.032   7.149   -14.293 1.00 33.99 ? 81  PRO A N   1 
ATOM   390  C CA  . PRO A 1 57 ? 1.289   7.811   -14.678 1.00 34.94 ? 81  PRO A CA  1 
ATOM   391  C C   . PRO A 1 57 ? 2.443   6.823   -14.752 1.00 39.00 ? 81  PRO A C   1 
ATOM   392  O O   . PRO A 1 57 ? 2.510   5.908   -13.944 1.00 36.45 ? 81  PRO A O   1 
ATOM   393  C CB  . PRO A 1 57 ? 1.514   8.841   -13.558 1.00 37.17 ? 81  PRO A CB  1 
ATOM   394  C CG  . PRO A 1 57 ? 0.186   9.018   -12.897 1.00 41.18 ? 81  PRO A CG  1 
ATOM   395  C CD  . PRO A 1 57 ? -0.471  7.670   -13.005 1.00 36.38 ? 81  PRO A CD  1 
ATOM   396  N N   . PHE A 1 58 ? 3.360   7.022   -15.706 1.00 39.20 ? 82  PHE A N   1 
ATOM   397  C CA  . PHE A 1 58 ? 4.530   6.159   -15.886 1.00 40.58 ? 82  PHE A CA  1 
ATOM   398  C C   . PHE A 1 58 ? 5.270   5.906   -14.560 1.00 38.98 ? 82  PHE A C   1 
ATOM   399  O O   . PHE A 1 58 ? 5.518   6.853   -13.814 1.00 39.46 ? 82  PHE A O   1 
ATOM   400  C CB  . PHE A 1 58 ? 5.470   6.773   -16.940 1.00 45.28 ? 82  PHE A CB  1 
ATOM   401  C CG  . PHE A 1 58 ? 6.328   5.746   -17.637 1.00 50.11 ? 82  PHE A CG  1 
ATOM   402  C CD1 . PHE A 1 58 ? 5.790   4.913   -18.617 1.00 55.39 ? 82  PHE A CD1 1 
ATOM   403  C CD2 . PHE A 1 58 ? 7.672   5.606   -17.315 1.00 55.33 ? 82  PHE A CD2 1 
ATOM   404  C CE1 . PHE A 1 58 ? 6.585   3.955   -19.259 1.00 57.69 ? 82  PHE A CE1 1 
ATOM   405  C CE2 . PHE A 1 58 ? 8.472   4.659   -17.968 1.00 59.40 ? 82  PHE A CE2 1 
ATOM   406  C CZ  . PHE A 1 58 ? 7.921   3.834   -18.931 1.00 58.04 ? 82  PHE A CZ  1 
ATOM   407  N N   . GLY A 1 59 ? 5.530   4.635   -14.261 1.00 33.47 ? 83  GLY A N   1 
ATOM   408  C CA  . GLY A 1 59 ? 6.213   4.193   -13.043 1.00 33.17 ? 83  GLY A CA  1 
ATOM   409  C C   . GLY A 1 59 ? 5.383   4.142   -11.777 1.00 35.53 ? 83  GLY A C   1 
ATOM   410  O O   . GLY A 1 59 ? 5.876   3.719   -10.727 1.00 35.83 ? 83  GLY A O   1 
ATOM   411  N N   . GLU A 1 60 ? 4.107   4.531   -11.866 1.00 31.02 ? 84  GLU A N   1 
ATOM   412  C CA  . GLU A 1 60 ? 3.226   4.523   -10.709 1.00 30.18 ? 84  GLU A CA  1 
ATOM   413  C C   . GLU A 1 60 ? 2.317   3.306   -10.743 1.00 29.49 ? 84  GLU A C   1 
ATOM   414  O O   . GLU A 1 60 ? 2.151   2.692   -11.781 1.00 25.70 ? 84  GLU A O   1 
ATOM   415  C CB  . GLU A 1 60 ? 2.439   5.831   -10.621 1.00 32.30 ? 84  GLU A CB  1 
ATOM   416  C CG  . GLU A 1 60 ? 3.339   7.064   -10.593 1.00 43.98 ? 84  GLU A CG  1 
ATOM   417  C CD  . GLU A 1 60 ? 2.798   8.252   -9.822  1.00 85.03 ? 84  GLU A CD  1 
ATOM   418  O OE1 . GLU A 1 60 ? 3.519   8.750   -8.927  1.00 89.53 ? 84  GLU A OE1 1 
ATOM   419  O OE2 . GLU A 1 60 ? 1.659   8.689   -10.107 1.00 87.58 ? 84  GLU A OE2 1 
ATOM   420  N N   . CYS A 1 61 ? 1.752   2.950   -9.615  1.00 24.51 ? 85  CYS A N   1 
ATOM   421  C CA  . CYS A 1 61 ? 0.913   1.787   -9.513  1.00 22.60 ? 85  CYS A CA  1 
ATOM   422  C C   . CYS A 1 61 ? -0.558  2.082   -9.820  1.00 25.64 ? 85  CYS A C   1 
ATOM   423  O O   . CYS A 1 61 ? -1.254  1.283   -10.467 1.00 26.45 ? 85  CYS A O   1 
ATOM   424  C CB  . CYS A 1 61 ? 1.077   1.240   -8.101  1.00 22.11 ? 85  CYS A CB  1 
ATOM   425  S SG  . CYS A 1 61 ? 0.090   -0.206  -7.752  1.00 24.51 ? 85  CYS A SG  1 
ATOM   426  N N   . CYS A 1 62 ? -1.056  3.169   -9.241  1.00 22.65 ? 86  CYS A N   1 
ATOM   427  C CA  . CYS A 1 62 ? -2.458  3.490   -9.183  1.00 21.52 ? 86  CYS A CA  1 
ATOM   428  C C   . CYS A 1 62 ? -2.909  4.638   -10.082 1.00 25.42 ? 86  CYS A C   1 
ATOM   429  O O   . CYS A 1 62 ? -2.142  5.513   -10.466 1.00 24.00 ? 86  CYS A O   1 
ATOM   430  C CB  . CYS A 1 62 ? -2.875  3.725   -7.731  1.00 22.13 ? 86  CYS A CB  1 
ATOM   431  S SG  . CYS A 1 62 ? -2.506  2.336   -6.627  1.00 25.17 ? 86  CYS A SG  1 
ATOM   432  N N   . PRO A 1 63 ? -4.211  4.643   -10.406 1.00 24.15 ? 87  PRO A N   1 
ATOM   433  C CA  . PRO A 1 63 ? -4.713  5.665   -11.322 1.00 23.89 ? 87  PRO A CA  1 
ATOM   434  C C   . PRO A 1 63 ? -5.049  6.981   -10.688 1.00 27.45 ? 87  PRO A C   1 
ATOM   435  O O   . PRO A 1 63 ? -5.344  7.076   -9.508  1.00 26.45 ? 87  PRO A O   1 
ATOM   436  C CB  . PRO A 1 63 ? -5.973  5.027   -11.927 1.00 25.13 ? 87  PRO A CB  1 
ATOM   437  C CG  . PRO A 1 63 ? -6.374  3.966   -11.015 1.00 30.83 ? 87  PRO A CG  1 
ATOM   438  C CD  . PRO A 1 63 ? -5.251  3.653   -10.065 1.00 25.28 ? 87  PRO A CD  1 
ATOM   439  N N   . ILE A 1 64 ? -5.067  7.986   -11.526 1.00 24.08 ? 88  ILE A N   1 
ATOM   440  C CA  . ILE A 1 64 ? -5.596  9.308   -11.213 1.00 26.77 ? 88  ILE A CA  1 
ATOM   441  C C   . ILE A 1 64 ? -6.831  9.437   -12.116 1.00 30.81 ? 88  ILE A C   1 
ATOM   442  O O   . ILE A 1 64 ? -6.849  8.858   -13.205 1.00 28.47 ? 88  ILE A O   1 
ATOM   443  C CB  . ILE A 1 64 ? -4.554  10.414  -11.471 1.00 31.99 ? 88  ILE A CB  1 
ATOM   444  C CG1 . ILE A 1 64 ? -4.116  10.470  -12.938 1.00 35.31 ? 88  ILE A CG1 1 
ATOM   445  C CG2 . ILE A 1 64 ? -3.345  10.217  -10.538 1.00 33.80 ? 88  ILE A CG2 1 
ATOM   446  C CD1 . ILE A 1 64 ? -2.841  11.261  -13.163 1.00 49.43 ? 88  ILE A CD1 1 
ATOM   447  N N   . CYS A 1 65 ? -7.846  10.143  -11.654 1.00 29.63 ? 89  CYS A N   1 
ATOM   448  C CA  . CYS A 1 65 ? -9.067  10.396  -12.409 1.00 31.70 ? 89  CYS A CA  1 
ATOM   449  C C   . CYS A 1 65 ? -9.146  11.903  -12.609 1.00 38.25 ? 89  CYS A C   1 
ATOM   450  O O   . CYS A 1 65 ? -9.621  12.583  -11.703 1.00 36.31 ? 89  CYS A O   1 
ATOM   451  C CB  . CYS A 1 65 ? -10.298 9.865   -11.681 1.00 33.93 ? 89  CYS A CB  1 
ATOM   452  S SG  . CYS A 1 65 ? -11.825 10.009  -12.646 1.00 39.33 ? 89  CYS A SG  1 
ATOM   453  N N   . PRO A 1 66 ? -8.607  12.442  -13.734 1.00 38.11 ? 90  PRO A N   1 
ATOM   454  C CA  . PRO A 1 66 ? -8.613  13.900  -13.947 1.00 38.16 ? 90  PRO A CA  1 
ATOM   455  C C   . PRO A 1 66 ? -9.986  14.537  -13.861 1.00 42.33 ? 90  PRO A C   1 
ATOM   456  O O   . PRO A 1 66 ? -10.982 13.966  -14.298 1.00 41.07 ? 90  PRO A O   1 
ATOM   457  C CB  . PRO A 1 66 ? -7.988  14.060  -15.336 1.00 40.34 ? 90  PRO A CB  1 
ATOM   458  C CG  . PRO A 1 66 ? -7.140  12.843  -15.499 1.00 45.75 ? 90  PRO A CG  1 
ATOM   459  C CD  . PRO A 1 66 ? -7.957  11.754  -14.868 1.00 40.79 ? 90  PRO A CD  1 
ATOM   460  N N   . THR A 1 67 ? -10.026 15.692  -13.195 1.00 38.73 ? 91  THR A N   1 
ATOM   461  C CA  . THR A 1 67 ? -11.231 16.476  -12.972 1.00 38.06 ? 91  THR A CA  1 
ATOM   462  C C   . THR A 1 67 ? -10.926 17.918  -13.427 1.00 41.83 ? 91  THR A C   1 
ATOM   463  O O   . THR A 1 67 ? -9.764  18.339  -13.381 1.00 42.39 ? 91  THR A O   1 
ATOM   464  C CB  . THR A 1 67 ? -11.656 16.317  -11.496 1.00 44.86 ? 91  THR A CB  1 
ATOM   465  O OG1 . THR A 1 67 ? -12.979 16.792  -11.289 1.00 54.83 ? 91  THR A OG1 1 
ATOM   466  C CG2 . THR A 1 67 ? -10.702 16.957  -10.531 1.00 35.77 ? 91  THR A CG2 1 
ATOM   467  N N   . ASP A 1 68 ? -11.928 18.636  -13.921 1.00 36.79 ? 92  ASP A N   1 
ATOM   468  C CA  . ASP A 1 68 ? -11.687 20.032  -14.312 1.00 38.09 ? 92  ASP A CA  1 
ATOM   469  C C   . ASP A 1 68 ? -11.803 20.935  -13.061 1.00 40.38 ? 92  ASP A C   1 
ATOM   470  O O   . ASP A 1 68 ? -12.240 20.461  -12.017 1.00 36.19 ? 92  ASP A O   1 
ATOM   471  C CB  . ASP A 1 68 ? -12.638 20.483  -15.434 1.00 40.74 ? 92  ASP A CB  1 
ATOM   472  C CG  . ASP A 1 68 ? -14.108 20.224  -15.201 1.00 54.09 ? 92  ASP A CG  1 
ATOM   473  O OD1 . ASP A 1 68 ? -14.583 20.447  -14.058 1.00 55.47 ? 92  ASP A OD1 1 
ATOM   474  O OD2 . ASP A 1 68 ? -14.796 19.841  -16.169 1.00 63.91 ? 92  ASP A OD2 1 
ATOM   475  N N   . LEU A 1 69 ? -11.455 22.234  -13.162 1.00 41.10 ? 93  LEU A N   1 
ATOM   476  C CA  . LEU A 1 69 ? -11.568 23.125  -11.986 1.00 41.48 ? 93  LEU A CA  1 
ATOM   477  C C   . LEU A 1 69 ? -12.986 23.314  -11.494 1.00 46.22 ? 93  LEU A C   1 
ATOM   478  O O   . LEU A 1 69 ? -13.191 23.484  -10.295 1.00 46.13 ? 93  LEU A O   1 
ATOM   479  C CB  . LEU A 1 69 ? -10.898 24.487  -12.200 1.00 42.12 ? 93  LEU A CB  1 
ATOM   480  C CG  . LEU A 1 69 ? -9.395  24.479  -12.414 1.00 46.75 ? 93  LEU A CG  1 
ATOM   481  C CD1 . LEU A 1 69 ? -8.932  25.856  -12.809 1.00 46.76 ? 93  LEU A CD1 1 
ATOM   482  C CD2 . LEU A 1 69 ? -8.640  23.989  -11.171 1.00 47.91 ? 93  LEU A CD2 1 
ATOM   483  N N   . ALA A 1 70 ? -13.988 23.230  -12.388 1.00 43.32 ? 94  ALA A N   1 
ATOM   484  C CA  . ALA A 1 70 ? -15.393 23.384  -11.985 1.00 43.08 ? 94  ALA A CA  1 
ATOM   485  C C   . ALA A 1 70 ? -15.829 22.279  -11.053 1.00 47.72 ? 94  ALA A C   1 
ATOM   486  O O   . ALA A 1 70 ? -16.667 22.503  -10.188 1.00 48.98 ? 94  ALA A O   1 
ATOM   487  C CB  . ALA A 1 70 ? -16.305 23.405  -13.210 1.00 43.80 ? 94  ALA A CB  1 
ATOM   488  N N   . THR A 1 71 ? -15.280 21.072  -11.231 1.00 42.19 ? 95  THR A N   1 
ATOM   489  C CA  . THR A 1 71 ? -15.730 19.951  -10.415 1.00 41.01 ? 95  THR A CA  1 
ATOM   490  C C   . THR A 1 71 ? -14.730 19.554  -9.338  1.00 40.53 ? 95  THR A C   1 
ATOM   491  O O   . THR A 1 71 ? -15.130 18.919  -8.375  1.00 39.28 ? 95  THR A O   1 
ATOM   492  C CB  . THR A 1 71 ? -16.127 18.773  -11.305 1.00 53.28 ? 95  THR A CB  1 
ATOM   493  O OG1 . THR A 1 71 ? -14.969 18.337  -12.005 1.00 55.10 ? 95  THR A OG1 1 
ATOM   494  C CG2 . THR A 1 71 ? -17.220 19.144  -12.312 1.00 54.22 ? 95  THR A CG2 1 
ATOM   495  N N   . ALA A 1 72 ? -13.459 19.928  -9.470  1.00 34.18 ? 96  ALA A N   1 
ATOM   496  C CA  . ALA A 1 72 ? -12.474 19.531  -8.473  1.00 32.23 ? 96  ALA A CA  1 
ATOM   497  C C   . ALA A 1 72 ? -12.778 20.029  -7.080  1.00 33.01 ? 96  ALA A C   1 
ATOM   498  O O   . ALA A 1 72 ? -13.102 21.195  -6.898  1.00 30.44 ? 96  ALA A O   1 
ATOM   499  C CB  . ALA A 1 72 ? -11.072 19.959  -8.889  1.00 32.68 ? 96  ALA A CB  1 
ATOM   500  N N   . SER A 1 73 ? -12.687 19.124  -6.101  1.00 28.73 ? 97  SER A N   1 
ATOM   501  C CA  . SER A 1 73 ? -12.844 19.429  -4.666  1.00 29.45 ? 97  SER A CA  1 
ATOM   502  C C   . SER A 1 73 ? -12.401 18.251  -3.849  1.00 30.94 ? 97  SER A C   1 
ATOM   503  O O   . SER A 1 73 ? -12.457 17.118  -4.317  1.00 29.45 ? 97  SER A O   1 
ATOM   504  C CB  . SER A 1 73 ? -14.272 19.802  -4.288  1.00 33.03 ? 97  SER A CB  1 
ATOM   505  O OG  . SER A 1 73 ? -15.114 18.745  -4.684  1.00 45.74 ? 97  SER A OG  1 
ATOM   506  N N   . GLY A 1 74 ? -11.929 18.530  -2.649  1.00 26.26 ? 98  GLY A N   1 
ATOM   507  C CA  . GLY A 1 74 ? -11.485 17.499  -1.717  1.00 25.90 ? 98  GLY A CA  1 
ATOM   508  C C   . GLY A 1 74 ? -10.151 16.906  -2.090  1.00 33.41 ? 98  GLY A C   1 
ATOM   509  O O   . GLY A 1 74 ? -9.367  17.540  -2.840  1.00 31.84 ? 98  GLY A O   1 
ATOM   510  O OXT . GLY A 1 74 ? -9.887  15.807  -1.581  1.00 41.14 ? 98  GLY A OXT 1 
ATOM   511  N N   . GLU B 1 6  ? 1.054   -20.942 18.236  1.00 61.13 ? 30  GLU B N   1 
ATOM   512  C CA  . GLU B 1 6  ? 2.485   -21.215 18.360  1.00 60.70 ? 30  GLU B CA  1 
ATOM   513  C C   . GLU B 1 6  ? 3.104   -21.633 17.016  1.00 63.07 ? 30  GLU B C   1 
ATOM   514  O O   . GLU B 1 6  ? 4.020   -20.962 16.524  1.00 62.38 ? 30  GLU B O   1 
ATOM   515  C CB  . GLU B 1 6  ? 2.751   -22.277 19.443  1.00 62.22 ? 30  GLU B CB  1 
ATOM   516  N N   . ALA B 1 7  ? 2.592   -22.730 16.422  1.00 58.04 ? 31  ALA B N   1 
ATOM   517  C CA  . ALA B 1 7  ? 3.069   -23.277 15.151  1.00 57.26 ? 31  ALA B CA  1 
ATOM   518  C C   . ALA B 1 7  ? 2.582   -22.448 13.954  1.00 56.86 ? 31  ALA B C   1 
ATOM   519  O O   . ALA B 1 7  ? 1.386   -22.161 13.847  1.00 55.85 ? 31  ALA B O   1 
ATOM   520  C CB  . ALA B 1 7  ? 2.631   -24.728 15.016  1.00 58.45 ? 31  ALA B CB  1 
ATOM   521  N N   . GLY B 1 8  ? 3.529   -22.060 13.093  1.00 50.93 ? 32  GLY B N   1 
ATOM   522  C CA  . GLY B 1 8  ? 3.288   -21.257 11.897  1.00 49.60 ? 32  GLY B CA  1 
ATOM   523  C C   . GLY B 1 8  ? 3.171   -19.755 12.129  1.00 49.35 ? 32  GLY B C   1 
ATOM   524  O O   . GLY B 1 8  ? 2.827   -19.009 11.196  1.00 48.04 ? 32  GLY B O   1 
ATOM   525  N N   . SER B 1 9  ? 3.452   -19.304 13.376  1.00 41.26 ? 33  SER B N   1 
ATOM   526  C CA  . SER B 1 9  ? 3.364   -17.900 13.797  1.00 38.58 ? 33  SER B CA  1 
ATOM   527  C C   . SER B 1 9  ? 4.454   -16.989 13.183  1.00 38.32 ? 33  SER B C   1 
ATOM   528  O O   . SER B 1 9  ? 5.523   -17.457 12.775  1.00 38.90 ? 33  SER B O   1 
ATOM   529  C CB  . SER B 1 9  ? 3.330   -17.789 15.324  1.00 40.80 ? 33  SER B CB  1 
ATOM   530  O OG  . SER B 1 9  ? 4.588   -18.081 15.904  1.00 45.78 ? 33  SER B OG  1 
ATOM   531  N N   . CYS B 1 10 ? 4.147   -15.680 13.108  1.00 31.45 ? 34  CYS B N   1 
ATOM   532  C CA  . CYS B 1 10 ? 4.962   -14.603 12.536  1.00 28.62 ? 34  CYS B CA  1 
ATOM   533  C C   . CYS B 1 10 ? 5.367   -13.623 13.576  1.00 30.56 ? 34  CYS B C   1 
ATOM   534  O O   . CYS B 1 10 ? 4.668   -13.487 14.575  1.00 28.94 ? 34  CYS B O   1 
ATOM   535  C CB  . CYS B 1 10 ? 4.171   -13.884 11.443  1.00 28.37 ? 34  CYS B CB  1 
ATOM   536  S SG  . CYS B 1 10 ? 3.714   -14.941 10.049  1.00 31.49 ? 34  CYS B SG  1 
ATOM   537  N N   . VAL B 1 11 ? 6.374   -12.792 13.254  1.00 27.05 ? 35  VAL B N   1 
ATOM   538  C CA  . VAL B 1 11 ? 6.835   -11.699 14.116  1.00 28.35 ? 35  VAL B CA  1 
ATOM   539  C C   . VAL B 1 11 ? 6.935   -10.381 13.356  1.00 32.20 ? 35  VAL B C   1 
ATOM   540  O O   . VAL B 1 11 ? 7.545   -10.303 12.291  1.00 31.63 ? 35  VAL B O   1 
ATOM   541  C CB  . VAL B 1 11 ? 8.141   -12.034 14.890  1.00 33.66 ? 35  VAL B CB  1 
ATOM   542  C CG1 . VAL B 1 11 ? 8.597   -10.860 15.762  1.00 33.79 ? 35  VAL B CG1 1 
ATOM   543  C CG2 . VAL B 1 11 ? 7.929   -13.249 15.767  1.00 34.54 ? 35  VAL B CG2 1 
ATOM   544  N N   . GLN B 1 12 ? 6.330   -9.349  13.916  1.00 25.74 ? 36  GLN B N   1 
ATOM   545  C CA  . GLN B 1 12 ? 6.402   -8.008  13.358  1.00 26.32 ? 36  GLN B CA  1 
ATOM   546  C C   . GLN B 1 12 ? 6.512   -7.025  14.488  1.00 33.06 ? 36  GLN B C   1 
ATOM   547  O O   . GLN B 1 12 ? 5.617   -6.926  15.334  1.00 31.85 ? 36  GLN B O   1 
ATOM   548  C CB  . GLN B 1 12 ? 5.175   -7.704  12.479  1.00 25.85 ? 36  GLN B CB  1 
ATOM   549  C CG  . GLN B 1 12 ? 5.182   -6.288  11.894  1.00 32.38 ? 36  GLN B CG  1 
ATOM   550  C CD  . GLN B 1 12 ? 3.894   -5.984  11.173  1.00 32.80 ? 36  GLN B CD  1 
ATOM   551  O OE1 . GLN B 1 12 ? 3.816   -6.001  9.933   1.00 35.40 ? 36  GLN B OE1 1 
ATOM   552  N NE2 . GLN B 1 12 ? 2.877   -5.641  11.922  1.00 21.99 ? 36  GLN B NE2 1 
ATOM   553  N N   . ASP B 1 13 ? 7.602   -6.252  14.471  1.00 33.14 ? 37  ASP B N   1 
ATOM   554  C CA  . ASP B 1 13 ? 7.885   -5.198  15.430  1.00 34.52 ? 37  ASP B CA  1 
ATOM   555  C C   . ASP B 1 13 ? 7.716   -5.666  16.894  1.00 37.28 ? 37  ASP B C   1 
ATOM   556  O O   . ASP B 1 13 ? 7.044   -5.017  17.684  1.00 38.11 ? 37  ASP B O   1 
ATOM   557  C CB  . ASP B 1 13 ? 7.020   -3.961  15.126  1.00 38.14 ? 37  ASP B CB  1 
ATOM   558  C CG  . ASP B 1 13 ? 7.390   -2.725  15.926  1.00 58.03 ? 37  ASP B CG  1 
ATOM   559  O OD1 . ASP B 1 13 ? 8.595   -2.385  15.972  1.00 60.94 ? 37  ASP B OD1 1 
ATOM   560  O OD2 . ASP B 1 13 ? 6.480   -2.119  16.527  1.00 65.27 ? 37  ASP B OD2 1 
ATOM   561  N N   . GLY B 1 14 ? 8.259   -6.831  17.195  1.00 35.56 ? 38  GLY B N   1 
ATOM   562  C CA  . GLY B 1 14 ? 8.217   -7.383  18.546  1.00 34.88 ? 38  GLY B CA  1 
ATOM   563  C C   . GLY B 1 14 ? 6.900   -8.020  18.937  1.00 37.49 ? 38  GLY B C   1 
ATOM   564  O O   . GLY B 1 14 ? 6.734   -8.420  20.090  1.00 37.88 ? 38  GLY B O   1 
ATOM   565  N N   . GLN B 1 15 ? 5.958   -8.120  18.003  1.00 30.07 ? 39  GLN B N   1 
ATOM   566  C CA  . GLN B 1 15 ? 4.676   -8.758  18.318  1.00 28.23 ? 39  GLN B CA  1 
ATOM   567  C C   . GLN B 1 15 ? 4.612   -10.049 17.542  1.00 28.83 ? 39  GLN B C   1 
ATOM   568  O O   . GLN B 1 15 ? 5.138   -10.107 16.422  1.00 28.96 ? 39  GLN B O   1 
ATOM   569  C CB  . GLN B 1 15 ? 3.496   -7.832  17.984  1.00 28.10 ? 39  GLN B CB  1 
ATOM   570  C CG  . GLN B 1 15 ? 3.487   -6.527  18.786  1.00 35.31 ? 39  GLN B CG  1 
ATOM   571  C CD  . GLN B 1 15 ? 2.174   -5.810  18.614  1.00 54.55 ? 39  GLN B CD  1 
ATOM   572  O OE1 . GLN B 1 15 ? 2.132   -4.645  18.220  1.00 58.30 ? 39  GLN B OE1 1 
ATOM   573  N NE2 . GLN B 1 15 ? 1.063   -6.515  18.815  1.00 39.81 ? 39  GLN B NE2 1 
ATOM   574  N N   . ARG B 1 16 ? 3.975   -11.102 18.112  1.00 25.14 ? 40  ARG B N   1 
ATOM   575  C CA  . ARG B 1 16 ? 3.860   -12.420 17.478  1.00 23.81 ? 40  ARG B CA  1 
ATOM   576  C C   . ARG B 1 16 ? 2.428   -12.623 17.062  1.00 25.43 ? 40  ARG B C   1 
ATOM   577  O O   . ARG B 1 16 ? 1.526   -12.419 17.854  1.00 23.67 ? 40  ARG B O   1 
ATOM   578  C CB  . ARG B 1 16 ? 4.278   -13.569 18.427  1.00 24.32 ? 40  ARG B CB  1 
ATOM   579  C CG  . ARG B 1 16 ? 4.266   -14.938 17.741  1.00 30.60 ? 40  ARG B CG  1 
ATOM   580  C CD  . ARG B 1 16 ? 4.999   -16.014 18.557  1.00 50.81 ? 40  ARG B CD  1 
ATOM   581  N NE  . ARG B 1 16 ? 6.428   -15.723 18.699  1.00 56.58 ? 40  ARG B NE  1 
ATOM   582  C CZ  . ARG B 1 16 ? 7.359   -16.055 17.807  1.00 75.39 ? 40  ARG B CZ  1 
ATOM   583  N NH1 . ARG B 1 16 ? 7.026   -16.691 16.689  1.00 61.78 ? 40  ARG B NH1 1 
ATOM   584  N NH2 . ARG B 1 16 ? 8.630   -15.731 18.016  1.00 62.99 ? 40  ARG B NH2 1 
ATOM   585  N N   . TYR B 1 17 ? 2.227   -13.045 15.829  1.00 23.80 ? 41  TYR B N   1 
ATOM   586  C CA  . TYR B 1 17 ? 0.882   -13.205 15.272  1.00 22.50 ? 41  TYR B CA  1 
ATOM   587  C C   . TYR B 1 17 ? 0.711   -14.663 14.886  1.00 25.41 ? 41  TYR B C   1 
ATOM   588  O O   . TYR B 1 17 ? 1.607   -15.251 14.289  1.00 26.27 ? 41  TYR B O   1 
ATOM   589  C CB  . TYR B 1 17 ? 0.768   -12.315 14.010  1.00 22.05 ? 41  TYR B CB  1 
ATOM   590  C CG  . TYR B 1 17 ? 0.812   -10.841 14.324  1.00 23.03 ? 41  TYR B CG  1 
ATOM   591  C CD1 . TYR B 1 17 ? 2.030   -10.159 14.391  1.00 24.19 ? 41  TYR B CD1 1 
ATOM   592  C CD2 . TYR B 1 17 ? -0.348  -10.142 14.631  1.00 23.85 ? 41  TYR B CD2 1 
ATOM   593  C CE1 . TYR B 1 17 ? 2.075   -8.797  14.722  1.00 25.05 ? 41  TYR B CE1 1 
ATOM   594  C CE2 . TYR B 1 17 ? -0.317  -8.781  14.924  1.00 25.31 ? 41  TYR B CE2 1 
ATOM   595  C CZ  . TYR B 1 17 ? 0.899   -8.120  14.992  1.00 29.21 ? 41  TYR B CZ  1 
ATOM   596  O OH  . TYR B 1 17 ? 0.911   -6.783  15.309  1.00 32.93 ? 41  TYR B OH  1 
ATOM   597  N N   . ASN B 1 18 ? -0.430  -15.223 15.214  1.00 24.66 ? 42  ASN B N   1 
ATOM   598  C CA  . ASN B 1 18 ? -0.717  -16.615 14.887  1.00 26.44 ? 42  ASN B CA  1 
ATOM   599  C C   . ASN B 1 18 ? -0.845  -16.764 13.369  1.00 32.79 ? 42  ASN B C   1 
ATOM   600  O O   . ASN B 1 18 ? -1.214  -15.809 12.670  1.00 28.31 ? 42  ASN B O   1 
ATOM   601  C CB  . ASN B 1 18 ? -2.018  -17.008 15.535  1.00 28.55 ? 42  ASN B CB  1 
ATOM   602  C CG  . ASN B 1 18 ? -1.846  -18.041 16.605  1.00 59.17 ? 42  ASN B CG  1 
ATOM   603  O OD1 . ASN B 1 18 ? -0.859  -18.064 17.357  1.00 64.84 ? 42  ASN B OD1 1 
ATOM   604  N ND2 . ASN B 1 18 ? -2.837  -18.875 16.738  1.00 41.26 ? 42  ASN B ND2 1 
ATOM   605  N N   . ASP B 1 19 ? -0.544  -17.959 12.862  1.00 33.35 ? 43  ASP B N   1 
ATOM   606  C CA  . ASP B 1 19 ? -0.685  -18.268 11.430  1.00 33.34 ? 43  ASP B CA  1 
ATOM   607  C C   . ASP B 1 19 ? -2.079  -17.879 10.959  1.00 34.58 ? 43  ASP B C   1 
ATOM   608  O O   . ASP B 1 19 ? -3.045  -18.053 11.692  1.00 33.45 ? 43  ASP B O   1 
ATOM   609  C CB  . ASP B 1 19 ? -0.430  -19.769 11.207  1.00 35.91 ? 43  ASP B CB  1 
ATOM   610  C CG  . ASP B 1 19 ? -0.296  -20.214 9.754   1.00 48.00 ? 43  ASP B CG  1 
ATOM   611  O OD1 . ASP B 1 19 ? -0.302  -19.339 8.851   1.00 45.74 ? 43  ASP B OD1 1 
ATOM   612  O OD2 . ASP B 1 19 ? -0.126  -21.431 9.522   1.00 59.10 ? 43  ASP B OD2 1 
ATOM   613  N N   . LYS B 1 20 ? -2.164  -17.247 9.763   1.00 31.83 ? 44  LYS B N   1 
ATOM   614  C CA  . LYS B 1 20 ? -3.383  -16.770 9.099   1.00 30.88 ? 44  LYS B CA  1 
ATOM   615  C C   . LYS B 1 20 ? -4.093  -15.604 9.830   1.00 29.81 ? 44  LYS B C   1 
ATOM   616  O O   . LYS B 1 20 ? -5.186  -15.198 9.429   1.00 30.42 ? 44  LYS B O   1 
ATOM   617  C CB  . LYS B 1 20 ? -4.364  -17.919 8.727   1.00 34.15 ? 44  LYS B CB  1 
ATOM   618  C CG  . LYS B 1 20 ? -3.753  -18.903 7.702   1.00 51.65 ? 44  LYS B CG  1 
ATOM   619  C CD  . LYS B 1 20 ? -3.306  -18.233 6.372   1.00 63.76 ? 44  LYS B CD  1 
ATOM   620  C CE  . LYS B 1 20 ? -2.693  -19.191 5.373   1.00 73.94 ? 44  LYS B CE  1 
ATOM   621  N NZ  . LYS B 1 20 ? -1.347  -19.664 5.790   1.00 79.59 ? 44  LYS B NZ  1 
ATOM   622  N N   . ASP B 1 21 ? -3.411  -14.953 10.817  1.00 25.03 ? 45  ASP B N   1 
ATOM   623  C CA  . ASP B 1 21 ? -3.952  -13.735 11.408  1.00 22.65 ? 45  ASP B CA  1 
ATOM   624  C C   . ASP B 1 21 ? -3.939  -12.694 10.286  1.00 23.63 ? 45  ASP B C   1 
ATOM   625  O O   . ASP B 1 21 ? -3.015  -12.730 9.480   1.00 23.59 ? 45  ASP B O   1 
ATOM   626  C CB  . ASP B 1 21 ? -2.995  -13.144 12.474  1.00 21.63 ? 45  ASP B CB  1 
ATOM   627  C CG  . ASP B 1 21 ? -3.261  -13.551 13.880  1.00 30.08 ? 45  ASP B CG  1 
ATOM   628  O OD1 . ASP B 1 21 ? -4.105  -14.477 14.082  1.00 25.99 ? 45  ASP B OD1 1 
ATOM   629  O OD2 . ASP B 1 21 ? -2.596  -12.965 14.812  1.00 26.95 ? 45  ASP B OD2 1 
ATOM   630  N N   . VAL B 1 22 ? -4.909  -11.786 10.300  1.00 23.96 ? 46  VAL B N   1 
ATOM   631  C CA  . VAL B 1 22 ? -4.992  -10.638 9.375   1.00 23.20 ? 46  VAL B CA  1 
ATOM   632  C C   . VAL B 1 22 ? -5.087  -9.425  10.270  1.00 24.74 ? 46  VAL B C   1 
ATOM   633  O O   . VAL B 1 22 ? -5.917  -9.363  11.182  1.00 25.69 ? 46  VAL B O   1 
ATOM   634  C CB  . VAL B 1 22 ? -6.166  -10.764 8.340   1.00 26.21 ? 46  VAL B CB  1 
ATOM   635  C CG1 . VAL B 1 22 ? -6.312  -9.498  7.501   1.00 25.72 ? 46  VAL B CG1 1 
ATOM   636  C CG2 . VAL B 1 22 ? -5.930  -11.960 7.418   1.00 26.11 ? 46  VAL B CG2 1 
ATOM   637  N N   . TRP B 1 23 ? -4.236  -8.436  10.035  1.00 21.24 ? 47  TRP B N   1 
ATOM   638  C CA  . TRP B 1 23 ? -4.265  -7.250  10.871  1.00 20.94 ? 47  TRP B CA  1 
ATOM   639  C C   . TRP B 1 23 ? -3.821  -6.040  10.098  1.00 24.64 ? 47  TRP B C   1 
ATOM   640  O O   . TRP B 1 23 ? -3.159  -6.170  9.064   1.00 23.07 ? 47  TRP B O   1 
ATOM   641  C CB  . TRP B 1 23 ? -3.399  -7.420  12.154  1.00 18.39 ? 47  TRP B CB  1 
ATOM   642  C CG  . TRP B 1 23 ? -1.920  -7.459  11.889  1.00 19.16 ? 47  TRP B CG  1 
ATOM   643  C CD1 . TRP B 1 23 ? -1.034  -6.448  12.106  1.00 21.44 ? 47  TRP B CD1 1 
ATOM   644  C CD2 . TRP B 1 23 ? -1.147  -8.576  11.400  1.00 19.51 ? 47  TRP B CD2 1 
ATOM   645  N NE1 . TRP B 1 23 ? 0.249   -6.878  11.828  1.00 20.82 ? 47  TRP B NE1 1 
ATOM   646  C CE2 . TRP B 1 23 ? 0.207   -8.170  11.381  1.00 22.39 ? 47  TRP B CE2 1 
ATOM   647  C CE3 . TRP B 1 23 ? -1.452  -9.912  11.057  1.00 21.21 ? 47  TRP B CE3 1 
ATOM   648  C CZ2 . TRP B 1 23 ? 1.235   -9.004  10.923  1.00 22.17 ? 47  TRP B CZ2 1 
ATOM   649  C CZ3 . TRP B 1 23 ? -0.422  -10.757 10.640  1.00 23.27 ? 47  TRP B CZ3 1 
ATOM   650  C CH2 . TRP B 1 23 ? 0.907   -10.305 10.578  1.00 23.73 ? 47  TRP B CH2 1 
ATOM   651  N N   . LYS B 1 24 ? -4.125  -4.870  10.653  1.00 22.67 ? 48  LYS B N   1 
ATOM   652  C CA  . LYS B 1 24 ? -3.673  -3.633  10.055  1.00 21.70 ? 48  LYS B CA  1 
ATOM   653  C C   . LYS B 1 24 ? -2.832  -2.898  11.067  1.00 25.15 ? 48  LYS B C   1 
ATOM   654  O O   . LYS B 1 24 ? -3.393  -2.282  11.984  1.00 25.97 ? 48  LYS B O   1 
ATOM   655  C CB  . LYS B 1 24 ? -4.858  -2.792  9.597   1.00 22.56 ? 48  LYS B CB  1 
ATOM   656  C CG  . LYS B 1 24 ? -5.701  -3.464  8.529   1.00 25.75 ? 48  LYS B CG  1 
ATOM   657  C CD  . LYS B 1 24 ? -6.920  -2.578  8.216   1.00 37.92 ? 48  LYS B CD  1 
ATOM   658  C CE  . LYS B 1 24 ? -6.579  -1.470  7.268   1.00 35.32 ? 48  LYS B CE  1 
ATOM   659  N NZ  . LYS B 1 24 ? -7.683  -0.451  7.147   1.00 34.33 ? 48  LYS B NZ  1 
ATOM   660  N N   . PRO B 1 25 ? -1.496  -2.841  10.875  1.00 22.17 ? 49  PRO B N   1 
ATOM   661  C CA  . PRO B 1 25 ? -0.666  -2.043  11.804  1.00 22.59 ? 49  PRO B CA  1 
ATOM   662  C C   . PRO B 1 25 ? -0.921  -0.549  11.622  1.00 27.74 ? 49  PRO B C   1 
ATOM   663  O O   . PRO B 1 25 ? -0.597  0.233   12.506  1.00 27.70 ? 49  PRO B O   1 
ATOM   664  C CB  . PRO B 1 25 ? 0.764   -2.436  11.434  1.00 24.78 ? 49  PRO B CB  1 
ATOM   665  C CG  . PRO B 1 25 ? 0.671   -2.907  9.986   1.00 27.42 ? 49  PRO B CG  1 
ATOM   666  C CD  . PRO B 1 25 ? -0.672  -3.535  9.861   1.00 22.98 ? 49  PRO B CD  1 
ATOM   667  N N   . GLU B 1 26 ? -1.474  -0.154  10.447  1.00 23.54 ? 50  GLU B N   1 
ATOM   668  C CA  . GLU B 1 26 ? -1.879  1.217   10.103  1.00 23.97 ? 50  GLU B CA  1 
ATOM   669  C C   . GLU B 1 26 ? -3.148  1.162   9.269   1.00 24.85 ? 50  GLU B C   1 
ATOM   670  O O   . GLU B 1 26 ? -3.375  0.176   8.566   1.00 24.98 ? 50  GLU B O   1 
ATOM   671  C CB  . GLU B 1 26 ? -0.811  1.949   9.283   1.00 25.40 ? 50  GLU B CB  1 
ATOM   672  C CG  . GLU B 1 26 ? 0.338   2.472   10.132  1.00 38.69 ? 50  GLU B CG  1 
ATOM   673  C CD  . GLU B 1 26 ? 1.440   1.457   10.276  1.00 52.60 ? 50  GLU B CD  1 
ATOM   674  O OE1 . GLU B 1 26 ? 1.499   0.548   9.420   1.00 45.66 ? 50  GLU B OE1 1 
ATOM   675  O OE2 . GLU B 1 26 ? 2.210   1.532   11.262  1.00 50.73 ? 50  GLU B OE2 1 
ATOM   676  N N   . PRO B 1 27 ? -3.944  2.239   9.270   1.00 24.78 ? 51  PRO B N   1 
ATOM   677  C CA  . PRO B 1 27 ? -5.136  2.272   8.423   1.00 24.94 ? 51  PRO B CA  1 
ATOM   678  C C   . PRO B 1 27 ? -4.881  1.896   6.950   1.00 26.85 ? 51  PRO B C   1 
ATOM   679  O O   . PRO B 1 27 ? -5.744  1.283   6.330   1.00 25.34 ? 51  PRO B O   1 
ATOM   680  C CB  . PRO B 1 27 ? -5.622  3.720   8.554   1.00 27.17 ? 51  PRO B CB  1 
ATOM   681  C CG  . PRO B 1 27 ? -5.166  4.140   9.908   1.00 31.21 ? 51  PRO B CG  1 
ATOM   682  C CD  . PRO B 1 27 ? -3.821  3.470   10.092  1.00 26.26 ? 51  PRO B CD  1 
ATOM   683  N N   . CYS B 1 28 ? -3.707  2.243   6.408   1.00 24.02 ? 52  CYS B N   1 
ATOM   684  C CA  . CYS B 1 28 ? -3.362  1.994   4.991   1.00 23.21 ? 52  CYS B CA  1 
ATOM   685  C C   . CYS B 1 28 ? -2.386  0.843   4.773   1.00 24.22 ? 52  CYS B C   1 
ATOM   686  O O   . CYS B 1 28 ? -1.732  0.785   3.738   1.00 24.12 ? 52  CYS B O   1 
ATOM   687  C CB  . CYS B 1 28 ? -2.849  3.268   4.323   1.00 23.33 ? 52  CYS B CB  1 
ATOM   688  S SG  . CYS B 1 28 ? -4.059  4.614   4.318   1.00 27.44 ? 52  CYS B SG  1 
ATOM   689  N N   . ARG B 1 29 ? -2.271  -0.080  5.743   1.00 20.64 ? 53  ARG B N   1 
ATOM   690  C CA  . ARG B 1 29 ? -1.364  -1.193  5.571   1.00 19.79 ? 53  ARG B CA  1 
ATOM   691  C C   . ARG B 1 29 ? -2.082  -2.440  6.113   1.00 23.62 ? 53  ARG B C   1 
ATOM   692  O O   . ARG B 1 29 ? -2.597  -2.417  7.242   1.00 21.85 ? 53  ARG B O   1 
ATOM   693  C CB  . ARG B 1 29 ? -0.003  -0.938  6.271   1.00 19.86 ? 53  ARG B CB  1 
ATOM   694  C CG  . ARG B 1 29 ? 1.048   -2.019  5.940   1.00 24.52 ? 53  ARG B CG  1 
ATOM   695  C CD  . ARG B 1 29 ? 2.419   -1.615  6.453   1.00 22.90 ? 53  ARG B CD  1 
ATOM   696  N NE  . ARG B 1 29 ? 3.482   -2.485  5.939   1.00 26.47 ? 53  ARG B NE  1 
ATOM   697  C CZ  . ARG B 1 29 ? 4.352   -3.176  6.681   1.00 34.86 ? 53  ARG B CZ  1 
ATOM   698  N NH1 . ARG B 1 29 ? 4.312   -3.103  8.009   1.00 28.44 ? 53  ARG B NH1 1 
ATOM   699  N NH2 . ARG B 1 29 ? 5.261   -3.942  6.102   1.00 28.53 ? 53  ARG B NH2 1 
ATOM   700  N N   A ILE B 1 30 ? -2.133  -3.495  5.315   0.50 19.63 ? 54  ILE B N   1 
ATOM   701  N N   B ILE B 1 30 ? -2.189  -3.490  5.290   0.50 20.89 ? 54  ILE B N   1 
ATOM   702  C CA  A ILE B 1 30 ? -2.837  -4.716  5.700   0.50 19.78 ? 54  ILE B CA  1 
ATOM   703  C CA  B ILE B 1 30 ? -2.846  -4.742  5.702   0.50 21.54 ? 54  ILE B CA  1 
ATOM   704  C C   A ILE B 1 30 ? -1.914  -5.925  5.579   0.50 21.15 ? 54  ILE B C   1 
ATOM   705  C C   B ILE B 1 30 ? -1.842  -5.862  5.625   0.50 22.84 ? 54  ILE B C   1 
ATOM   706  O O   A ILE B 1 30 ? -1.327  -6.156  4.521   0.50 19.91 ? 54  ILE B O   1 
ATOM   707  O O   B ILE B 1 30 ? -1.153  -5.996  4.615   0.50 22.57 ? 54  ILE B O   1 
ATOM   708  C CB  A ILE B 1 30 ? -4.194  -4.865  4.949   0.50 22.17 ? 54  ILE B CB  1 
ATOM   709  C CB  B ILE B 1 30 ? -4.139  -5.143  4.924   0.50 24.55 ? 54  ILE B CB  1 
ATOM   710  C CG1 A ILE B 1 30 ? -4.978  -6.117  5.431   0.50 22.41 ? 54  ILE B CG1 1 
ATOM   711  C CG1 B ILE B 1 30 ? -4.990  -3.941  4.497   0.50 24.24 ? 54  ILE B CG1 1 
ATOM   712  C CG2 A ILE B 1 30 ? -4.011  -4.829  3.423   0.50 20.95 ? 54  ILE B CG2 1 
ATOM   713  C CG2 B ILE B 1 30 ? -4.974  -6.166  5.742   0.50 25.51 ? 54  ILE B CG2 1 
ATOM   714  C CD1 A ILE B 1 30 ? -6.457  -6.101  5.093   0.50 18.37 ? 54  ILE B CD1 1 
ATOM   715  C CD1 B ILE B 1 30 ? -5.974  -4.284  3.337   0.50 35.79 ? 54  ILE B CD1 1 
ATOM   716  N N   . CYS B 1 31 ? -1.774  -6.686  6.681   1.00 19.12 ? 55  CYS B N   1 
ATOM   717  C CA  . CYS B 1 31 ? -0.845  -7.805  6.765   1.00 20.47 ? 55  CYS B CA  1 
ATOM   718  C C   . CYS B 1 31 ? -1.556  -9.117  7.075   1.00 23.76 ? 55  CYS B C   1 
ATOM   719  O O   . CYS B 1 31 ? -2.602  -9.133  7.724   1.00 21.88 ? 55  CYS B O   1 
ATOM   720  C CB  . CYS B 1 31 ? 0.209   -7.529  7.844   1.00 21.01 ? 55  CYS B CB  1 
ATOM   721  S SG  . CYS B 1 31 ? 1.058   -5.940  7.655   1.00 23.21 ? 55  CYS B SG  1 
ATOM   722  N N   . VAL B 1 32 ? -0.930  -10.182 6.627   1.00 21.89 ? 56  VAL B N   1 
ATOM   723  C CA  . VAL B 1 32 ? -1.339  -11.557 6.951   1.00 23.27 ? 56  VAL B CA  1 
ATOM   724  C C   . VAL B 1 32 ? -0.102  -12.331 7.397   1.00 25.56 ? 56  VAL B C   1 
ATOM   725  O O   . VAL B 1 32 ? 1.015   -12.126 6.895   1.00 24.65 ? 56  VAL B O   1 
ATOM   726  C CB  . VAL B 1 32 ? -2.087  -12.263 5.767   1.00 27.58 ? 56  VAL B CB  1 
ATOM   727  C CG1 . VAL B 1 32 ? -1.166  -12.425 4.556   1.00 27.87 ? 56  VAL B CG1 1 
ATOM   728  C CG2 . VAL B 1 32 ? -2.645  -13.640 6.208   1.00 27.37 ? 56  VAL B CG2 1 
ATOM   729  N N   . CYS B 1 33 ? -0.315  -13.311 8.284   1.00 24.30 ? 57  CYS B N   1 
ATOM   730  C CA  . CYS B 1 33 ? 0.761   -14.177 8.667   1.00 25.03 ? 57  CYS B CA  1 
ATOM   731  C C   . CYS B 1 33 ? 0.630   -15.444 7.811   1.00 30.92 ? 57  CYS B C   1 
ATOM   732  O O   . CYS B 1 33 ? -0.395  -16.129 7.863   1.00 30.44 ? 57  CYS B O   1 
ATOM   733  C CB  . CYS B 1 33 ? 0.719   -14.489 10.156  1.00 26.46 ? 57  CYS B CB  1 
ATOM   734  S SG  . CYS B 1 33 ? 1.959   -15.721 10.643  1.00 30.95 ? 57  CYS B SG  1 
ATOM   735  N N   . ASP B 1 34 ? 1.606   -15.672 6.956   1.00 31.69 ? 58  ASP B N   1 
ATOM   736  C CA  . ASP B 1 34 ? 1.599   -16.795 6.029   1.00 33.24 ? 58  ASP B CA  1 
ATOM   737  C C   . ASP B 1 34 ? 2.678   -17.797 6.401   1.00 38.68 ? 58  ASP B C   1 
ATOM   738  O O   . ASP B 1 34 ? 3.816   -17.690 5.961   1.00 38.57 ? 58  ASP B O   1 
ATOM   739  C CB  . ASP B 1 34 ? 1.706   -16.311 4.573   1.00 35.52 ? 58  ASP B CB  1 
ATOM   740  C CG  . ASP B 1 34 ? 1.698   -17.434 3.539   1.00 49.79 ? 58  ASP B CG  1 
ATOM   741  O OD1 . ASP B 1 34 ? 1.230   -18.548 3.871   1.00 50.53 ? 58  ASP B OD1 1 
ATOM   742  O OD2 . ASP B 1 34 ? 2.172   -17.201 2.412   1.00 56.00 ? 58  ASP B OD2 1 
ATOM   743  N N   . THR B 1 35 ? 2.306   -18.731 7.288   1.00 40.13 ? 59  THR B N   1 
ATOM   744  C CA  . THR B 1 35 ? 3.144   -19.822 7.821   1.00 40.88 ? 59  THR B CA  1 
ATOM   745  C C   . THR B 1 35 ? 4.579   -19.350 8.104   1.00 43.04 ? 59  THR B C   1 
ATOM   746  O O   . THR B 1 35 ? 5.534   -19.796 7.462   1.00 44.41 ? 59  THR B O   1 
ATOM   747  C CB  . THR B 1 35 ? 3.056   -21.073 6.907   1.00 56.00 ? 59  THR B CB  1 
ATOM   748  O OG1 . THR B 1 35 ? 1.766   -21.120 6.288   1.00 59.85 ? 59  THR B OG1 1 
ATOM   749  C CG2 . THR B 1 35 ? 3.284   -22.368 7.672   1.00 59.05 ? 59  THR B CG2 1 
ATOM   750  N N   . GLY B 1 36 ? 4.709   -18.404 9.029   1.00 36.91 ? 60  GLY B N   1 
ATOM   751  C CA  . GLY B 1 36 ? 6.009   -17.875 9.430   1.00 35.44 ? 60  GLY B CA  1 
ATOM   752  C C   . GLY B 1 36 ? 6.459   -16.578 8.784   1.00 36.28 ? 60  GLY B C   1 
ATOM   753  O O   . GLY B 1 36 ? 7.312   -15.884 9.336   1.00 35.12 ? 60  GLY B O   1 
ATOM   754  N N   . THR B 1 37 ? 5.897   -16.242 7.602   1.00 32.61 ? 61  THR B N   1 
ATOM   755  C CA  . THR B 1 37 ? 6.269   -15.035 6.866   1.00 30.69 ? 61  THR B CA  1 
ATOM   756  C C   . THR B 1 37 ? 5.117   -14.014 6.870   1.00 29.52 ? 61  THR B C   1 
ATOM   757  O O   . THR B 1 37 ? 3.989   -14.329 6.487   1.00 29.77 ? 61  THR B O   1 
ATOM   758  C CB  . THR B 1 37 ? 6.691   -15.387 5.403   1.00 40.66 ? 61  THR B CB  1 
ATOM   759  O OG1 . THR B 1 37 ? 7.866   -16.192 5.439   1.00 40.56 ? 61  THR B OG1 1 
ATOM   760  C CG2 . THR B 1 37 ? 6.997   -14.145 4.562   1.00 37.08 ? 61  THR B CG2 1 
ATOM   761  N N   . VAL B 1 38 ? 5.432   -12.808 7.321   1.00 25.91 ? 62  VAL B N   1 
ATOM   762  C CA  . VAL B 1 38 ? 4.501   -11.667 7.321   1.00 25.62 ? 62  VAL B CA  1 
ATOM   763  C C   . VAL B 1 38 ? 4.437   -11.171 5.863   1.00 27.19 ? 62  VAL B C   1 
ATOM   764  O O   . VAL B 1 38 ? 5.479   -10.914 5.259   1.00 26.36 ? 62  VAL B O   1 
ATOM   765  C CB  . VAL B 1 38 ? 5.013   -10.509 8.221   1.00 29.56 ? 62  VAL B CB  1 
ATOM   766  C CG1 . VAL B 1 38 ? 4.112   -9.268  8.092   1.00 28.60 ? 62  VAL B CG1 1 
ATOM   767  C CG2 . VAL B 1 38 ? 5.127   -10.946 9.680   1.00 28.97 ? 62  VAL B CG2 1 
ATOM   768  N N   . LEU B 1 39 ? 3.225   -11.024 5.329   1.00 25.05 ? 63  LEU B N   1 
ATOM   769  C CA  . LEU B 1 39 ? 3.019   -10.448 3.993   1.00 25.08 ? 63  LEU B CA  1 
ATOM   770  C C   . LEU B 1 39 ? 2.111   -9.242  4.172   1.00 25.92 ? 63  LEU B C   1 
ATOM   771  O O   . LEU B 1 39 ? 0.993   -9.400  4.665   1.00 25.44 ? 63  LEU B O   1 
ATOM   772  C CB  . LEU B 1 39 ? 2.366   -11.475 3.043   1.00 26.30 ? 63  LEU B CB  1 
ATOM   773  C CG  . LEU B 1 39 ? 3.183   -12.760 2.775   1.00 32.33 ? 63  LEU B CG  1 
ATOM   774  C CD1 . LEU B 1 39 ? 2.402   -13.711 1.893   1.00 33.56 ? 63  LEU B CD1 1 
ATOM   775  C CD2 . LEU B 1 39 ? 4.548   -12.454 2.155   1.00 35.47 ? 63  LEU B CD2 1 
ATOM   776  N N   . CYS B 1 40 ? 2.579   -8.049  3.773   1.00 21.28 ? 64  CYS B N   1 
ATOM   777  C CA  . CYS B 1 40 ? 1.763   -6.840  3.902   1.00 20.03 ? 64  CYS B CA  1 
ATOM   778  C C   . CYS B 1 40 ? 1.578   -6.202  2.538   1.00 23.29 ? 64  CYS B C   1 
ATOM   779  O O   . CYS B 1 40 ? 2.495   -6.242  1.684   1.00 23.22 ? 64  CYS B O   1 
ATOM   780  C CB  . CYS B 1 40 ? 2.382   -5.831  4.865   1.00 20.51 ? 64  CYS B CB  1 
ATOM   781  S SG  . CYS B 1 40 ? 2.689   -6.456  6.538   1.00 24.38 ? 64  CYS B SG  1 
ATOM   782  N N   . ASP B 1 41 ? 0.444   -5.520  2.396   1.00 20.97 ? 65  ASP B N   1 
ATOM   783  C CA  . ASP B 1 41 ? 0.131   -4.666  1.266   1.00 19.40 ? 65  ASP B CA  1 
ATOM   784  C C   . ASP B 1 41 ? -0.190  -3.274  1.769   1.00 23.64 ? 65  ASP B C   1 
ATOM   785  O O   . ASP B 1 41 ? -0.859  -3.118  2.794   1.00 22.59 ? 65  ASP B O   1 
ATOM   786  C CB  . ASP B 1 41 ? -1.077  -5.235  0.490   1.00 21.26 ? 65  ASP B CB  1 
ATOM   787  C CG  . ASP B 1 41 ? -0.803  -6.618  -0.107  1.00 28.48 ? 65  ASP B CG  1 
ATOM   788  O OD1 . ASP B 1 41 ? 0.334   -6.883  -0.478  1.00 29.92 ? 65  ASP B OD1 1 
ATOM   789  O OD2 . ASP B 1 41 ? -1.726  -7.431  -0.148  1.00 35.59 ? 65  ASP B OD2 1 
ATOM   790  N N   . ASP B 1 42 ? 0.280   -2.244  1.041   1.00 20.12 ? 66  ASP B N   1 
ATOM   791  C CA  . ASP B 1 42 ? -0.008  -0.842  1.354   1.00 20.10 ? 66  ASP B CA  1 
ATOM   792  C C   . ASP B 1 42 ? -1.104  -0.407  0.446   1.00 24.68 ? 66  ASP B C   1 
ATOM   793  O O   . ASP B 1 42 ? -1.095  -0.747  -0.752  1.00 24.26 ? 66  ASP B O   1 
ATOM   794  C CB  . ASP B 1 42 ? 1.229   0.034   1.136   1.00 21.94 ? 66  ASP B CB  1 
ATOM   795  C CG  . ASP B 1 42 ? 2.374   -0.458  2.010   1.00 33.59 ? 66  ASP B CG  1 
ATOM   796  O OD1 . ASP B 1 42 ? 2.166   -0.604  3.222   1.00 30.84 ? 66  ASP B OD1 1 
ATOM   797  O OD2 . ASP B 1 42 ? 3.454   -0.693  1.475   1.00 37.65 ? 66  ASP B OD2 1 
ATOM   798  N N   . ILE B 1 43 ? -2.056  0.353   0.996   1.00 21.17 ? 67  ILE B N   1 
ATOM   799  C CA  . ILE B 1 43 ? -3.211  0.793   0.234   1.00 20.93 ? 67  ILE B CA  1 
ATOM   800  C C   . ILE B 1 43 ? -2.928  2.197   -0.242  1.00 24.85 ? 67  ILE B C   1 
ATOM   801  O O   . ILE B 1 43 ? -2.526  3.048   0.547   1.00 21.51 ? 67  ILE B O   1 
ATOM   802  C CB  . ILE B 1 43 ? -4.522  0.743   1.088   1.00 25.37 ? 67  ILE B CB  1 
ATOM   803  C CG1 . ILE B 1 43 ? -4.780  -0.679  1.617   1.00 26.90 ? 67  ILE B CG1 1 
ATOM   804  C CG2 . ILE B 1 43 ? -5.761  1.334   0.345   1.00 26.05 ? 67  ILE B CG2 1 
ATOM   805  C CD1 . ILE B 1 43 ? -5.842  -0.712  2.677   1.00 36.91 ? 67  ILE B CD1 1 
ATOM   806  N N   . ILE B 1 44 ? -3.162  2.421   -1.521  1.00 20.20 ? 68  ILE B N   1 
ATOM   807  C CA  . ILE B 1 44 ? -3.073  3.743   -2.154  1.00 21.49 ? 68  ILE B CA  1 
ATOM   808  C C   . ILE B 1 44 ? -4.467  4.070   -2.674  1.00 24.39 ? 68  ILE B C   1 
ATOM   809  O O   . ILE B 1 44 ? -5.048  3.281   -3.417  1.00 23.19 ? 68  ILE B O   1 
ATOM   810  C CB  . ILE B 1 44 ? -1.991  3.813   -3.280  1.00 24.96 ? 68  ILE B CB  1 
ATOM   811  C CG1 . ILE B 1 44 ? -0.559  3.603   -2.719  1.00 27.22 ? 68  ILE B CG1 1 
ATOM   812  C CG2 . ILE B 1 44 ? -2.100  5.153   -4.072  1.00 25.82 ? 68  ILE B CG2 1 
ATOM   813  C CD1 . ILE B 1 44 ? -0.082  4.567   -1.718  1.00 37.41 ? 68  ILE B CD1 1 
ATOM   814  N N   . CYS B 1 45 ? -4.965  5.269   -2.356  1.00 22.05 ? 69  CYS B N   1 
ATOM   815  C CA  . CYS B 1 45 ? -6.282  5.704   -2.811  1.00 23.34 ? 69  CYS B CA  1 
ATOM   816  C C   . CYS B 1 45 ? -6.172  6.240   -4.232  1.00 28.39 ? 69  CYS B C   1 
ATOM   817  O O   . CYS B 1 45 ? -5.281  7.021   -4.519  1.00 27.99 ? 69  CYS B O   1 
ATOM   818  C CB  . CYS B 1 45 ? -6.796  6.775   -1.849  1.00 25.42 ? 69  CYS B CB  1 
ATOM   819  S SG  . CYS B 1 45 ? -6.675  6.271   -0.113  1.00 29.72 ? 69  CYS B SG  1 
ATOM   820  N N   . GLU B 1 46 ? -7.093  5.868   -5.116  1.00 23.76 ? 70  GLU B N   1 
ATOM   821  C CA  . GLU B 1 46 ? -7.123  6.485   -6.454  1.00 23.41 ? 70  GLU B CA  1 
ATOM   822  C C   . GLU B 1 46 ? -7.207  8.021   -6.251  1.00 26.99 ? 70  GLU B C   1 
ATOM   823  O O   . GLU B 1 46 ? -7.994  8.490   -5.430  1.00 27.92 ? 70  GLU B O   1 
ATOM   824  C CB  . GLU B 1 46 ? -8.379  6.020   -7.176  1.00 23.92 ? 70  GLU B CB  1 
ATOM   825  C CG  . GLU B 1 46 ? -8.481  6.613   -8.584  1.00 26.70 ? 70  GLU B CG  1 
ATOM   826  C CD  . GLU B 1 46 ? -9.667  6.074   -9.344  1.00 47.83 ? 70  GLU B CD  1 
ATOM   827  O OE1 . GLU B 1 46 ? -10.641 5.645   -8.684  1.00 33.42 ? 70  GLU B OE1 1 
ATOM   828  O OE2 . GLU B 1 46 ? -9.600  6.029   -10.593 1.00 44.19 ? 70  GLU B OE2 1 
ATOM   829  N N   . ASP B 1 47 ? -6.425  8.776   -7.013  1.00 24.86 ? 71  ASP B N   1 
ATOM   830  C CA  . ASP B 1 47 ? -6.432  10.232  -6.963  1.00 24.83 ? 71  ASP B CA  1 
ATOM   831  C C   . ASP B 1 47 ? -7.619  10.771  -7.758  1.00 28.05 ? 71  ASP B C   1 
ATOM   832  O O   . ASP B 1 47 ? -7.516  10.969  -8.949  1.00 27.03 ? 71  ASP B O   1 
ATOM   833  C CB  . ASP B 1 47 ? -5.110  10.786  -7.521  1.00 27.29 ? 71  ASP B CB  1 
ATOM   834  C CG  . ASP B 1 47 ? -4.934  12.284  -7.335  1.00 38.11 ? 71  ASP B CG  1 
ATOM   835  O OD1 . ASP B 1 47 ? -5.788  12.911  -6.680  1.00 40.92 ? 71  ASP B OD1 1 
ATOM   836  O OD2 . ASP B 1 47 ? -3.957  12.823  -7.850  1.00 44.99 ? 71  ASP B OD2 1 
ATOM   837  N N   . VAL B 1 48 ? -8.726  11.016  -7.073  1.00 26.09 ? 72  VAL B N   1 
ATOM   838  C CA  . VAL B 1 48 ? -9.967  11.570  -7.598  1.00 28.58 ? 72  VAL B CA  1 
ATOM   839  C C   . VAL B 1 48 ? -10.382 12.699  -6.650  1.00 33.69 ? 72  VAL B C   1 
ATOM   840  O O   . VAL B 1 48 ? -10.560 12.467  -5.446  1.00 34.42 ? 72  VAL B O   1 
ATOM   841  C CB  . VAL B 1 48 ? -11.144 10.572  -7.675  1.00 36.22 ? 72  VAL B CB  1 
ATOM   842  C CG1 . VAL B 1 48 ? -12.226 11.097  -8.621  1.00 36.16 ? 72  VAL B CG1 1 
ATOM   843  C CG2 . VAL B 1 48 ? -10.702 9.192   -8.083  1.00 38.06 ? 72  VAL B CG2 1 
ATOM   844  N N   . LYS B 1 49 ? -10.592 13.881  -7.187  1.00 27.02 ? 73  LYS B N   1 
ATOM   845  C CA  . LYS B 1 49 ? -11.006 15.005  -6.342  1.00 27.36 ? 73  LYS B CA  1 
ATOM   846  C C   . LYS B 1 49 ? -12.357 15.448  -6.755  1.00 28.72 ? 73  LYS B C   1 
ATOM   847  O O   . LYS B 1 49 ? -12.465 16.377  -7.537  1.00 30.81 ? 73  LYS B O   1 
ATOM   848  C CB  . LYS B 1 49 ? -10.043 16.188  -6.497  1.00 30.46 ? 73  LYS B CB  1 
ATOM   849  C CG  . LYS B 1 49 ? -8.578  15.858  -6.387  1.00 38.31 ? 73  LYS B CG  1 
ATOM   850  C CD  . LYS B 1 49 ? -8.167  15.419  -5.029  1.00 38.99 ? 73  LYS B CD  1 
ATOM   851  C CE  . LYS B 1 49 ? -6.694  15.675  -4.884  1.00 46.32 ? 73  LYS B CE  1 
ATOM   852  N NZ  . LYS B 1 49 ? -6.200  15.149  -3.600  1.00 50.37 ? 73  LYS B NZ  1 
ATOM   853  N N   . ASP B 1 50 ? -13.396 14.796  -6.271  1.00 25.47 ? 74  ASP B N   1 
ATOM   854  C CA  . ASP B 1 50 ? -14.729 15.225  -6.695  1.00 28.96 ? 74  ASP B CA  1 
ATOM   855  C C   . ASP B 1 50 ? -15.724 15.100  -5.551  1.00 34.17 ? 74  ASP B C   1 
ATOM   856  O O   . ASP B 1 50 ? -16.838 14.608  -5.759  1.00 36.30 ? 74  ASP B O   1 
ATOM   857  C CB  . ASP B 1 50 ? -15.179 14.386  -7.917  1.00 32.22 ? 74  ASP B CB  1 
ATOM   858  C CG  . ASP B 1 50 ? -15.366 12.890  -7.659  1.00 53.03 ? 74  ASP B CG  1 
ATOM   859  O OD1 . ASP B 1 50 ? -15.121 12.435  -6.513  1.00 53.99 ? 74  ASP B OD1 1 
ATOM   860  O OD2 . ASP B 1 50 ? -15.773 12.178  -8.598  1.00 67.87 ? 74  ASP B OD2 1 
ATOM   861  N N   . CYS B 1 51 ? -15.308 15.436  -4.338  1.00 27.53 ? 75  CYS B N   1 
ATOM   862  C CA  . CYS B 1 51 ? -16.197 15.318  -3.193  1.00 26.26 ? 75  CYS B CA  1 
ATOM   863  C C   . CYS B 1 51 ? -16.113 16.589  -2.372  1.00 27.86 ? 75  CYS B C   1 
ATOM   864  O O   . CYS B 1 51 ? -15.011 17.057  -2.093  1.00 26.86 ? 75  CYS B O   1 
ATOM   865  C CB  . CYS B 1 51 ? -15.836 14.108  -2.341  1.00 26.42 ? 75  CYS B CB  1 
ATOM   866  S SG  . CYS B 1 51 ? -16.966 13.826  -0.963  1.00 29.61 ? 75  CYS B SG  1 
ATOM   867  N N   . LEU B 1 52 ? -17.256 17.142  -2.002  1.00 25.21 ? 76  LEU B N   1 
ATOM   868  C CA  . LEU B 1 52 ? -17.315 18.370  -1.203  1.00 24.64 ? 76  LEU B CA  1 
ATOM   869  C C   . LEU B 1 52 ? -17.260 18.064  0.283   1.00 25.36 ? 76  LEU B C   1 
ATOM   870  O O   . LEU B 1 52 ? -17.063 18.966  1.093   1.00 24.96 ? 76  LEU B O   1 
ATOM   871  C CB  . LEU B 1 52 ? -18.564 19.198  -1.546  1.00 25.65 ? 76  LEU B CB  1 
ATOM   872  C CG  . LEU B 1 52 ? -18.619 19.822  -2.926  1.00 30.21 ? 76  LEU B CG  1 
ATOM   873  C CD1 . LEU B 1 52 ? -20.065 20.272  -3.279  1.00 32.33 ? 76  LEU B CD1 1 
ATOM   874  C CD2 . LEU B 1 52 ? -17.638 20.954  -3.054  1.00 33.28 ? 76  LEU B CD2 1 
ATOM   875  N N   . SER B 1 53 ? -17.439 16.790  0.668   1.00 24.55 ? 77  SER B N   1 
ATOM   876  C CA  . SER B 1 53 ? -17.423 16.406  2.077   1.00 24.37 ? 77  SER B CA  1 
ATOM   877  C C   . SER B 1 53 ? -16.729 15.043  2.288   1.00 27.84 ? 77  SER B C   1 
ATOM   878  O O   . SER B 1 53 ? -17.355 14.106  2.771   1.00 28.82 ? 77  SER B O   1 
ATOM   879  C CB  . SER B 1 53 ? -18.851 16.385  2.634   1.00 30.51 ? 77  SER B CB  1 
ATOM   880  O OG  . SER B 1 53 ? -18.819 16.011  4.002   1.00 38.30 ? 77  SER B OG  1 
ATOM   881  N N   . PRO B 1 54 ? -15.442 14.914  1.907   1.00 23.78 ? 78  PRO B N   1 
ATOM   882  C CA  . PRO B 1 54 ? -14.751 13.612  2.037   1.00 23.33 ? 78  PRO B CA  1 
ATOM   883  C C   . PRO B 1 54 ? -14.626 13.203  3.484   1.00 27.16 ? 78  PRO B C   1 
ATOM   884  O O   . PRO B 1 54 ? -14.406 14.052  4.351   1.00 27.03 ? 78  PRO B O   1 
ATOM   885  C CB  . PRO B 1 54 ? -13.379 13.882  1.425   1.00 24.40 ? 78  PRO B CB  1 
ATOM   886  C CG  . PRO B 1 54 ? -13.177 15.349  1.568   1.00 28.43 ? 78  PRO B CG  1 
ATOM   887  C CD  . PRO B 1 54 ? -14.549 15.924  1.298   1.00 25.54 ? 78  PRO B CD  1 
ATOM   888  N N   . GLU B 1 55 ? -14.771 11.900  3.760   1.00 24.20 ? 79  GLU B N   1 
ATOM   889  C CA  . GLU B 1 55 ? -14.697 11.405  5.127   1.00 25.51 ? 79  GLU B CA  1 
ATOM   890  C C   . GLU B 1 55 ? -13.913 10.132  5.135   1.00 30.12 ? 79  GLU B C   1 
ATOM   891  O O   . GLU B 1 55 ? -14.144 9.280   4.286   1.00 31.11 ? 79  GLU B O   1 
ATOM   892  C CB  . GLU B 1 55 ? -16.126 11.092  5.632   1.00 28.63 ? 79  GLU B CB  1 
ATOM   893  C CG  . GLU B 1 55 ? -16.943 12.362  5.835   1.00 39.57 ? 79  GLU B CG  1 
ATOM   894  C CD  . GLU B 1 55 ? -18.439 12.228  6.029   1.00 60.06 ? 79  GLU B CD  1 
ATOM   895  O OE1 . GLU B 1 55 ? -18.926 11.088  6.216   1.00 46.04 ? 79  GLU B OE1 1 
ATOM   896  O OE2 . GLU B 1 55 ? -19.124 13.275  5.993   1.00 51.74 ? 79  GLU B OE2 1 
ATOM   897  N N   . ILE B 1 56 ? -12.999 10.012  6.086   1.00 28.18 ? 80  ILE B N   1 
ATOM   898  C CA  . ILE B 1 56 ? -12.208 8.807   6.275   1.00 27.98 ? 80  ILE B CA  1 
ATOM   899  C C   . ILE B 1 56 ? -12.767 8.102   7.495   1.00 34.83 ? 80  ILE B C   1 
ATOM   900  O O   . ILE B 1 56 ? -12.515 8.539   8.610   1.00 35.86 ? 80  ILE B O   1 
ATOM   901  C CB  . ILE B 1 56 ? -10.682 9.014   6.361   1.00 29.40 ? 80  ILE B CB  1 
ATOM   902  C CG1 . ILE B 1 56 ? -10.156 9.797   5.138   1.00 27.35 ? 80  ILE B CG1 1 
ATOM   903  C CG2 . ILE B 1 56 ? -10.022 7.614   6.453   1.00 30.22 ? 80  ILE B CG2 1 
ATOM   904  C CD1 . ILE B 1 56 ? -8.679  10.063  5.192   1.00 28.65 ? 80  ILE B CD1 1 
ATOM   905  N N   . PRO B 1 57 ? -13.566 7.047   7.279   1.00 33.49 ? 81  PRO B N   1 
ATOM   906  C CA  . PRO B 1 57 ? -14.129 6.308   8.416   1.00 34.85 ? 81  PRO B CA  1 
ATOM   907  C C   . PRO B 1 57 ? -13.038 5.766   9.311   1.00 41.03 ? 81  PRO B C   1 
ATOM   908  O O   . PRO B 1 57 ? -11.921 5.467   8.860   1.00 38.89 ? 81  PRO B O   1 
ATOM   909  C CB  . PRO B 1 57 ? -14.905 5.171   7.758   1.00 36.20 ? 81  PRO B CB  1 
ATOM   910  C CG  . PRO B 1 57 ? -15.158 5.614   6.355   1.00 39.99 ? 81  PRO B CG  1 
ATOM   911  C CD  . PRO B 1 57 ? -13.933 6.411   5.998   1.00 34.80 ? 81  PRO B CD  1 
ATOM   912  N N   . PHE B 1 58 ? -13.347 5.707   10.599  1.00 38.38 ? 82  PHE B N   1 
ATOM   913  C CA  . PHE B 1 58 ? -12.420 5.234   11.612  1.00 39.95 ? 82  PHE B CA  1 
ATOM   914  C C   . PHE B 1 58 ? -11.765 3.903   11.212  1.00 40.97 ? 82  PHE B C   1 
ATOM   915  O O   . PHE B 1 58 ? -12.450 2.975   10.796  1.00 38.66 ? 82  PHE B O   1 
ATOM   916  C CB  . PHE B 1 58 ? -13.131 5.118   12.970  1.00 43.28 ? 82  PHE B CB  1 
ATOM   917  C CG  . PHE B 1 58 ? -12.180 4.821   14.096  1.00 46.71 ? 82  PHE B CG  1 
ATOM   918  C CD1 . PHE B 1 58 ? -11.227 5.752   14.487  1.00 51.40 ? 82  PHE B CD1 1 
ATOM   919  C CD2 . PHE B 1 58 ? -12.224 3.602   14.758  1.00 50.35 ? 82  PHE B CD2 1 
ATOM   920  C CE1 . PHE B 1 58 ? -10.338 5.470   15.526  1.00 52.92 ? 82  PHE B CE1 1 
ATOM   921  C CE2 . PHE B 1 58 ? -11.343 3.324   15.802  1.00 53.43 ? 82  PHE B CE2 1 
ATOM   922  C CZ  . PHE B 1 58 ? -10.400 4.256   16.174  1.00 51.69 ? 82  PHE B CZ  1 
ATOM   923  N N   . GLY B 1 59 ? -10.441 3.880   11.271  1.00 38.25 ? 83  GLY B N   1 
ATOM   924  C CA  . GLY B 1 59 ? -9.628  2.720   10.914  1.00 38.25 ? 83  GLY B CA  1 
ATOM   925  C C   . GLY B 1 59 ? -9.482  2.423   9.437   1.00 40.37 ? 83  GLY B C   1 
ATOM   926  O O   . GLY B 1 59 ? -8.836  1.434   9.064   1.00 39.00 ? 83  GLY B O   1 
ATOM   927  N N   . GLU B 1 60 ? -10.074 3.266   8.579   1.00 33.30 ? 84  GLU B N   1 
ATOM   928  C CA  . GLU B 1 60 ? -9.987  3.017   7.149   1.00 31.48 ? 84  GLU B CA  1 
ATOM   929  C C   . GLU B 1 60 ? -8.930  3.868   6.494   1.00 30.99 ? 84  GLU B C   1 
ATOM   930  O O   . GLU B 1 60 ? -8.448  4.822   7.090   1.00 29.99 ? 84  GLU B O   1 
ATOM   931  C CB  . GLU B 1 60 ? -11.337 3.204   6.493   1.00 33.25 ? 84  GLU B CB  1 
ATOM   932  C CG  . GLU B 1 60 ? -12.351 2.180   6.985   1.00 46.45 ? 84  GLU B CG  1 
ATOM   933  C CD  . GLU B 1 60 ? -13.584 2.067   6.112   1.00 82.14 ? 84  GLU B CD  1 
ATOM   934  O OE1 . GLU B 1 60 ? -13.734 2.885   5.175   1.00 75.14 ? 84  GLU B OE1 1 
ATOM   935  O OE2 . GLU B 1 60 ? -14.405 1.155   6.365   1.00 87.87 ? 84  GLU B OE2 1 
ATOM   936  N N   . CYS B 1 61 ? -8.551  3.520   5.279   1.00 25.30 ? 85  CYS B N   1 
ATOM   937  C CA  . CYS B 1 61 ? -7.517  4.254   4.606   1.00 23.81 ? 85  CYS B CA  1 
ATOM   938  C C   . CYS B 1 61 ? -8.038  5.433   3.790   1.00 27.52 ? 85  CYS B C   1 
ATOM   939  O O   . CYS B 1 61 ? -7.550  6.549   3.918   1.00 29.95 ? 85  CYS B O   1 
ATOM   940  C CB  . CYS B 1 61 ? -6.714  3.295   3.728   1.00 23.75 ? 85  CYS B CB  1 
ATOM   941  S SG  . CYS B 1 61 ? -5.363  4.093   2.846   1.00 25.76 ? 85  CYS B SG  1 
ATOM   942  N N   . CYS B 1 62 ? -8.979  5.156   2.894   1.00 23.04 ? 86  CYS B N   1 
ATOM   943  C CA  . CYS B 1 62 ? -9.413  6.082   1.869   1.00 24.39 ? 86  CYS B CA  1 
ATOM   944  C C   . CYS B 1 62 ? -10.693 6.826   2.161   1.00 28.95 ? 86  CYS B C   1 
ATOM   945  O O   . CYS B 1 62 ? -11.635 6.275   2.702   1.00 29.52 ? 86  CYS B O   1 
ATOM   946  C CB  . CYS B 1 62 ? -9.508  5.371   0.526   1.00 25.37 ? 86  CYS B CB  1 
ATOM   947  S SG  . CYS B 1 62 ? -7.927  4.688   -0.038  1.00 29.53 ? 86  CYS B SG  1 
ATOM   948  N N   . PRO B 1 63 ? -10.736 8.098   1.746   1.00 27.13 ? 87  PRO B N   1 
ATOM   949  C CA  . PRO B 1 63 ? -11.970 8.861   1.929   1.00 28.11 ? 87  PRO B CA  1 
ATOM   950  C C   . PRO B 1 63 ? -13.042 8.365   0.983   1.00 31.24 ? 87  PRO B C   1 
ATOM   951  O O   . PRO B 1 63 ? -12.781 7.915   -0.150  1.00 30.36 ? 87  PRO B O   1 
ATOM   952  C CB  . PRO B 1 63 ? -11.562 10.291  1.562   1.00 29.65 ? 87  PRO B CB  1 
ATOM   953  C CG  . PRO B 1 63 ? -10.423 10.153  0.669   1.00 33.60 ? 87  PRO B CG  1 
ATOM   954  C CD  . PRO B 1 63 ? -9.695  8.899   1.082   1.00 28.82 ? 87  PRO B CD  1 
ATOM   955  N N   . ILE B 1 64 ? -14.243 8.511   1.440   1.00 30.35 ? 88  ILE B N   1 
ATOM   956  C CA  . ILE B 1 64 ? -15.432 8.206   0.686   1.00 32.17 ? 88  ILE B CA  1 
ATOM   957  C C   . ILE B 1 64 ? -16.241 9.490   0.687   1.00 33.00 ? 88  ILE B C   1 
ATOM   958  O O   . ILE B 1 64 ? -16.018 10.358  1.542   1.00 28.72 ? 88  ILE B O   1 
ATOM   959  C CB  . ILE B 1 64 ? -16.207 7.022   1.303   1.00 37.48 ? 88  ILE B CB  1 
ATOM   960  C CG1 . ILE B 1 64 ? -16.444 7.220   2.826   1.00 39.63 ? 88  ILE B CG1 1 
ATOM   961  C CG2 . ILE B 1 64 ? -15.468 5.702   0.988   1.00 39.21 ? 88  ILE B CG2 1 
ATOM   962  C CD1 . ILE B 1 64 ? -17.826 7.174   3.241   1.00 54.34 ? 88  ILE B CD1 1 
ATOM   963  N N   . CYS B 1 65 ? -17.174 9.588   -0.248  1.00 30.69 ? 89  CYS B N   1 
ATOM   964  C CA  . CYS B 1 65 ? -18.056 10.738  -0.324  1.00 30.68 ? 89  CYS B CA  1 
ATOM   965  C C   . CYS B 1 65 ? -19.433 10.311  0.223   1.00 42.10 ? 89  CYS B C   1 
ATOM   966  O O   . CYS B 1 65 ? -19.959 9.307   -0.250  1.00 43.44 ? 89  CYS B O   1 
ATOM   967  C CB  . CYS B 1 65 ? -18.147 11.237  -1.755  1.00 29.00 ? 89  CYS B CB  1 
ATOM   968  S SG  . CYS B 1 65 ? -18.610 12.978  -1.869  1.00 30.90 ? 89  CYS B SG  1 
ATOM   969  N N   . PRO B 1 66 ? -19.972 10.977  1.272   1.00 42.81 ? 90  PRO B N   1 
ATOM   970  C CA  . PRO B 1 66 ? -21.232 10.508  1.896   1.00 44.65 ? 90  PRO B CA  1 
ATOM   971  C C   . PRO B 1 66 ? -22.471 10.475  1.002   1.00 53.11 ? 90  PRO B C   1 
ATOM   972  O O   . PRO B 1 66 ? -23.425 9.755   1.311   1.00 54.11 ? 90  PRO B O   1 
ATOM   973  C CB  . PRO B 1 66 ? -21.425 11.462  3.076   1.00 45.99 ? 90  PRO B CB  1 
ATOM   974  C CG  . PRO B 1 66 ? -20.598 12.664  2.749   1.00 49.86 ? 90  PRO B CG  1 
ATOM   975  C CD  . PRO B 1 66 ? -19.422 12.137  2.000   1.00 45.12 ? 90  PRO B CD  1 
ATOM   976  N N   . THR B 1 67 ? -22.460 11.248  -0.092  1.00 51.37 ? 91  THR B N   1 
ATOM   977  C CA  . THR B 1 67 ? -23.551 11.325  -1.070  1.00 52.43 ? 91  THR B CA  1 
ATOM   978  C C   . THR B 1 67 ? -22.945 11.883  -2.356  1.00 56.39 ? 91  THR B C   1 
ATOM   979  O O   . THR B 1 67 ? -22.147 12.823  -2.282  1.00 55.12 ? 91  THR B O   1 
ATOM   980  C CB  . THR B 1 67 ? -24.677 12.244  -0.528  1.00 64.36 ? 91  THR B CB  1 
ATOM   981  O OG1 . THR B 1 67 ? -25.304 11.611  0.593   1.00 70.77 ? 91  THR B OG1 1 
ATOM   982  C CG2 . THR B 1 67 ? -25.719 12.568  -1.566  1.00 61.50 ? 91  THR B CG2 1 
ATOM   983  N N   . ASP B 1 68 ? -23.358 11.358  -3.531  1.00 52.93 ? 92  ASP B N   1 
ATOM   984  C CA  . ASP B 1 68 ? -22.848 11.860  -4.812  1.00 53.16 ? 92  ASP B CA  1 
ATOM   985  C C   . ASP B 1 68 ? -23.395 13.272  -5.169  1.00 57.92 ? 92  ASP B C   1 
ATOM   986  O O   . ASP B 1 68 ? -23.069 13.808  -6.235  1.00 58.10 ? 92  ASP B O   1 
ATOM   987  C CB  . ASP B 1 68 ? -23.076 10.840  -5.943  1.00 54.87 ? 92  ASP B CB  1 
ATOM   988  C CG  . ASP B 1 68 ? -24.453 10.865  -6.585  1.00 65.04 ? 92  ASP B CG  1 
ATOM   989  O OD1 . ASP B 1 68 ? -25.460 11.018  -5.844  1.00 64.87 ? 92  ASP B OD1 1 
ATOM   990  O OD2 . ASP B 1 68 ? -24.526 10.724  -7.824  1.00 69.39 ? 92  ASP B OD2 1 
ATOM   991  N N   . LEU B 1 69 ? -24.238 13.858  -4.288  1.00 54.85 ? 93  LEU B N   1 
ATOM   992  C CA  . LEU B 1 69 ? -24.761 15.215  -4.469  1.00 55.07 ? 93  LEU B CA  1 
ATOM   993  C C   . LEU B 1 69 ? -23.773 16.172  -3.844  1.00 58.47 ? 93  LEU B C   1 
ATOM   994  O O   . LEU B 1 69 ? -23.722 17.337  -4.244  1.00 58.61 ? 93  LEU B O   1 
ATOM   995  C CB  . LEU B 1 69 ? -26.148 15.415  -3.835  1.00 55.38 ? 93  LEU B CB  1 
ATOM   996  C CG  . LEU B 1 69 ? -27.296 14.543  -4.358  1.00 60.35 ? 93  LEU B CG  1 
ATOM   997  C CD1 . LEU B 1 69 ? -28.572 14.912  -3.662  1.00 60.47 ? 93  LEU B CD1 1 
ATOM   998  C CD2 . LEU B 1 69 ? -27.478 14.688  -5.867  1.00 63.18 ? 93  LEU B CD2 1 
ATOM   999  N N   . ALA B 1 70 ? -22.958 15.666  -2.878  1.00 53.45 ? 94  ALA B N   1 
ATOM   1000 C CA  . ALA B 1 70 ? -21.897 16.433  -2.213  1.00 51.86 ? 94  ALA B CA  1 
ATOM   1001 C C   . ALA B 1 70 ? -20.653 16.388  -3.104  1.00 54.41 ? 94  ALA B C   1 
ATOM   1002 O O   . ALA B 1 70 ? -19.602 15.931  -2.684  1.00 51.16 ? 94  ALA B O   1 
ATOM   1003 C CB  . ALA B 1 70 ? -21.594 15.845  -0.837  1.00 52.01 ? 94  ALA B CB  1 
ATOM   1004 N N   . THR B 1 71 ? -20.797 16.828  -4.362  1.00 52.87 ? 95  THR B N   1 
ATOM   1005 C CA  . THR B 1 71 ? -19.733 16.839  -5.368  1.00 73.54 ? 95  THR B CA  1 
ATOM   1006 C C   . THR B 1 71 ? -19.728 18.224  -6.004  1.00 92.07 ? 95  THR B C   1 
ATOM   1007 O O   . THR B 1 71 ? -19.018 18.482  -6.966  1.00 51.39 ? 95  THR B O   1 
ATOM   1008 C CB  . THR B 1 71 ? -19.971 15.730  -6.417  1.00 79.79 ? 95  THR B CB  1 
ATOM   1009 O OG1 . THR B 1 71 ? -21.228 15.964  -7.056  1.00 78.81 ? 95  THR B OG1 1 
ATOM   1010 C CG2 . THR B 1 71 ? -19.936 14.312  -5.821  1.00 78.27 ? 95  THR B CG2 1 
HETATM 1011 C C1  . EDO C 2 .  ? -7.953  14.211  -9.524  1.00 39.03 ? 101 EDO A C1  1 
HETATM 1012 O O1  . EDO C 2 .  ? -9.358  14.396  -9.729  1.00 34.48 ? 101 EDO A O1  1 
HETATM 1013 C C2  . EDO C 2 .  ? -7.097  15.263  -10.262 1.00 45.65 ? 101 EDO A C2  1 
HETATM 1014 O O2  . EDO C 2 .  ? -5.784  14.736  -10.479 1.00 49.10 ? 101 EDO A O2  1 
HETATM 1015 C C1  . EDO D 2 .  ? 14.521  -7.076  -8.412  1.00 55.89 ? 102 EDO A C1  1 
HETATM 1016 O O1  . EDO D 2 .  ? 15.457  -7.658  -9.311  1.00 58.43 ? 102 EDO A O1  1 
HETATM 1017 C C2  . EDO D 2 .  ? 14.616  -7.752  -7.023  1.00 52.03 ? 102 EDO A C2  1 
HETATM 1018 O O2  . EDO D 2 .  ? 14.106  -6.898  -6.006  1.00 43.63 ? 102 EDO A O2  1 
HETATM 1019 C C1  . EDO E 2 .  ? 10.954  -8.808  -5.553  1.00 65.11 ? 103 EDO A C1  1 
HETATM 1020 O O1  . EDO E 2 .  ? 10.445  -10.037 -5.059  1.00 66.28 ? 103 EDO A O1  1 
HETATM 1021 C C2  . EDO E 2 .  ? 10.995  -8.831  -7.102  1.00 64.46 ? 103 EDO A C2  1 
HETATM 1022 O O2  . EDO E 2 .  ? 9.695   -8.635  -7.635  1.00 63.94 ? 103 EDO A O2  1 
HETATM 1023 C C1  . EDO F 2 .  ? 7.091   -11.517 -9.070  1.00 66.99 ? 104 EDO A C1  1 
HETATM 1024 O O1  . EDO F 2 .  ? 8.265   -10.862 -8.622  1.00 66.60 ? 104 EDO A O1  1 
HETATM 1025 C C2  . EDO F 2 .  ? 6.917   -12.847 -8.299  1.00 67.65 ? 104 EDO A C2  1 
HETATM 1026 O O2  . EDO F 2 .  ? 6.625   -12.574 -6.936  1.00 67.51 ? 104 EDO A O2  1 
HETATM 1027 C C1  . EDO G 2 .  ? 28.295  -3.526  -2.342  1.00 71.56 ? 105 EDO A C1  1 
HETATM 1028 O O1  . EDO G 2 .  ? 28.450  -2.154  -2.627  1.00 69.15 ? 105 EDO A O1  1 
HETATM 1029 C C2  . EDO G 2 .  ? 26.877  -3.725  -1.800  1.00 71.43 ? 105 EDO A C2  1 
HETATM 1030 O O2  . EDO G 2 .  ? 25.936  -3.230  -2.736  1.00 67.95 ? 105 EDO A O2  1 
HETATM 1031 C C1  . EDO H 2 .  ? -5.495  -0.021  -11.655 1.00 53.78 ? 106 EDO A C1  1 
HETATM 1032 O O1  . EDO H 2 .  ? -4.243  -0.096  -10.985 1.00 47.38 ? 106 EDO A O1  1 
HETATM 1033 C C2  . EDO H 2 .  ? -6.560  0.313   -10.607 1.00 55.71 ? 106 EDO A C2  1 
HETATM 1034 O O2  . EDO H 2 .  ? -6.736  -0.783  -9.729  1.00 56.23 ? 106 EDO A O2  1 
HETATM 1035 C C1  . EDO I 2 .  ? -7.553  18.582  -11.080 1.00 74.02 ? 107 EDO A C1  1 
HETATM 1036 O O1  . EDO I 2 .  ? -7.192  17.899  -12.278 1.00 73.17 ? 107 EDO A O1  1 
HETATM 1037 C C2  . EDO I 2 .  ? -7.058  20.030  -11.096 1.00 72.57 ? 107 EDO A C2  1 
HETATM 1038 O O2  . EDO I 2 .  ? -7.402  20.626  -12.333 1.00 69.70 ? 107 EDO A O2  1 
HETATM 1039 C C1  . PEG J 3 .  ? 12.300  -6.177  -12.819 1.00 70.06 ? 108 PEG A C1  1 
HETATM 1040 O O1  . PEG J 3 .  ? 12.165  -7.482  -12.241 1.00 71.32 ? 108 PEG A O1  1 
HETATM 1041 C C2  . PEG J 3 .  ? 11.278  -5.996  -13.932 1.00 68.78 ? 108 PEG A C2  1 
HETATM 1042 O O2  . PEG J 3 .  ? 10.886  -4.626  -13.990 1.00 67.66 ? 108 PEG A O2  1 
HETATM 1043 C C3  . PEG J 3 .  ? 9.580   -4.463  -14.547 1.00 65.57 ? 108 PEG A C3  1 
HETATM 1044 C C4  . PEG J 3 .  ? 8.954   -3.162  -14.052 1.00 63.30 ? 108 PEG A C4  1 
HETATM 1045 O O4  . PEG J 3 .  ? 8.228   -2.533  -15.113 1.00 63.37 ? 108 PEG A O4  1 
HETATM 1046 C C1  . PEG K 3 .  ? -14.886 24.893  -16.465 1.00 67.66 ? 109 PEG A C1  1 
HETATM 1047 O O1  . PEG K 3 .  ? -15.756 24.027  -17.203 1.00 68.33 ? 109 PEG A O1  1 
HETATM 1048 C C2  . PEG K 3 .  ? -13.785 24.076  -15.793 1.00 65.74 ? 109 PEG A C2  1 
HETATM 1049 O O2  . PEG K 3 .  ? -12.641 24.066  -16.641 1.00 65.33 ? 109 PEG A O2  1 
HETATM 1050 C C3  . PEG K 3 .  ? -11.420 24.093  -15.905 1.00 63.09 ? 109 PEG A C3  1 
HETATM 1051 C C4  . PEG K 3 .  ? -10.365 23.241  -16.592 1.00 62.55 ? 109 PEG A C4  1 
HETATM 1052 O O4  . PEG K 3 .  ? -9.214  23.155  -15.750 1.00 62.81 ? 109 PEG A O4  1 
HETATM 1053 O O1  . PG4 L 4 .  ? 0.581   5.242   -7.354  1.00 26.02 ? 110 PG4 A O1  1 
HETATM 1054 C C1  . PG4 L 4 .  ? 1.427   4.487   -6.492  1.00 34.14 ? 110 PG4 A C1  1 
HETATM 1055 C C2  . PG4 L 4 .  ? 2.859   4.499   -7.029  1.00 40.25 ? 110 PG4 A C2  1 
HETATM 1056 O O2  . PG4 L 4 .  ? 3.726   3.848   -6.107  1.00 52.20 ? 110 PG4 A O2  1 
HETATM 1057 C C3  . PG4 L 4 .  ? 4.182   4.742   -5.083  1.00 57.28 ? 110 PG4 A C3  1 
HETATM 1058 C C4  . PG4 L 4 .  ? 4.841   3.973   -3.942  1.00 61.38 ? 110 PG4 A C4  1 
HETATM 1059 O O3  . PG4 L 4 .  ? 4.749   4.712   -2.720  1.00 65.46 ? 110 PG4 A O3  1 
HETATM 1060 C C5  . PG4 L 4 .  ? 3.646   4.267   -1.922  1.00 67.36 ? 110 PG4 A C5  1 
HETATM 1061 C C6  . PG4 L 4 .  ? 3.939   4.399   -0.434  1.00 67.90 ? 110 PG4 A C6  1 
HETATM 1062 O O4  . PG4 L 4 .  ? 2.936   3.690   0.300   1.00 67.56 ? 110 PG4 A O4  1 
HETATM 1063 C C7  . PG4 L 4 .  ? 2.489   4.424   1.443   1.00 65.65 ? 110 PG4 A C7  1 
HETATM 1064 C C8  . PG4 L 4 .  ? 1.287   3.725   2.068   1.00 64.72 ? 110 PG4 A C8  1 
HETATM 1065 O O5  . PG4 L 4 .  ? 0.042   4.278   1.634   1.00 61.74 ? 110 PG4 A O5  1 
HETATM 1066 O O1  A PG4 M 4 .  ? 1.956   3.004   -16.893 0.50 52.00 ? 111 PG4 A O1  1 
HETATM 1067 O O1  B PG4 M 4 .  ? 2.098   0.300   -13.098 0.50 22.85 ? 111 PG4 A O1  1 
HETATM 1068 C C1  A PG4 M 4 .  ? 2.558   2.956   -15.600 0.50 51.81 ? 111 PG4 A C1  1 
HETATM 1069 C C1  B PG4 M 4 .  ? 2.479   1.396   -13.957 0.50 32.41 ? 111 PG4 A C1  1 
HETATM 1070 C C2  A PG4 M 4 .  ? 3.375   1.682   -15.484 0.50 52.60 ? 111 PG4 A C2  1 
HETATM 1071 C C2  B PG4 M 4 .  ? 3.360   0.988   -15.127 0.50 39.87 ? 111 PG4 A C2  1 
HETATM 1072 O O2  A PG4 M 4 .  ? 4.769   1.975   -15.539 0.50 53.59 ? 111 PG4 A O2  1 
HETATM 1073 O O2  B PG4 M 4 .  ? 4.185   2.105   -15.478 0.50 44.46 ? 111 PG4 A O2  1 
HETATM 1074 C C3  A PG4 M 4 .  ? 5.525   0.803   -15.853 0.50 53.20 ? 111 PG4 A C3  1 
HETATM 1075 C C3  B PG4 M 4 .  ? 5.001   1.867   -16.629 0.50 48.32 ? 111 PG4 A C3  1 
HETATM 1076 C C4  A PG4 M 4 .  ? 6.831   1.206   -16.533 0.50 53.39 ? 111 PG4 A C4  1 
HETATM 1077 C C4  B PG4 M 4 .  ? 6.351   1.245   -16.262 0.50 50.02 ? 111 PG4 A C4  1 
HETATM 1078 O O3  A PG4 M 4 .  ? 7.927   1.041   -15.634 0.50 51.56 ? 111 PG4 A O3  1 
HETATM 1079 O O3  B PG4 M 4 .  ? 7.119   2.119   -15.437 0.50 49.67 ? 111 PG4 A O3  1 
HETATM 1080 C C5  A PG4 M 4 .  ? 8.532   2.293   -15.302 0.50 50.14 ? 111 PG4 A C5  1 
HETATM 1081 C C5  B PG4 M 4 .  ? 8.089   1.388   -14.688 0.50 50.67 ? 111 PG4 A C5  1 
HETATM 1082 C C6  A PG4 M 4 .  ? 9.656   2.072   -14.291 0.50 47.29 ? 111 PG4 A C6  1 
HETATM 1083 C C6  B PG4 M 4 .  ? 9.330   2.241   -14.407 0.50 50.32 ? 111 PG4 A C6  1 
HETATM 1084 O O4  A PG4 M 4 .  ? 9.228   2.401   -12.967 0.50 43.16 ? 111 PG4 A O4  1 
HETATM 1085 O O4  B PG4 M 4 .  ? 9.256   2.895   -13.136 0.50 48.74 ? 111 PG4 A O4  1 
HETATM 1086 C C7  A PG4 M 4 .  ? 8.629   1.294   -12.293 0.50 38.54 ? 111 PG4 A C7  1 
HETATM 1087 C C7  B PG4 M 4 .  ? 9.765   2.126   -12.041 0.50 45.58 ? 111 PG4 A C7  1 
HETATM 1088 C C8  A PG4 M 4 .  ? 9.260   1.049   -10.927 0.50 33.62 ? 111 PG4 A C8  1 
HETATM 1089 C C8  B PG4 M 4 .  ? 8.673   1.947   -10.987 0.50 40.93 ? 111 PG4 A C8  1 
HETATM 1090 O O5  A PG4 M 4 .  ? 9.410   -0.361  -10.734 0.50 25.17 ? 111 PG4 A O5  1 
HETATM 1091 O O5  B PG4 M 4 .  ? 8.438   3.193   -10.327 0.50 38.73 ? 111 PG4 A O5  1 
HETATM 1092 O O1  . PG4 N 4 .  ? 3.780   -8.516  0.798   1.00 43.28 ? 112 PG4 A O1  1 
HETATM 1093 C C1  . PG4 N 4 .  ? 3.388   -9.087  -0.460  1.00 46.62 ? 112 PG4 A C1  1 
HETATM 1094 C C2  . PG4 N 4 .  ? 4.599   -9.171  -1.381  1.00 47.39 ? 112 PG4 A C2  1 
HETATM 1095 O O2  . PG4 N 4 .  ? 5.519   -10.159 -0.930  1.00 50.35 ? 112 PG4 A O2  1 
HETATM 1096 C C3  . PG4 N 4 .  ? 6.861   -9.988  -1.426  1.00 53.08 ? 112 PG4 A C3  1 
HETATM 1097 C C4  . PG4 N 4 .  ? 7.861   -10.766 -0.558  1.00 55.56 ? 112 PG4 A C4  1 
HETATM 1098 O O3  . PG4 N 4 .  ? 8.468   -9.924  0.443   1.00 56.93 ? 112 PG4 A O3  1 
HETATM 1099 C C5  . PG4 N 4 .  ? 8.840   -10.611 1.649   1.00 53.93 ? 112 PG4 A C5  1 
HETATM 1100 C C6  . PG4 N 4 .  ? 9.083   -9.621  2.790   1.00 51.60 ? 112 PG4 A C6  1 
HETATM 1101 O O4  . PG4 N 4 .  ? 7.892   -9.333  3.529   1.00 49.17 ? 112 PG4 A O4  1 
HETATM 1102 C C7  . PG4 N 4 .  ? 7.777   -7.973  3.982   1.00 44.21 ? 112 PG4 A C7  1 
HETATM 1103 C C8  . PG4 N 4 .  ? 6.363   -7.644  4.492   1.00 41.90 ? 112 PG4 A C8  1 
HETATM 1104 O O5  . PG4 N 4 .  ? 5.391   -7.569  3.424   1.00 37.41 ? 112 PG4 A O5  1 
HETATM 1105 O O22 . P33 O 5 .  ? -0.313  7.025   -9.193  1.00 63.58 ? 101 P33 B O22 1 
HETATM 1106 C C21 . P33 O 5 .  ? -1.356  7.848   -8.665  1.00 63.25 ? 101 P33 B C21 1 
HETATM 1107 C C20 . P33 O 5 .  ? -1.410  7.714   -7.154  1.00 62.96 ? 101 P33 B C20 1 
HETATM 1108 O O19 . P33 O 5 .  ? -2.642  8.273   -6.704  1.00 63.62 ? 101 P33 B O19 1 
HETATM 1109 C C18 . P33 O 5 .  ? -2.721  8.262   -5.289  1.00 62.22 ? 101 P33 B C18 1 
HETATM 1110 C C17 . P33 O 5 .  ? -3.132  9.599   -4.681  1.00 63.40 ? 101 P33 B C17 1 
HETATM 1111 O O16 . P33 O 5 .  ? -3.640  9.430   -3.346  1.00 64.76 ? 101 P33 B O16 1 
HETATM 1112 C C15 . P33 O 5 .  ? -2.621  8.929   -2.479  1.00 60.34 ? 101 P33 B C15 1 
HETATM 1113 C C14 . P33 O 5 .  ? -3.248  8.480   -1.190  1.00 56.26 ? 101 P33 B C14 1 
HETATM 1114 O O13 . P33 O 5 .  ? -3.239  7.069   -0.941  1.00 47.68 ? 101 P33 B O13 1 
HETATM 1115 C C12 . P33 O 5 .  ? -2.369  6.692   0.129   1.00 53.03 ? 101 P33 B C12 1 
HETATM 1116 C C11 . P33 O 5 .  ? -3.047  6.804   1.484   1.00 55.85 ? 101 P33 B C11 1 
HETATM 1117 O O10 . P33 O 5 .  ? -3.301  8.170   1.810   1.00 59.86 ? 101 P33 B O10 1 
HETATM 1118 C C9  . P33 O 5 .  ? -4.688  8.496   1.669   1.00 61.53 ? 101 P33 B C9  1 
HETATM 1119 C C8  . P33 O 5 .  ? -4.932  9.952   2.052   1.00 63.02 ? 101 P33 B C8  1 
HETATM 1120 O O7  . P33 O 5 .  ? -5.894  10.623  1.240   1.00 64.69 ? 101 P33 B O7  1 
HETATM 1121 C C6  . P33 O 5 .  ? -5.684  10.426  -0.153  1.00 64.34 ? 101 P33 B C6  1 
HETATM 1122 C C5  . P33 O 5 .  ? -6.987  10.577  -0.890  1.00 63.46 ? 101 P33 B C5  1 
HETATM 1123 O O4  . P33 O 5 .  ? -6.688  10.604  -2.287  1.00 67.83 ? 101 P33 B O4  1 
HETATM 1124 C C3  . P33 O 5 .  ? -7.539  11.499  -3.004  1.00 68.59 ? 101 P33 B C3  1 
HETATM 1125 C C2  . P33 O 5 .  ? -8.998  11.123  -2.774  1.00 70.53 ? 101 P33 B C2  1 
HETATM 1126 O O1  . P33 O 5 .  ? -9.177  9.738   -3.076  1.00 69.85 ? 101 P33 B O1  1 
HETATM 1127 C C1  . EDO P 2 .  ? 7.772   -7.403  8.226   1.00 46.60 ? 102 EDO B C1  1 
HETATM 1128 O O1  . EDO P 2 .  ? 8.716   -7.124  9.236   1.00 50.32 ? 102 EDO B O1  1 
HETATM 1129 C C2  . EDO P 2 .  ? 7.281   -6.053  7.684   1.00 42.29 ? 102 EDO B C2  1 
HETATM 1130 O O2  . EDO P 2 .  ? 6.546   -5.415  8.690   1.00 41.57 ? 102 EDO B O2  1 
HETATM 1131 C C1  . PEG Q 3 .  ? 9.298   -2.978  5.948   1.00 52.74 ? 103 PEG B C1  1 
HETATM 1132 O O1  . PEG Q 3 .  ? 8.965   -2.234  7.123   1.00 56.88 ? 103 PEG B O1  1 
HETATM 1133 C C2  . PEG Q 3 .  ? 8.217   -2.797  4.895   1.00 48.62 ? 103 PEG B C2  1 
HETATM 1134 O O2  . PEG Q 3 .  ? 8.791   -2.604  3.613   1.00 46.44 ? 103 PEG B O2  1 
HETATM 1135 C C3  . PEG Q 3 .  ? 8.386   -1.361  3.033   1.00 44.65 ? 103 PEG B C3  1 
HETATM 1136 C C4  . PEG Q 3 .  ? 9.492   -0.763  2.178   1.00 45.38 ? 103 PEG B C4  1 
HETATM 1137 O O4  . PEG Q 3 .  ? 9.724   0.602   2.553   1.00 47.97 ? 103 PEG B O4  1 
HETATM 1138 C C1  . PEG R 3 .  ? -12.329 12.296  -1.988  1.00 48.28 ? 104 PEG B C1  1 
HETATM 1139 O O1  . PEG R 3 .  ? -12.376 13.055  -3.203  1.00 53.77 ? 104 PEG B O1  1 
HETATM 1140 C C2  . PEG R 3 .  ? -13.616 11.509  -1.758  1.00 48.11 ? 104 PEG B C2  1 
HETATM 1141 O O2  . PEG R 3 .  ? -13.795 10.465  -2.717  1.00 50.43 ? 104 PEG B O2  1 
HETATM 1142 C C3  . PEG R 3 .  ? -14.874 10.767  -3.595  1.00 50.31 ? 104 PEG B C3  1 
HETATM 1143 C C4  . PEG R 3 .  ? -15.467 9.528   -4.237  1.00 53.21 ? 104 PEG B C4  1 
HETATM 1144 O O4  . PEG R 3 .  ? -16.316 10.005  -5.289  1.00 55.17 ? 104 PEG B O4  1 
HETATM 1145 C C1  . PEG S 3 .  ? -9.984  1.042   4.016   1.00 45.75 ? 105 PEG B C1  1 
HETATM 1146 O O1  . PEG S 3 .  ? -10.136 1.886   2.852   1.00 42.03 ? 105 PEG B O1  1 
HETATM 1147 C C2  . PEG S 3 .  ? -9.100  -0.176  3.840   1.00 50.36 ? 105 PEG B C2  1 
HETATM 1148 O O2  . PEG S 3 .  ? -9.373  -1.088  4.920   1.00 55.11 ? 105 PEG B O2  1 
HETATM 1149 C C3  . PEG S 3 .  ? -9.148  -2.449  4.562   1.00 57.76 ? 105 PEG B C3  1 
HETATM 1150 C C4  . PEG S 3 .  ? -10.480 -3.190  4.539   1.00 61.33 ? 105 PEG B C4  1 
HETATM 1151 O O4  . PEG S 3 .  ? -10.254 -4.548  4.142   1.00 62.96 ? 105 PEG B O4  1 
HETATM 1152 C C1  . PEG T 3 .  ? 5.279   1.550   2.942   1.00 60.18 ? 106 PEG B C1  1 
HETATM 1153 O O1  . PEG T 3 .  ? 5.286   2.898   2.463   1.00 61.46 ? 106 PEG B O1  1 
HETATM 1154 C C2  . PEG T 3 .  ? 6.271   1.401   4.085   1.00 60.84 ? 106 PEG B C2  1 
HETATM 1155 O O2  . PEG T 3 .  ? 5.570   1.204   5.311   1.00 62.08 ? 106 PEG B O2  1 
HETATM 1156 C C3  . PEG T 3 .  ? 6.027   0.056   6.023   1.00 61.77 ? 106 PEG B C3  1 
HETATM 1157 C C4  . PEG T 3 .  ? 6.587   0.462   7.381   1.00 62.24 ? 106 PEG B C4  1 
HETATM 1158 O O4  . PEG T 3 .  ? 5.569   1.128   8.138   1.00 63.04 ? 106 PEG B O4  1 
HETATM 1159 C C1  . PEG U 3 .  ? 3.361   -1.701  14.327  1.00 69.65 ? 107 PEG B C1  1 
HETATM 1160 O O1  . PEG U 3 .  ? 3.259   -2.470  15.532  1.00 71.55 ? 107 PEG B O1  1 
HETATM 1161 C C2  . PEG U 3 .  ? 4.271   -2.439  13.350  1.00 66.58 ? 107 PEG B C2  1 
HETATM 1162 O O2  . PEG U 3 .  ? 5.067   -1.499  12.625  1.00 63.37 ? 107 PEG B O2  1 
HETATM 1163 C C3  . PEG U 3 .  ? 5.121   -1.747  11.215  1.00 57.29 ? 107 PEG B C3  1 
HETATM 1164 C C4  . PEG U 3 .  ? 3.774   -1.354  10.619  1.00 50.45 ? 107 PEG B C4  1 
HETATM 1165 O O4  . PEG U 3 .  ? 3.863   -0.685  9.371   1.00 43.94 ? 107 PEG B O4  1 
HETATM 1166 O O1  A PG4 V 4 .  ? -7.670  -0.087  10.771  0.50 44.21 ? 108 PG4 B O1  1 
HETATM 1167 O O1  B PG4 V 4 .  ? -4.545  0.528   12.082  0.50 42.60 ? 108 PG4 B O1  1 
HETATM 1168 C C1  A PG4 V 4 .  ? -6.469  0.410   11.359  0.50 49.05 ? 108 PG4 B C1  1 
HETATM 1169 C C1  B PG4 V 4 .  ? -5.831  0.438   11.458  0.50 47.40 ? 108 PG4 B C1  1 
HETATM 1170 C C2  A PG4 V 4 .  ? -6.759  0.711   12.818  0.50 53.21 ? 108 PG4 B C2  1 
HETATM 1171 C C2  B PG4 V 4 .  ? -6.941  0.632   12.479  0.50 52.20 ? 108 PG4 B C2  1 
HETATM 1172 O O2  A PG4 V 4 .  ? -7.314  2.015   12.908  0.50 56.09 ? 108 PG4 B O2  1 
HETATM 1173 O O2  B PG4 V 4 .  ? -7.163  2.021   12.680  0.50 55.65 ? 108 PG4 B O2  1 
HETATM 1174 C C3  A PG4 V 4 .  ? -7.278  2.519   14.237  0.50 58.01 ? 108 PG4 B C3  1 
HETATM 1175 C C3  B PG4 V 4 .  ? -7.257  2.371   14.056  0.50 57.99 ? 108 PG4 B C3  1 
HETATM 1176 C C4  A PG4 V 4 .  ? -6.547  3.853   14.220  0.50 60.10 ? 108 PG4 B C4  1 
HETATM 1177 C C4  B PG4 V 4 .  ? -6.669  3.764   14.216  0.50 60.21 ? 108 PG4 B C4  1 
HETATM 1178 O O3  A PG4 V 4 .  ? -7.248  4.717   13.341  0.50 60.78 ? 108 PG4 B O3  1 
HETATM 1179 O O3  B PG4 V 4 .  ? -7.261  4.635   13.257  0.50 60.83 ? 108 PG4 B O3  1 
HETATM 1180 C C5  A PG4 V 4 .  ? -6.390  5.723   12.828  0.50 62.32 ? 108 PG4 B C5  1 
HETATM 1181 C C5  B PG4 V 4 .  ? -6.444  5.779   13.054  0.50 62.26 ? 108 PG4 B C5  1 
HETATM 1182 C C6  A PG4 V 4 .  ? -7.237  6.791   12.171  0.50 63.23 ? 108 PG4 B C6  1 
HETATM 1183 C C6  B PG4 V 4 .  ? -7.024  6.714   12.006  0.50 62.96 ? 108 PG4 B C6  1 
HETATM 1184 O O4  A PG4 V 4 .  ? -8.358  6.202   11.513  0.50 63.86 ? 108 PG4 B O4  1 
HETATM 1185 O O4  B PG4 V 4 .  ? -8.441  6.573   11.868  0.50 63.37 ? 108 PG4 B O4  1 
HETATM 1186 C C7  A PG4 V 4 .  ? -8.619  6.854   10.278  0.50 63.52 ? 108 PG4 B C7  1 
HETATM 1187 C C7  B PG4 V 4 .  ? -8.979  7.478   10.910  0.50 62.78 ? 108 PG4 B C7  1 
HETATM 1188 C C8  A PG4 V 4 .  ? -9.174  8.239   10.567  0.50 63.26 ? 108 PG4 B C8  1 
HETATM 1189 C C8  B PG4 V 4 .  ? -8.924  6.842   9.530   0.50 62.80 ? 108 PG4 B C8  1 
HETATM 1190 O O5  A PG4 V 4 .  ? -10.596 8.173   10.525  0.50 62.98 ? 108 PG4 B O5  1 
HETATM 1191 O O5  B PG4 V 4 .  ? -7.573  6.553   9.140   0.50 61.92 ? 108 PG4 B O5  1 
HETATM 1192 O O1  . PG4 W 4 .  ? 11.418  -8.547  18.270  1.00 72.16 ? 109 PG4 B O1  1 
HETATM 1193 C C1  . PG4 W 4 .  ? 11.870  -8.753  16.931  1.00 72.50 ? 109 PG4 B C1  1 
HETATM 1194 C C2  . PG4 W 4 .  ? 11.347  -7.615  16.065  1.00 73.46 ? 109 PG4 B C2  1 
HETATM 1195 O O2  . PG4 W 4 .  ? 10.520  -8.146  15.029  1.00 73.81 ? 109 PG4 B O2  1 
HETATM 1196 C C3  . PG4 W 4 .  ? 10.992  -7.816  13.719  1.00 74.53 ? 109 PG4 B C3  1 
HETATM 1197 C C4  . PG4 W 4 .  ? 11.624  -9.046  13.068  1.00 75.69 ? 109 PG4 B C4  1 
HETATM 1198 O O3  . PG4 W 4 .  ? 11.163  -9.193  11.725  1.00 76.27 ? 109 PG4 B O3  1 
HETATM 1199 C C5  . PG4 W 4 .  ? 12.001  -10.070 10.971  1.00 76.23 ? 109 PG4 B C5  1 
HETATM 1200 C C6  . PG4 W 4 .  ? 12.509  -9.371  9.709   1.00 75.85 ? 109 PG4 B C6  1 
HETATM 1201 O O4  . PG4 W 4 .  ? 13.548  -8.443  10.034  1.00 75.79 ? 109 PG4 B O4  1 
HETATM 1202 C C7  . PG4 W 4 .  ? 14.828  -8.884  9.572   1.00 74.87 ? 109 PG4 B C7  1 
HETATM 1203 C C8  . PG4 W 4 .  ? 15.946  -8.154  10.306  1.00 73.86 ? 109 PG4 B C8  1 
HETATM 1204 O O5  . PG4 W 4 .  ? 17.109  -8.987  10.341  1.00 74.31 ? 109 PG4 B O5  1 
HETATM 1205 O O1  . PG4 X 4 .  ? 12.442  -17.832 4.374   1.00 81.82 ? 110 PG4 B O1  1 
HETATM 1206 C C1  . PG4 X 4 .  ? 11.351  -18.015 3.464   1.00 81.91 ? 110 PG4 B C1  1 
HETATM 1207 C C2  . PG4 X 4 .  ? 10.949  -16.670 2.865   1.00 81.30 ? 110 PG4 B C2  1 
HETATM 1208 O O2  . PG4 X 4 .  ? 10.522  -15.794 3.910   1.00 80.25 ? 110 PG4 B O2  1 
HETATM 1209 C C3  . PG4 X 4 .  ? 11.139  -14.505 3.841   1.00 77.17 ? 110 PG4 B C3  1 
HETATM 1210 C C4  . PG4 X 4 .  ? 11.271  -13.947 5.256   1.00 73.80 ? 110 PG4 B C4  1 
HETATM 1211 O O3  . PG4 X 4 .  ? 11.139  -12.521 5.272   1.00 70.09 ? 110 PG4 B O3  1 
HETATM 1212 C C5  . PG4 X 4 .  ? 9.879   -12.071 5.788   1.00 64.36 ? 110 PG4 B C5  1 
HETATM 1213 C C6  . PG4 X 4 .  ? 10.027  -11.414 7.166   1.00 59.46 ? 110 PG4 B C6  1 
HETATM 1214 O O4  . PG4 X 4 .  ? 8.770   -11.320 7.870   1.00 52.96 ? 110 PG4 B O4  1 
HETATM 1215 C C7  . PG4 X 4 .  ? 8.384   -12.526 8.531   1.00 48.77 ? 110 PG4 B C7  1 
HETATM 1216 C C8  . PG4 X 4 .  ? 8.597   -12.521 10.048  1.00 48.29 ? 110 PG4 B C8  1 
HETATM 1217 O O5  . PG4 X 4 .  ? 7.737   -13.518 10.634  1.00 43.89 ? 110 PG4 B O5  1 
HETATM 1218 O O   . HOH Y 6 .  ? 6.047   -9.409  1.592   1.00 46.91 ? 201 HOH A O   1 
HETATM 1219 O O   . HOH Y 6 .  ? -14.784 22.936  -8.016  1.00 46.82 ? 202 HOH A O   1 
HETATM 1220 O O   . HOH Y 6 .  ? -0.432  3.526   -18.047 1.00 38.80 ? 203 HOH A O   1 
HETATM 1221 O O   . HOH Y 6 .  ? 21.188  -2.668  9.598   1.00 57.51 ? 204 HOH A O   1 
HETATM 1222 O O   . HOH Y 6 .  ? 25.324  -2.812  3.146   1.00 38.60 ? 205 HOH A O   1 
HETATM 1223 O O   . HOH Y 6 .  ? -14.863 10.546  -14.721 1.00 46.73 ? 206 HOH A O   1 
HETATM 1224 O O   . HOH Y 6 .  ? 16.090  -11.635 2.154   1.00 48.33 ? 207 HOH A O   1 
HETATM 1225 O O   . HOH Z 6 .  ? -16.632 18.002  -6.526  1.00 69.23 ? 201 HOH B O   1 
HETATM 1226 O O   . HOH Z 6 .  ? 2.729   -4.976  14.636  1.00 37.97 ? 202 HOH B O   1 
HETATM 1227 O O   . HOH Z 6 .  ? 0.650   -16.377 18.792  1.00 47.96 ? 203 HOH B O   1 
HETATM 1228 O O   . HOH Z 6 .  ? -12.716 3.677   2.807   1.00 46.64 ? 204 HOH B O   1 
HETATM 1229 O O   . HOH Z 6 .  ? -11.439 4.208   -11.387 1.00 46.00 ? 205 HOH B O   1 
HETATM 1230 O O   . HOH Z 6 .  ? 0.494   -19.779 14.822  1.00 40.99 ? 206 HOH B O   1 
HETATM 1231 O O   . HOH Z 6 .  ? -10.749 10.755  9.661   1.00 39.72 ? 207 HOH B O   1 
HETATM 1232 O O   . HOH Z 6 .  ? 1.594   -19.253 0.684   1.00 53.15 ? 208 HOH B O   1 
HETATM 1233 O O   . HOH Z 6 .  ? -8.019  -14.199 10.377  1.00 50.40 ? 209 HOH B O   1 
# 
